data_2K5D
#
_entry.id   2K5D
#
_entity_poly.entity_id   1
_entity_poly.type   'polypeptide(L)'
_entity_poly.pdbx_seq_one_letter_code
;MMRLANGIVLDKDTTFGELKFSALRREVRIQNEDGSVSDEIKERTYDLKSKGQGRMIQVSIPASVPLKEFDYNARVELIN
PIADTVATATYQGADVDWYIKADDIVLTLEHHHHHH
;
_entity_poly.pdbx_strand_id   A
#
# COMPACT_ATOMS: atom_id res chain seq x y z
N MET A 1 38.82 -15.46 -12.40
CA MET A 1 38.69 -16.32 -11.19
C MET A 1 38.16 -15.52 -9.99
N MET A 2 36.90 -15.73 -9.66
CA MET A 2 36.26 -15.14 -8.48
C MET A 2 34.91 -15.81 -8.23
N ARG A 3 34.58 -16.09 -6.98
CA ARG A 3 33.34 -16.79 -6.64
C ARG A 3 32.18 -15.80 -6.40
N LEU A 4 31.12 -15.96 -7.17
CA LEU A 4 29.92 -15.13 -7.03
C LEU A 4 28.84 -15.86 -6.22
N ALA A 5 28.26 -15.15 -5.25
CA ALA A 5 27.19 -15.71 -4.41
C ALA A 5 25.98 -16.17 -5.25
N ASN A 6 25.65 -17.46 -5.18
CA ASN A 6 24.55 -18.02 -5.96
C ASN A 6 23.19 -17.85 -5.24
N GLY A 7 23.23 -17.29 -4.04
CA GLY A 7 22.02 -17.07 -3.28
C GLY A 7 22.12 -15.89 -2.33
N ILE A 8 21.44 -15.98 -1.18
CA ILE A 8 21.45 -14.90 -0.19
C ILE A 8 22.28 -15.27 1.05
N VAL A 9 22.92 -14.28 1.65
CA VAL A 9 23.69 -14.49 2.88
C VAL A 9 22.75 -14.71 4.08
N LEU A 10 21.84 -13.76 4.28
CA LEU A 10 20.82 -13.86 5.34
C LEU A 10 19.42 -13.57 4.78
N ASP A 11 18.40 -13.86 5.56
CA ASP A 11 17.01 -13.58 5.17
C ASP A 11 16.45 -12.39 5.96
N LYS A 12 15.55 -11.62 5.36
CA LYS A 12 14.90 -10.49 6.05
C LYS A 12 13.38 -10.60 5.99
N ASP A 13 12.70 -10.17 7.06
CA ASP A 13 11.23 -10.29 7.15
C ASP A 13 10.51 -9.07 6.55
N THR A 14 11.24 -8.24 5.80
CA THR A 14 10.64 -7.07 5.12
C THR A 14 9.61 -7.49 4.08
N THR A 15 9.72 -8.72 3.59
CA THR A 15 8.81 -9.25 2.58
C THR A 15 7.39 -9.45 3.14
N PHE A 16 7.22 -9.25 4.45
CA PHE A 16 5.92 -9.35 5.12
C PHE A 16 5.49 -10.83 5.23
N GLY A 17 5.27 -11.44 4.07
CA GLY A 17 4.99 -12.86 3.97
C GLY A 17 5.11 -13.29 2.51
N GLU A 18 3.99 -13.67 1.90
CA GLU A 18 3.91 -13.71 0.44
C GLU A 18 3.11 -12.50 -0.06
N LEU A 19 3.80 -11.53 -0.65
CA LEU A 19 3.14 -10.38 -1.24
C LEU A 19 2.94 -10.61 -2.74
N LYS A 20 1.70 -10.83 -3.15
CA LYS A 20 1.40 -11.15 -4.54
C LYS A 20 0.38 -10.19 -5.15
N PHE A 21 0.68 -9.73 -6.37
CA PHE A 21 -0.12 -8.70 -7.05
C PHE A 21 -1.56 -9.14 -7.34
N SER A 22 -2.49 -8.20 -7.25
CA SER A 22 -3.90 -8.44 -7.64
C SER A 22 -4.37 -7.44 -8.70
N ALA A 23 -4.38 -6.16 -8.35
CA ALA A 23 -4.80 -5.10 -9.28
C ALA A 23 -4.27 -3.72 -8.85
N LEU A 24 -4.59 -2.70 -9.64
CA LEU A 24 -4.33 -1.30 -9.27
C LEU A 24 -5.63 -0.66 -8.78
N ARG A 25 -5.78 -0.54 -7.47
CA ARG A 25 -7.02 -0.06 -6.86
C ARG A 25 -7.42 1.34 -7.36
N ARG A 26 -6.54 2.32 -7.15
CA ARG A 26 -6.83 3.69 -7.55
C ARG A 26 -5.59 4.58 -7.45
N GLU A 27 -5.36 5.39 -8.47
CA GLU A 27 -4.27 6.37 -8.44
C GLU A 27 -4.83 7.75 -8.07
N VAL A 28 -4.71 8.13 -6.80
CA VAL A 28 -5.23 9.41 -6.31
C VAL A 28 -4.41 10.58 -6.88
N ARG A 29 -5.10 11.62 -7.33
CA ARG A 29 -4.46 12.70 -8.07
C ARG A 29 -4.54 14.05 -7.34
N ILE A 30 -3.81 15.03 -7.86
CA ILE A 30 -3.71 16.36 -7.23
C ILE A 30 -5.00 17.19 -7.46
N GLN A 31 -5.72 17.46 -6.38
CA GLN A 31 -6.98 18.21 -6.47
C GLN A 31 -6.75 19.74 -6.50
N ASN A 32 -7.42 20.43 -7.42
CA ASN A 32 -7.31 21.88 -7.54
C ASN A 32 -8.17 22.60 -6.49
N GLU A 33 -7.75 23.79 -6.06
CA GLU A 33 -8.48 24.53 -5.02
C GLU A 33 -9.92 24.83 -5.42
N ASP A 34 -10.14 25.06 -6.71
CA ASP A 34 -11.47 25.34 -7.25
C ASP A 34 -12.46 24.19 -6.97
N GLY A 35 -11.94 22.97 -6.86
CA GLY A 35 -12.79 21.82 -6.60
C GLY A 35 -12.40 20.60 -7.41
N SER A 36 -12.39 20.74 -8.74
CA SER A 36 -12.07 19.61 -9.65
C SER A 36 -10.64 19.10 -9.46
N VAL A 37 -10.45 17.81 -9.71
CA VAL A 37 -9.15 17.16 -9.55
C VAL A 37 -8.35 17.21 -10.86
N SER A 38 -7.02 17.30 -10.74
CA SER A 38 -6.13 17.39 -11.91
C SER A 38 -5.86 16.03 -12.54
N ASP A 39 -5.15 16.04 -13.66
CA ASP A 39 -4.74 14.83 -14.36
C ASP A 39 -3.39 14.31 -13.83
N GLU A 40 -2.72 15.14 -13.02
CA GLU A 40 -1.44 14.76 -12.40
C GLU A 40 -1.64 13.91 -11.14
N ILE A 41 -0.74 12.95 -10.94
CA ILE A 41 -0.89 11.95 -9.87
C ILE A 41 -0.34 12.46 -8.51
N LYS A 42 -0.88 11.92 -7.42
CA LYS A 42 -0.37 12.20 -6.07
C LYS A 42 0.22 10.92 -5.46
N GLU A 43 -0.59 9.86 -5.35
CA GLU A 43 -0.14 8.52 -4.93
C GLU A 43 -0.84 7.43 -5.74
N ARG A 44 -0.26 6.23 -5.76
CA ARG A 44 -0.86 5.09 -6.48
C ARG A 44 -1.17 3.94 -5.51
N THR A 45 -2.45 3.59 -5.39
CA THR A 45 -2.90 2.51 -4.48
C THR A 45 -3.05 1.16 -5.21
N TYR A 46 -2.32 0.15 -4.76
CA TYR A 46 -2.34 -1.19 -5.36
C TYR A 46 -3.05 -2.21 -4.46
N ASP A 47 -3.60 -3.25 -5.09
CA ASP A 47 -4.20 -4.38 -4.36
C ASP A 47 -3.20 -5.55 -4.25
N LEU A 48 -2.76 -5.84 -3.02
CA LEU A 48 -1.86 -6.99 -2.79
C LEU A 48 -2.45 -7.95 -1.75
N LYS A 49 -2.34 -9.25 -2.01
CA LYS A 49 -2.76 -10.26 -1.02
C LYS A 49 -1.55 -10.79 -0.24
N SER A 50 -1.73 -11.00 1.06
CA SER A 50 -0.64 -11.48 1.92
C SER A 50 -1.10 -12.67 2.78
N LYS A 51 -0.16 -13.56 3.11
CA LYS A 51 -0.44 -14.72 3.95
C LYS A 51 -0.47 -14.33 5.44
N GLY A 52 -1.59 -14.57 6.11
CA GLY A 52 -1.71 -14.26 7.53
C GLY A 52 -3.16 -14.25 8.02
N GLN A 53 -3.75 -13.06 8.10
CA GLN A 53 -5.12 -12.90 8.61
C GLN A 53 -6.16 -12.91 7.48
N GLY A 54 -5.68 -13.04 6.24
CA GLY A 54 -6.60 -13.10 5.09
C GLY A 54 -7.16 -11.75 4.67
N ARG A 55 -6.36 -10.70 4.81
CA ARG A 55 -6.78 -9.34 4.45
C ARG A 55 -6.04 -8.81 3.22
N MET A 56 -6.81 -8.30 2.25
CA MET A 56 -6.23 -7.61 1.09
C MET A 56 -5.71 -6.22 1.52
N ILE A 57 -4.41 -5.99 1.36
CA ILE A 57 -3.79 -4.77 1.86
C ILE A 57 -3.70 -3.68 0.78
N GLN A 58 -4.00 -2.44 1.16
CA GLN A 58 -3.92 -1.31 0.23
C GLN A 58 -2.56 -0.63 0.30
N VAL A 59 -1.71 -0.86 -0.69
CA VAL A 59 -0.36 -0.30 -0.71
C VAL A 59 -0.28 0.97 -1.58
N SER A 60 0.02 2.10 -0.96
CA SER A 60 0.08 3.39 -1.67
C SER A 60 1.51 3.92 -1.76
N ILE A 61 1.96 4.19 -2.99
CA ILE A 61 3.29 4.77 -3.22
C ILE A 61 3.17 6.17 -3.85
N PRO A 62 4.11 7.09 -3.54
CA PRO A 62 4.05 8.47 -4.04
C PRO A 62 4.18 8.58 -5.58
N ALA A 63 3.67 9.69 -6.14
CA ALA A 63 3.65 9.93 -7.59
C ALA A 63 5.05 9.84 -8.23
N SER A 64 6.08 10.25 -7.50
CA SER A 64 7.47 10.21 -7.99
C SER A 64 7.88 8.78 -8.38
N VAL A 65 7.16 7.79 -7.86
CA VAL A 65 7.42 6.39 -8.19
C VAL A 65 6.57 5.95 -9.40
N PRO A 66 7.21 5.39 -10.45
CA PRO A 66 6.49 4.95 -11.66
C PRO A 66 5.61 3.71 -11.43
N LEU A 67 4.67 3.47 -12.35
CA LEU A 67 3.79 2.30 -12.28
C LEU A 67 4.55 1.01 -12.63
N LYS A 68 4.23 -0.09 -11.95
CA LYS A 68 4.84 -1.39 -12.24
C LYS A 68 3.82 -2.37 -12.85
N GLU A 69 3.97 -2.60 -14.15
CA GLU A 69 3.08 -3.50 -14.89
C GLU A 69 3.38 -4.98 -14.57
N PHE A 70 2.98 -5.44 -13.39
CA PHE A 70 3.22 -6.85 -12.98
C PHE A 70 2.02 -7.74 -13.29
N ASP A 71 2.27 -9.04 -13.46
CA ASP A 71 1.21 -10.01 -13.73
C ASP A 71 0.50 -10.44 -12.43
N TYR A 72 -0.60 -11.17 -12.57
CA TYR A 72 -1.42 -11.55 -11.41
C TYR A 72 -0.68 -12.55 -10.49
N ASN A 73 -0.66 -12.23 -9.19
CA ASN A 73 0.02 -13.05 -8.17
C ASN A 73 1.56 -13.01 -8.28
N ALA A 74 2.09 -12.01 -8.98
CA ALA A 74 3.54 -11.82 -9.05
C ALA A 74 4.12 -11.50 -7.66
N ARG A 75 5.20 -12.18 -7.29
CA ARG A 75 5.82 -12.00 -5.96
C ARG A 75 6.62 -10.69 -5.87
N VAL A 76 6.20 -9.81 -4.97
CA VAL A 76 6.87 -8.52 -4.76
C VAL A 76 7.28 -8.32 -3.29
N GLU A 77 8.21 -7.40 -3.04
CA GLU A 77 8.56 -6.99 -1.68
C GLU A 77 8.74 -5.47 -1.62
N LEU A 78 8.40 -4.88 -0.47
CA LEU A 78 8.39 -3.41 -0.32
C LEU A 78 9.69 -2.91 0.35
N ILE A 79 10.22 -1.81 -0.18
CA ILE A 79 11.42 -1.18 0.39
C ILE A 79 11.17 -0.67 1.83
N ASN A 80 10.38 0.41 1.94
CA ASN A 80 10.01 0.96 3.25
C ASN A 80 8.47 1.01 3.43
N PRO A 81 7.85 -0.12 3.83
CA PRO A 81 6.41 -0.18 4.10
C PRO A 81 6.01 0.32 5.51
N ILE A 82 4.99 1.18 5.58
CA ILE A 82 4.46 1.66 6.86
C ILE A 82 2.92 1.68 6.86
N ALA A 83 2.31 1.02 7.85
CA ALA A 83 0.85 1.04 8.01
C ALA A 83 0.41 2.34 8.70
N ASP A 84 -0.33 3.19 7.98
CA ASP A 84 -0.62 4.54 8.48
C ASP A 84 -1.92 4.59 9.29
N THR A 85 -2.18 5.76 9.89
CA THR A 85 -3.45 6.04 10.55
C THR A 85 -4.02 7.39 10.06
N VAL A 86 -3.44 7.91 8.98
CA VAL A 86 -3.84 9.21 8.44
C VAL A 86 -5.07 9.10 7.54
N ALA A 87 -5.20 7.97 6.84
CA ALA A 87 -6.38 7.70 6.01
C ALA A 87 -7.64 7.57 6.87
N THR A 88 -7.59 6.64 7.83
CA THR A 88 -8.72 6.40 8.74
C THR A 88 -8.97 7.61 9.67
N ALA A 89 -8.08 8.60 9.63
CA ALA A 89 -8.26 9.84 10.40
C ALA A 89 -9.13 10.86 9.65
N THR A 90 -9.18 10.76 8.32
CA THR A 90 -9.99 11.67 7.50
C THR A 90 -11.22 10.97 6.91
N TYR A 91 -11.17 9.64 6.81
CA TYR A 91 -12.31 8.85 6.34
C TYR A 91 -13.04 8.18 7.52
N GLN A 92 -14.31 7.83 7.31
CA GLN A 92 -15.09 7.10 8.33
C GLN A 92 -16.20 6.27 7.68
N GLY A 93 -16.17 4.96 7.91
CA GLY A 93 -17.18 4.07 7.34
C GLY A 93 -16.74 3.44 6.03
N ALA A 94 -15.92 4.16 5.26
CA ALA A 94 -15.43 3.66 3.98
C ALA A 94 -14.21 2.73 4.16
N ASP A 95 -13.53 2.87 5.29
CA ASP A 95 -12.33 2.08 5.59
C ASP A 95 -12.68 0.63 5.95
N VAL A 96 -12.89 -0.20 4.92
CA VAL A 96 -13.19 -1.63 5.13
C VAL A 96 -11.90 -2.45 5.28
N ASP A 97 -10.81 -1.99 4.66
CA ASP A 97 -9.50 -2.63 4.80
C ASP A 97 -8.44 -1.62 5.26
N TRP A 98 -7.27 -2.11 5.67
CA TRP A 98 -6.23 -1.24 6.23
C TRP A 98 -5.19 -0.80 5.18
N TYR A 99 -4.62 0.40 5.39
CA TYR A 99 -3.75 1.04 4.38
C TYR A 99 -2.27 1.00 4.78
N ILE A 100 -1.41 0.72 3.80
CA ILE A 100 0.04 0.66 3.99
C ILE A 100 0.75 1.56 2.97
N LYS A 101 1.31 2.67 3.44
CA LYS A 101 2.08 3.57 2.57
C LYS A 101 3.53 3.06 2.40
N ALA A 102 3.99 2.95 1.16
CA ALA A 102 5.31 2.38 0.89
C ALA A 102 6.23 3.35 0.14
N ASP A 103 7.51 3.01 0.08
CA ASP A 103 8.50 3.81 -0.65
C ASP A 103 8.56 3.40 -2.14
N ASP A 104 8.93 2.15 -2.39
CA ASP A 104 8.99 1.61 -3.75
C ASP A 104 8.60 0.12 -3.77
N ILE A 105 8.12 -0.33 -4.93
CA ILE A 105 7.66 -1.72 -5.11
C ILE A 105 8.59 -2.49 -6.07
N VAL A 106 9.28 -3.51 -5.55
CA VAL A 106 10.15 -4.37 -6.37
C VAL A 106 9.74 -5.85 -6.26
N LEU A 107 10.35 -6.70 -7.07
CA LEU A 107 10.08 -8.15 -7.01
C LEU A 107 10.91 -8.82 -5.90
N THR A 108 10.37 -9.89 -5.32
CA THR A 108 11.06 -10.61 -4.24
C THR A 108 12.39 -11.21 -4.73
N LEU A 109 13.50 -10.60 -4.32
CA LEU A 109 14.83 -11.01 -4.82
C LEU A 109 15.44 -12.16 -4.00
N GLU A 110 14.84 -12.46 -2.84
CA GLU A 110 15.32 -13.55 -1.97
C GLU A 110 14.58 -14.88 -2.24
N MET A 1 -4.83 -32.33 39.89
CA MET A 1 -4.32 -30.93 39.81
C MET A 1 -2.98 -30.86 39.07
N MET A 2 -2.87 -29.92 38.12
CA MET A 2 -1.61 -29.66 37.42
C MET A 2 -1.32 -28.15 37.37
N ARG A 3 -0.04 -27.78 37.29
CA ARG A 3 0.36 -26.38 37.26
C ARG A 3 0.58 -25.89 35.82
N LEU A 4 -0.10 -24.81 35.43
CA LEU A 4 0.04 -24.25 34.09
C LEU A 4 1.06 -23.10 34.09
N ALA A 5 1.88 -23.05 33.03
CA ALA A 5 2.95 -22.04 32.91
C ALA A 5 2.42 -20.71 32.35
N ASN A 6 3.23 -19.66 32.48
CA ASN A 6 2.86 -18.33 32.01
C ASN A 6 2.89 -18.23 30.47
N GLY A 7 2.08 -17.33 29.92
CA GLY A 7 2.02 -17.15 28.47
C GLY A 7 1.57 -15.75 28.06
N ILE A 8 2.52 -14.84 27.89
CA ILE A 8 2.22 -13.45 27.58
C ILE A 8 2.17 -13.17 26.07
N VAL A 9 1.81 -11.94 25.71
CA VAL A 9 1.73 -11.52 24.31
C VAL A 9 3.13 -11.16 23.75
N LEU A 10 3.36 -11.50 22.47
CA LEU A 10 4.62 -11.17 21.79
C LEU A 10 4.37 -10.73 20.33
N ASP A 11 5.42 -10.23 19.69
CA ASP A 11 5.31 -9.75 18.30
C ASP A 11 4.93 -10.90 17.34
N LYS A 12 3.69 -10.88 16.86
CA LYS A 12 3.20 -11.88 15.91
C LYS A 12 2.85 -11.24 14.56
N ASP A 13 3.48 -11.72 13.48
CA ASP A 13 3.28 -11.17 12.13
C ASP A 13 3.74 -9.70 12.06
N THR A 14 5.04 -9.50 11.86
CA THR A 14 5.63 -8.15 11.86
C THR A 14 5.73 -7.53 10.46
N THR A 15 6.79 -7.87 9.72
CA THR A 15 7.01 -7.30 8.38
C THR A 15 6.29 -8.11 7.29
N PHE A 16 5.32 -8.93 7.71
CA PHE A 16 4.51 -9.75 6.79
C PHE A 16 5.37 -10.79 6.02
N GLY A 17 4.71 -11.56 5.16
CA GLY A 17 5.42 -12.49 4.28
C GLY A 17 5.63 -11.92 2.89
N GLU A 18 5.58 -12.77 1.86
CA GLU A 18 5.66 -12.31 0.47
C GLU A 18 4.25 -12.09 -0.11
N LEU A 19 4.03 -10.88 -0.61
CA LEU A 19 2.69 -10.45 -1.05
C LEU A 19 2.43 -10.80 -2.52
N LYS A 20 1.16 -10.85 -2.92
CA LYS A 20 0.79 -11.13 -4.31
C LYS A 20 0.04 -9.94 -4.94
N PHE A 21 0.65 -9.33 -5.96
CA PHE A 21 0.04 -8.22 -6.69
C PHE A 21 -1.20 -8.68 -7.47
N SER A 22 -2.33 -8.02 -7.27
CA SER A 22 -3.57 -8.37 -7.98
C SER A 22 -3.92 -7.33 -9.06
N ALA A 23 -4.18 -6.10 -8.63
CA ALA A 23 -4.58 -5.03 -9.55
C ALA A 23 -4.34 -3.64 -8.97
N LEU A 24 -4.61 -2.61 -9.77
CA LEU A 24 -4.50 -1.22 -9.32
C LEU A 24 -5.77 -0.77 -8.58
N ARG A 25 -5.62 -0.42 -7.31
CA ARG A 25 -6.75 0.08 -6.51
C ARG A 25 -7.22 1.46 -6.99
N ARG A 26 -6.36 2.46 -6.81
CA ARG A 26 -6.69 3.84 -7.16
C ARG A 26 -5.46 4.75 -7.13
N GLU A 27 -5.27 5.53 -8.19
CA GLU A 27 -4.22 6.54 -8.24
C GLU A 27 -4.79 7.92 -7.87
N VAL A 28 -4.58 8.33 -6.62
CA VAL A 28 -5.16 9.59 -6.12
C VAL A 28 -4.42 10.81 -6.68
N ARG A 29 -5.13 11.65 -7.43
CA ARG A 29 -4.53 12.82 -8.07
C ARG A 29 -4.73 14.10 -7.24
N ILE A 30 -3.96 15.12 -7.56
CA ILE A 30 -4.00 16.41 -6.85
C ILE A 30 -5.23 17.22 -7.27
N GLN A 31 -6.19 17.38 -6.35
CA GLN A 31 -7.42 18.13 -6.63
C GLN A 31 -7.21 19.65 -6.48
N ASN A 32 -7.92 20.43 -7.30
CA ASN A 32 -7.87 21.89 -7.17
C ASN A 32 -8.99 22.39 -6.23
N GLU A 33 -8.90 23.65 -5.83
CA GLU A 33 -9.90 24.21 -4.90
C GLU A 33 -11.23 24.50 -5.59
N ASP A 34 -11.19 24.72 -6.91
CA ASP A 34 -12.39 24.94 -7.71
C ASP A 34 -13.10 23.62 -8.06
N GLY A 35 -13.02 22.62 -7.17
CA GLY A 35 -13.75 21.36 -7.36
C GLY A 35 -13.06 20.37 -8.30
N SER A 36 -12.63 20.86 -9.47
CA SER A 36 -12.01 19.99 -10.48
C SER A 36 -10.66 19.43 -10.03
N VAL A 37 -10.36 18.21 -10.45
CA VAL A 37 -9.11 17.53 -10.08
C VAL A 37 -8.05 17.70 -11.19
N SER A 38 -6.80 17.91 -10.79
CA SER A 38 -5.69 18.03 -11.75
C SER A 38 -5.30 16.68 -12.33
N ASP A 39 -4.43 16.69 -13.34
CA ASP A 39 -3.92 15.48 -13.95
C ASP A 39 -2.71 14.95 -13.19
N GLU A 40 -2.10 15.82 -12.39
CA GLU A 40 -0.95 15.47 -11.56
C GLU A 40 -1.36 14.48 -10.47
N ILE A 41 -0.53 13.46 -10.23
CA ILE A 41 -0.89 12.41 -9.26
C ILE A 41 -0.11 12.57 -7.94
N LYS A 42 -0.78 12.28 -6.83
CA LYS A 42 -0.17 12.37 -5.51
C LYS A 42 0.40 11.01 -5.06
N GLU A 43 -0.46 9.99 -5.00
CA GLU A 43 -0.05 8.65 -4.57
C GLU A 43 -0.67 7.55 -5.47
N ARG A 44 0.06 6.44 -5.63
CA ARG A 44 -0.44 5.28 -6.40
C ARG A 44 -0.73 4.09 -5.47
N THR A 45 -2.01 3.74 -5.34
CA THR A 45 -2.43 2.65 -4.45
C THR A 45 -2.75 1.35 -5.22
N TYR A 46 -2.07 0.26 -4.84
CA TYR A 46 -2.29 -1.06 -5.45
C TYR A 46 -2.85 -2.06 -4.42
N ASP A 47 -3.45 -3.15 -4.90
CA ASP A 47 -3.98 -4.20 -4.02
C ASP A 47 -3.04 -5.41 -3.96
N LEU A 48 -2.65 -5.81 -2.74
CA LEU A 48 -1.78 -6.97 -2.54
C LEU A 48 -2.42 -8.02 -1.60
N LYS A 49 -2.36 -9.30 -1.99
CA LYS A 49 -2.82 -10.39 -1.12
C LYS A 49 -1.77 -10.76 -0.07
N SER A 50 -2.22 -11.17 1.11
CA SER A 50 -1.33 -11.68 2.15
C SER A 50 -1.00 -13.16 1.92
N LYS A 51 0.01 -13.69 2.63
CA LYS A 51 0.38 -15.10 2.50
C LYS A 51 -0.68 -16.05 3.12
N GLY A 52 -1.76 -15.47 3.65
CA GLY A 52 -2.83 -16.29 4.22
C GLY A 52 -3.46 -15.69 5.48
N GLN A 53 -3.41 -14.37 5.62
CA GLN A 53 -3.95 -13.69 6.80
C GLN A 53 -5.43 -13.27 6.60
N GLY A 54 -5.98 -13.58 5.42
CA GLY A 54 -7.37 -13.24 5.12
C GLY A 54 -7.63 -11.73 5.04
N ARG A 55 -6.66 -10.98 4.53
CA ARG A 55 -6.79 -9.53 4.42
C ARG A 55 -6.20 -8.99 3.10
N MET A 56 -6.92 -8.07 2.46
CA MET A 56 -6.41 -7.37 1.28
C MET A 56 -5.82 -6.01 1.70
N ILE A 57 -4.50 -5.88 1.60
CA ILE A 57 -3.82 -4.65 2.05
C ILE A 57 -3.60 -3.70 0.87
N GLN A 58 -4.01 -2.44 1.03
CA GLN A 58 -3.89 -1.46 -0.05
C GLN A 58 -2.59 -0.65 0.11
N VAL A 59 -1.61 -0.96 -0.74
CA VAL A 59 -0.28 -0.35 -0.65
C VAL A 59 -0.15 0.88 -1.56
N SER A 60 0.19 2.02 -0.96
CA SER A 60 0.32 3.28 -1.72
C SER A 60 1.77 3.78 -1.72
N ILE A 61 2.27 4.11 -2.90
CA ILE A 61 3.63 4.65 -3.06
C ILE A 61 3.61 6.04 -3.71
N PRO A 62 4.66 6.86 -3.48
CA PRO A 62 4.76 8.20 -4.09
C PRO A 62 4.59 8.18 -5.61
N ALA A 63 3.65 8.97 -6.13
CA ALA A 63 3.32 8.96 -7.56
C ALA A 63 4.53 9.28 -8.46
N SER A 64 5.54 9.91 -7.89
CA SER A 64 6.80 10.19 -8.62
C SER A 64 7.42 8.90 -9.17
N VAL A 65 7.21 7.79 -8.46
CA VAL A 65 7.75 6.49 -8.86
C VAL A 65 6.91 5.85 -9.99
N PRO A 66 7.57 5.31 -11.04
CA PRO A 66 6.88 4.71 -12.21
C PRO A 66 5.82 3.64 -11.84
N LEU A 67 4.90 3.41 -12.77
CA LEU A 67 3.79 2.47 -12.59
C LEU A 67 4.29 1.01 -12.54
N LYS A 68 3.62 0.18 -11.74
CA LYS A 68 3.98 -1.24 -11.62
C LYS A 68 3.22 -2.11 -12.64
N GLU A 69 3.98 -2.89 -13.39
CA GLU A 69 3.44 -3.75 -14.46
C GLU A 69 3.49 -5.23 -14.06
N PHE A 70 3.49 -5.51 -12.76
CA PHE A 70 3.59 -6.88 -12.25
C PHE A 70 2.41 -7.76 -12.70
N ASP A 71 2.64 -9.06 -12.78
CA ASP A 71 1.64 -10.00 -13.27
C ASP A 71 0.60 -10.38 -12.19
N TYR A 72 -0.51 -10.98 -12.62
CA TYR A 72 -1.59 -11.39 -11.72
C TYR A 72 -1.08 -12.40 -10.66
N ASN A 73 -1.17 -12.00 -9.39
CA ASN A 73 -0.71 -12.81 -8.25
C ASN A 73 0.82 -12.96 -8.22
N ALA A 74 1.53 -12.01 -8.83
CA ALA A 74 3.00 -12.00 -8.79
C ALA A 74 3.52 -11.71 -7.38
N ARG A 75 4.50 -12.49 -6.94
CA ARG A 75 5.07 -12.35 -5.59
C ARG A 75 5.98 -11.11 -5.49
N VAL A 76 5.55 -10.13 -4.70
CA VAL A 76 6.28 -8.87 -4.54
C VAL A 76 6.57 -8.55 -3.06
N GLU A 77 7.63 -7.78 -2.83
CA GLU A 77 7.96 -7.28 -1.49
C GLU A 77 8.16 -5.76 -1.53
N LEU A 78 7.96 -5.10 -0.40
CA LEU A 78 7.97 -3.62 -0.35
C LEU A 78 9.31 -3.04 0.08
N ILE A 79 9.64 -1.88 -0.48
CA ILE A 79 10.82 -1.11 -0.08
C ILE A 79 10.42 -0.02 0.91
N ASN A 80 10.87 -0.14 2.16
CA ASN A 80 10.57 0.85 3.22
C ASN A 80 9.05 1.02 3.45
N PRO A 81 8.35 -0.05 3.87
CA PRO A 81 6.90 -0.01 4.12
C PRO A 81 6.54 0.56 5.51
N ILE A 82 5.47 1.36 5.56
CA ILE A 82 4.94 1.88 6.83
C ILE A 82 3.39 1.84 6.85
N ALA A 83 2.81 1.62 8.02
CA ALA A 83 1.35 1.64 8.18
C ALA A 83 0.84 3.08 8.36
N ASP A 84 0.18 3.62 7.34
CA ASP A 84 -0.25 5.02 7.36
C ASP A 84 -1.55 5.21 8.17
N THR A 85 -1.40 5.62 9.43
CA THR A 85 -2.55 5.82 10.33
C THR A 85 -3.35 7.08 9.97
N VAL A 86 -2.69 8.07 9.38
CA VAL A 86 -3.35 9.33 9.03
C VAL A 86 -4.28 9.19 7.82
N ALA A 87 -4.13 8.11 7.06
CA ALA A 87 -5.01 7.82 5.92
C ALA A 87 -6.49 7.84 6.33
N THR A 88 -6.86 6.98 7.28
CA THR A 88 -8.25 6.92 7.79
C THR A 88 -8.67 8.23 8.45
N ALA A 89 -7.69 8.96 9.01
CA ALA A 89 -7.95 10.24 9.65
C ALA A 89 -8.24 11.35 8.62
N THR A 90 -7.71 11.19 7.41
CA THR A 90 -7.89 12.17 6.34
C THR A 90 -9.05 11.80 5.40
N TYR A 91 -9.16 10.51 5.06
CA TYR A 91 -10.18 10.02 4.12
C TYR A 91 -11.14 9.03 4.80
N GLN A 92 -12.27 9.51 5.31
CA GLN A 92 -13.29 8.63 5.88
C GLN A 92 -14.11 7.94 4.80
N GLY A 93 -14.48 6.69 5.04
CA GLY A 93 -15.20 5.90 4.03
C GLY A 93 -14.32 4.84 3.37
N ALA A 94 -13.11 4.69 3.90
CA ALA A 94 -12.16 3.67 3.45
C ALA A 94 -11.26 3.25 4.62
N ASP A 95 -11.85 3.26 5.80
CA ASP A 95 -11.11 3.13 7.07
C ASP A 95 -10.66 1.68 7.36
N VAL A 96 -11.58 0.72 7.16
CA VAL A 96 -11.32 -0.67 7.56
C VAL A 96 -10.27 -1.37 6.66
N ASP A 97 -10.23 -1.01 5.38
CA ASP A 97 -9.21 -1.54 4.47
C ASP A 97 -7.95 -0.65 4.52
N TRP A 98 -7.14 -0.89 5.55
CA TRP A 98 -5.96 -0.08 5.84
C TRP A 98 -4.95 0.03 4.67
N TYR A 99 -4.27 1.17 4.62
CA TYR A 99 -3.30 1.49 3.58
C TYR A 99 -1.86 1.37 4.11
N ILE A 100 -1.07 0.50 3.48
CA ILE A 100 0.35 0.37 3.81
C ILE A 100 1.20 1.13 2.78
N LYS A 101 1.76 2.26 3.18
CA LYS A 101 2.51 3.11 2.25
C LYS A 101 4.01 2.81 2.27
N ALA A 102 4.59 2.60 1.09
CA ALA A 102 6.01 2.24 0.97
C ALA A 102 6.74 3.23 0.04
N ASP A 103 8.06 3.07 -0.06
CA ASP A 103 8.88 3.89 -0.94
C ASP A 103 8.83 3.36 -2.38
N ASP A 104 8.80 2.03 -2.52
CA ASP A 104 8.71 1.38 -3.84
C ASP A 104 8.23 -0.09 -3.71
N ILE A 105 7.81 -0.67 -4.84
CA ILE A 105 7.32 -2.05 -4.87
C ILE A 105 8.15 -2.91 -5.85
N VAL A 106 8.81 -3.94 -5.33
CA VAL A 106 9.67 -4.81 -6.16
C VAL A 106 9.25 -6.29 -6.05
N LEU A 107 9.78 -7.12 -6.94
CA LEU A 107 9.53 -8.56 -6.89
C LEU A 107 10.26 -9.21 -5.71
N THR A 108 9.63 -10.22 -5.09
CA THR A 108 10.22 -10.89 -3.92
C THR A 108 11.53 -11.61 -4.28
N LEU A 109 12.60 -11.24 -3.59
CA LEU A 109 13.92 -11.85 -3.81
C LEU A 109 13.93 -13.33 -3.37
N GLU A 110 13.69 -14.21 -4.34
CA GLU A 110 13.74 -15.66 -4.10
C GLU A 110 15.17 -16.20 -4.17
N MET A 1 39.51 -21.84 12.85
CA MET A 1 40.42 -21.47 11.73
C MET A 1 40.30 -19.98 11.37
N MET A 2 39.06 -19.49 11.22
CA MET A 2 38.82 -18.09 10.85
C MET A 2 37.31 -17.78 10.84
N ARG A 3 36.93 -16.67 11.44
CA ARG A 3 35.51 -16.30 11.54
C ARG A 3 35.14 -15.18 10.56
N LEU A 4 33.97 -15.28 9.94
CA LEU A 4 33.46 -14.25 9.04
C LEU A 4 32.41 -13.37 9.74
N ALA A 5 31.93 -12.35 9.04
CA ALA A 5 30.91 -11.44 9.59
C ALA A 5 29.54 -12.13 9.75
N ASN A 6 29.33 -13.21 9.00
CA ASN A 6 28.07 -13.95 9.04
C ASN A 6 27.89 -14.70 10.37
N GLY A 7 26.91 -14.28 11.17
CA GLY A 7 26.59 -14.97 12.41
C GLY A 7 25.22 -15.64 12.37
N ILE A 8 24.17 -14.83 12.52
CA ILE A 8 22.79 -15.34 12.53
C ILE A 8 22.06 -15.01 11.22
N VAL A 9 21.00 -15.76 10.91
CA VAL A 9 20.18 -15.52 9.72
C VAL A 9 18.69 -15.49 10.08
N LEU A 10 18.03 -14.35 9.84
CA LEU A 10 16.59 -14.23 10.12
C LEU A 10 15.76 -15.16 9.22
N ASP A 11 14.48 -15.33 9.57
CA ASP A 11 13.58 -16.19 8.79
C ASP A 11 12.67 -15.37 7.85
N LYS A 12 11.85 -14.48 8.44
CA LYS A 12 10.95 -13.62 7.66
C LYS A 12 10.24 -12.62 8.59
N ASP A 13 10.71 -11.37 8.57
CA ASP A 13 10.18 -10.33 9.46
C ASP A 13 8.79 -9.82 9.02
N THR A 14 8.43 -10.07 7.77
CA THR A 14 7.11 -9.66 7.26
C THR A 14 5.98 -10.49 7.87
N THR A 15 5.37 -9.96 8.93
CA THR A 15 4.29 -10.64 9.66
C THR A 15 3.07 -10.94 8.77
N PHE A 16 3.01 -10.31 7.59
CA PHE A 16 1.94 -10.55 6.63
C PHE A 16 2.25 -11.76 5.72
N GLY A 17 3.41 -12.39 5.94
CA GLY A 17 3.86 -13.44 5.04
C GLY A 17 4.42 -12.88 3.74
N GLU A 18 4.20 -13.58 2.63
CA GLU A 18 4.58 -13.05 1.31
C GLU A 18 3.45 -12.19 0.73
N LEU A 19 3.79 -11.00 0.25
CA LEU A 19 2.82 -10.13 -0.42
C LEU A 19 2.72 -10.50 -1.90
N LYS A 20 1.50 -10.74 -2.37
CA LYS A 20 1.29 -11.15 -3.76
C LYS A 20 0.31 -10.20 -4.50
N PHE A 21 0.84 -9.54 -5.54
CA PHE A 21 0.13 -8.48 -6.29
C PHE A 21 -1.18 -8.99 -6.93
N SER A 22 -2.09 -8.06 -7.24
CA SER A 22 -3.34 -8.38 -7.96
C SER A 22 -3.63 -7.38 -9.08
N ALA A 23 -3.89 -6.13 -8.70
CA ALA A 23 -4.25 -5.10 -9.69
C ALA A 23 -4.05 -3.67 -9.14
N LEU A 24 -4.36 -2.69 -9.96
CA LEU A 24 -4.31 -1.27 -9.56
C LEU A 24 -5.65 -0.85 -8.93
N ARG A 25 -5.61 -0.41 -7.68
CA ARG A 25 -6.84 -0.01 -6.97
C ARG A 25 -7.33 1.37 -7.42
N ARG A 26 -6.44 2.36 -7.34
CA ARG A 26 -6.76 3.74 -7.73
C ARG A 26 -5.52 4.64 -7.67
N GLU A 27 -5.27 5.40 -8.73
CA GLU A 27 -4.21 6.41 -8.70
C GLU A 27 -4.79 7.75 -8.22
N VAL A 28 -4.61 8.06 -6.94
CA VAL A 28 -5.19 9.28 -6.36
C VAL A 28 -4.53 10.54 -6.94
N ARG A 29 -5.34 11.37 -7.58
CA ARG A 29 -4.82 12.57 -8.26
C ARG A 29 -4.98 13.84 -7.41
N ILE A 30 -4.33 14.91 -7.84
CA ILE A 30 -4.25 16.15 -7.04
C ILE A 30 -5.50 17.03 -7.23
N GLN A 31 -6.42 16.97 -6.28
CA GLN A 31 -7.63 17.81 -6.32
C GLN A 31 -7.32 19.24 -5.85
N ASN A 32 -7.57 20.22 -6.71
CA ASN A 32 -7.21 21.62 -6.44
C ASN A 32 -8.03 22.23 -5.29
N GLU A 33 -7.46 23.22 -4.62
CA GLU A 33 -8.15 23.98 -3.57
C GLU A 33 -9.42 24.63 -4.14
N ASP A 34 -9.36 25.01 -5.41
CA ASP A 34 -10.46 25.67 -6.11
C ASP A 34 -11.73 24.81 -6.11
N GLY A 35 -11.57 23.49 -6.05
CA GLY A 35 -12.70 22.58 -6.09
C GLY A 35 -12.56 21.50 -7.17
N SER A 36 -12.10 21.91 -8.35
CA SER A 36 -11.88 20.98 -9.48
C SER A 36 -10.61 20.15 -9.27
N VAL A 37 -10.61 18.94 -9.83
CA VAL A 37 -9.47 18.03 -9.72
C VAL A 37 -8.43 18.27 -10.83
N SER A 38 -7.15 18.27 -10.47
CA SER A 38 -6.07 18.38 -11.46
C SER A 38 -5.73 17.00 -12.05
N ASP A 39 -5.28 16.97 -13.29
CA ASP A 39 -4.97 15.70 -13.97
C ASP A 39 -3.67 15.05 -13.43
N GLU A 40 -2.87 15.84 -12.69
CA GLU A 40 -1.65 15.31 -12.07
C GLU A 40 -1.97 14.24 -11.02
N ILE A 41 -1.13 13.21 -10.94
CA ILE A 41 -1.35 12.12 -10.00
C ILE A 41 -0.43 12.28 -8.77
N LYS A 42 -0.95 12.00 -7.58
CA LYS A 42 -0.17 12.13 -6.34
C LYS A 42 0.46 10.79 -5.94
N GLU A 43 -0.38 9.76 -5.75
CA GLU A 43 0.07 8.41 -5.41
C GLU A 43 -0.74 7.34 -6.15
N ARG A 44 -0.17 6.14 -6.26
CA ARG A 44 -0.83 5.02 -6.93
C ARG A 44 -1.12 3.88 -5.95
N THR A 45 -2.40 3.58 -5.73
CA THR A 45 -2.82 2.52 -4.81
C THR A 45 -2.98 1.16 -5.52
N TYR A 46 -2.35 0.12 -4.98
CA TYR A 46 -2.44 -1.24 -5.53
C TYR A 46 -3.11 -2.21 -4.54
N ASP A 47 -3.68 -3.29 -5.06
CA ASP A 47 -4.29 -4.34 -4.24
C ASP A 47 -3.32 -5.54 -4.09
N LEU A 48 -2.82 -5.77 -2.87
CA LEU A 48 -1.95 -6.92 -2.58
C LEU A 48 -2.62 -7.90 -1.62
N LYS A 49 -2.33 -9.20 -1.73
CA LYS A 49 -2.80 -10.19 -0.75
C LYS A 49 -1.69 -10.61 0.21
N SER A 50 -2.06 -10.80 1.48
CA SER A 50 -1.12 -11.27 2.50
C SER A 50 -1.19 -12.80 2.64
N LYS A 51 -0.10 -13.48 2.32
CA LYS A 51 -0.03 -14.95 2.44
C LYS A 51 -0.31 -15.41 3.88
N GLY A 52 0.23 -14.67 4.85
CA GLY A 52 0.10 -15.05 6.25
C GLY A 52 -1.33 -15.01 6.78
N GLN A 53 -1.97 -13.85 6.69
CA GLN A 53 -3.33 -13.66 7.24
C GLN A 53 -4.42 -14.07 6.22
N GLY A 54 -4.13 -13.89 4.93
CA GLY A 54 -5.06 -14.36 3.90
C GLY A 54 -6.07 -13.31 3.43
N ARG A 55 -5.73 -12.03 3.56
CA ARG A 55 -6.62 -10.95 3.09
C ARG A 55 -5.83 -9.81 2.43
N MET A 56 -6.56 -8.92 1.74
CA MET A 56 -5.96 -7.85 0.93
C MET A 56 -5.49 -6.65 1.76
N ILE A 57 -4.55 -5.89 1.18
CA ILE A 57 -4.07 -4.63 1.75
C ILE A 57 -3.82 -3.61 0.62
N GLN A 58 -4.25 -2.37 0.78
CA GLN A 58 -4.08 -1.36 -0.27
C GLN A 58 -2.80 -0.55 -0.08
N VAL A 59 -1.79 -0.85 -0.88
CA VAL A 59 -0.48 -0.19 -0.78
C VAL A 59 -0.35 0.97 -1.78
N SER A 60 0.06 2.13 -1.30
CA SER A 60 0.15 3.34 -2.14
C SER A 60 1.57 3.87 -2.22
N ILE A 61 2.06 4.11 -3.44
CA ILE A 61 3.39 4.69 -3.65
C ILE A 61 3.31 5.99 -4.48
N PRO A 62 4.23 6.95 -4.26
CA PRO A 62 4.23 8.22 -5.02
C PRO A 62 4.16 8.03 -6.55
N ALA A 63 3.38 8.87 -7.21
CA ALA A 63 3.15 8.75 -8.66
C ALA A 63 4.45 8.90 -9.47
N SER A 64 5.43 9.60 -8.92
CA SER A 64 6.74 9.74 -9.56
C SER A 64 7.46 8.38 -9.66
N VAL A 65 7.17 7.49 -8.71
CA VAL A 65 7.75 6.14 -8.71
C VAL A 65 7.11 5.28 -9.82
N PRO A 66 7.95 4.60 -10.64
CA PRO A 66 7.48 3.76 -11.75
C PRO A 66 6.27 2.85 -11.40
N LEU A 67 5.27 2.86 -12.27
CA LEU A 67 4.06 2.04 -12.08
C LEU A 67 4.41 0.55 -12.00
N LYS A 68 3.78 -0.17 -11.08
CA LYS A 68 3.98 -1.61 -10.96
C LYS A 68 3.26 -2.38 -12.08
N GLU A 69 4.02 -3.21 -12.78
CA GLU A 69 3.51 -3.94 -13.95
C GLU A 69 3.58 -5.46 -13.73
N PHE A 70 3.62 -5.87 -12.47
CA PHE A 70 3.78 -7.28 -12.10
C PHE A 70 2.56 -8.14 -12.47
N ASP A 71 2.70 -9.46 -12.32
CA ASP A 71 1.63 -10.41 -12.65
C ASP A 71 0.68 -10.61 -11.47
N TYR A 72 -0.39 -11.37 -11.69
CA TYR A 72 -1.34 -11.68 -10.61
C TYR A 72 -0.72 -12.73 -9.66
N ASN A 73 -0.87 -12.50 -8.36
CA ASN A 73 -0.25 -13.32 -7.32
C ASN A 73 1.29 -13.31 -7.42
N ALA A 74 1.84 -12.29 -8.07
CA ALA A 74 3.29 -12.14 -8.21
C ALA A 74 3.95 -11.82 -6.86
N ARG A 75 5.11 -12.43 -6.63
CA ARG A 75 5.88 -12.23 -5.39
C ARG A 75 6.45 -10.80 -5.32
N VAL A 76 5.91 -10.01 -4.39
CA VAL A 76 6.35 -8.61 -4.23
C VAL A 76 6.71 -8.29 -2.76
N GLU A 77 7.67 -7.39 -2.57
CA GLU A 77 8.08 -6.93 -1.25
C GLU A 77 8.20 -5.39 -1.21
N LEU A 78 7.97 -4.80 -0.03
CA LEU A 78 7.99 -3.35 0.12
C LEU A 78 9.31 -2.85 0.71
N ILE A 79 9.85 -1.77 0.13
CA ILE A 79 11.09 -1.17 0.63
C ILE A 79 10.88 -0.53 2.02
N ASN A 80 10.24 0.64 2.05
CA ASN A 80 9.93 1.32 3.33
C ASN A 80 8.43 1.66 3.42
N PRO A 81 7.60 0.69 3.88
CA PRO A 81 6.16 0.89 4.05
C PRO A 81 5.75 1.58 5.37
N ILE A 82 4.57 2.20 5.36
CA ILE A 82 3.95 2.76 6.57
C ILE A 82 2.42 2.56 6.53
N ALA A 83 1.87 1.91 7.54
CA ALA A 83 0.42 1.73 7.64
C ALA A 83 -0.26 3.06 8.02
N ASP A 84 -1.26 3.46 7.24
CA ASP A 84 -1.98 4.72 7.49
C ASP A 84 -2.76 4.65 8.81
N THR A 85 -2.87 5.80 9.48
CA THR A 85 -3.51 5.87 10.80
C THR A 85 -5.00 5.50 10.76
N VAL A 86 -5.75 6.21 9.92
CA VAL A 86 -7.21 6.01 9.84
C VAL A 86 -7.74 6.23 8.41
N ALA A 87 -7.80 5.15 7.63
CA ALA A 87 -8.24 5.23 6.24
C ALA A 87 -9.68 5.75 6.09
N THR A 88 -10.46 5.59 7.16
CA THR A 88 -11.87 6.04 7.18
C THR A 88 -11.99 7.54 7.47
N ALA A 89 -10.87 8.18 7.84
CA ALA A 89 -10.86 9.60 8.21
C ALA A 89 -9.91 10.43 7.32
N THR A 90 -8.70 9.91 7.07
CA THR A 90 -7.75 10.55 6.15
C THR A 90 -8.36 10.71 4.76
N TYR A 91 -8.84 9.59 4.21
CA TYR A 91 -9.68 9.61 3.02
C TYR A 91 -11.16 9.76 3.45
N GLN A 92 -11.66 10.99 3.44
CA GLN A 92 -12.97 11.30 4.01
C GLN A 92 -14.11 10.55 3.30
N GLY A 93 -14.43 9.37 3.82
CA GLY A 93 -15.52 8.56 3.30
C GLY A 93 -15.75 7.31 4.13
N ALA A 94 -17.01 6.97 4.39
CA ALA A 94 -17.33 5.83 5.25
C ALA A 94 -16.85 4.49 4.68
N ASP A 95 -15.60 4.14 4.98
CA ASP A 95 -15.03 2.84 4.59
C ASP A 95 -14.35 2.18 5.78
N VAL A 96 -13.90 0.93 5.63
CA VAL A 96 -13.33 0.17 6.76
C VAL A 96 -12.03 -0.59 6.39
N ASP A 97 -11.58 -0.47 5.14
CA ASP A 97 -10.32 -1.10 4.75
C ASP A 97 -9.12 -0.24 5.20
N TRP A 98 -7.89 -0.57 4.77
CA TRP A 98 -6.71 0.19 5.21
C TRP A 98 -5.62 0.30 4.13
N TYR A 99 -4.96 1.46 4.11
CA TYR A 99 -3.90 1.76 3.13
C TYR A 99 -2.50 1.71 3.78
N ILE A 100 -1.51 1.35 2.97
CA ILE A 100 -0.11 1.30 3.41
C ILE A 100 0.79 2.05 2.41
N LYS A 101 1.29 3.22 2.80
CA LYS A 101 2.16 4.01 1.92
C LYS A 101 3.59 3.47 1.92
N ALA A 102 4.15 3.24 0.73
CA ALA A 102 5.49 2.65 0.60
C ALA A 102 6.39 3.45 -0.34
N ASP A 103 7.70 3.39 -0.10
CA ASP A 103 8.69 4.03 -0.97
C ASP A 103 8.65 3.44 -2.39
N ASP A 104 8.48 2.11 -2.48
CA ASP A 104 8.43 1.39 -3.76
C ASP A 104 8.04 -0.09 -3.56
N ILE A 105 7.60 -0.73 -4.64
CA ILE A 105 7.22 -2.15 -4.63
C ILE A 105 8.05 -2.95 -5.65
N VAL A 106 8.83 -3.91 -5.16
CA VAL A 106 9.67 -4.75 -6.03
C VAL A 106 9.33 -6.24 -5.85
N LEU A 107 10.02 -7.12 -6.58
CA LEU A 107 9.80 -8.58 -6.45
C LEU A 107 10.47 -9.16 -5.19
N THR A 108 9.85 -10.19 -4.62
CA THR A 108 10.36 -10.80 -3.36
C THR A 108 11.63 -11.63 -3.59
N LEU A 109 12.55 -11.58 -2.63
CA LEU A 109 13.84 -12.29 -2.72
C LEU A 109 13.75 -13.74 -2.21
N GLU A 110 12.72 -14.48 -2.62
CA GLU A 110 12.57 -15.90 -2.22
C GLU A 110 13.36 -16.83 -3.18
N MET A 1 -2.78 -7.76 26.84
CA MET A 1 -3.46 -6.78 25.95
C MET A 1 -4.19 -5.68 26.75
N MET A 2 -4.18 -5.79 28.09
CA MET A 2 -4.95 -4.91 28.97
C MET A 2 -4.65 -3.41 28.70
N ARG A 3 -5.41 -2.83 27.76
CA ARG A 3 -5.33 -1.40 27.37
C ARG A 3 -3.91 -0.93 26.96
N LEU A 4 -2.90 -1.79 27.06
CA LEU A 4 -1.52 -1.42 26.74
C LEU A 4 -1.37 -1.06 25.25
N ALA A 5 -1.81 -1.98 24.38
CA ALA A 5 -1.77 -1.77 22.94
C ALA A 5 -3.18 -1.73 22.34
N ASN A 6 -3.89 -2.86 22.42
CA ASN A 6 -5.30 -2.97 22.00
C ASN A 6 -5.50 -2.72 20.49
N GLY A 7 -5.50 -1.45 20.08
CA GLY A 7 -5.75 -1.11 18.68
C GLY A 7 -4.59 -1.45 17.75
N ILE A 8 -3.39 -1.08 18.15
CA ILE A 8 -2.17 -1.36 17.38
C ILE A 8 -1.11 -2.01 18.26
N VAL A 9 0.12 -2.15 17.74
CA VAL A 9 1.23 -2.68 18.52
C VAL A 9 2.56 -2.06 18.09
N LEU A 10 3.35 -1.59 19.04
CA LEU A 10 4.65 -0.97 18.74
C LEU A 10 5.81 -1.64 19.52
N ASP A 11 5.45 -2.52 20.46
CA ASP A 11 6.44 -3.29 21.22
C ASP A 11 6.87 -4.56 20.46
N LYS A 12 6.06 -4.99 19.49
CA LYS A 12 6.33 -6.23 18.75
C LYS A 12 6.35 -5.99 17.23
N ASP A 13 7.45 -6.38 16.58
CA ASP A 13 7.58 -6.28 15.13
C ASP A 13 6.71 -7.33 14.40
N THR A 14 5.59 -6.88 13.84
CA THR A 14 4.72 -7.76 13.05
C THR A 14 5.30 -8.00 11.65
N THR A 15 5.10 -9.20 11.11
CA THR A 15 5.65 -9.57 9.80
C THR A 15 4.55 -9.82 8.76
N PHE A 16 4.75 -9.31 7.56
CA PHE A 16 3.80 -9.50 6.45
C PHE A 16 4.09 -10.79 5.68
N GLY A 17 3.06 -11.34 5.03
CA GLY A 17 3.25 -12.51 4.20
C GLY A 17 3.64 -12.16 2.77
N GLU A 18 4.04 -13.16 2.00
CA GLU A 18 4.42 -12.96 0.59
C GLU A 18 3.31 -12.25 -0.20
N LEU A 19 3.56 -10.99 -0.56
CA LEU A 19 2.55 -10.13 -1.20
C LEU A 19 2.32 -10.50 -2.67
N LYS A 20 1.09 -10.32 -3.13
CA LYS A 20 0.71 -10.60 -4.52
C LYS A 20 0.10 -9.37 -5.21
N PHE A 21 0.72 -8.93 -6.31
CA PHE A 21 0.18 -7.82 -7.10
C PHE A 21 -1.15 -8.20 -7.76
N SER A 22 -2.26 -7.74 -7.18
CA SER A 22 -3.60 -8.13 -7.67
C SER A 22 -4.11 -7.18 -8.75
N ALA A 23 -4.32 -5.91 -8.40
CA ALA A 23 -4.79 -4.90 -9.37
C ALA A 23 -4.51 -3.47 -8.91
N LEU A 24 -4.94 -2.49 -9.71
CA LEU A 24 -4.82 -1.08 -9.34
C LEU A 24 -6.08 -0.61 -8.56
N ARG A 25 -5.88 -0.19 -7.32
CA ARG A 25 -6.98 0.26 -6.44
C ARG A 25 -7.49 1.65 -6.85
N ARG A 26 -6.64 2.66 -6.71
CA ARG A 26 -7.02 4.04 -6.99
C ARG A 26 -5.78 4.95 -7.14
N GLU A 27 -5.77 5.82 -8.14
CA GLU A 27 -4.73 6.83 -8.27
C GLU A 27 -5.19 8.17 -7.69
N VAL A 28 -4.74 8.49 -6.48
CA VAL A 28 -5.14 9.73 -5.80
C VAL A 28 -4.50 10.96 -6.46
N ARG A 29 -5.27 11.63 -7.32
CA ARG A 29 -4.76 12.78 -8.06
C ARG A 29 -4.98 14.09 -7.30
N ILE A 30 -4.16 15.09 -7.60
CA ILE A 30 -4.23 16.39 -6.93
C ILE A 30 -5.51 17.15 -7.29
N GLN A 31 -6.44 17.21 -6.34
CA GLN A 31 -7.71 17.92 -6.55
C GLN A 31 -7.56 19.41 -6.22
N ASN A 32 -7.89 20.27 -7.20
CA ASN A 32 -7.79 21.72 -7.04
C ASN A 32 -8.81 22.24 -5.99
N GLU A 33 -8.52 23.40 -5.42
CA GLU A 33 -9.42 24.04 -4.45
C GLU A 33 -10.78 24.38 -5.10
N ASP A 34 -10.77 24.57 -6.42
CA ASP A 34 -11.99 24.81 -7.20
C ASP A 34 -12.94 23.59 -7.15
N GLY A 35 -12.41 22.44 -6.73
CA GLY A 35 -13.20 21.22 -6.68
C GLY A 35 -12.84 20.24 -7.80
N SER A 36 -12.20 20.73 -8.85
CA SER A 36 -11.83 19.91 -10.01
C SER A 36 -10.58 19.05 -9.72
N VAL A 37 -10.43 17.97 -10.47
CA VAL A 37 -9.29 17.07 -10.30
C VAL A 37 -8.23 17.29 -11.38
N SER A 38 -6.97 17.35 -10.98
CA SER A 38 -5.85 17.53 -11.93
C SER A 38 -5.30 16.19 -12.42
N ASP A 39 -4.69 16.21 -13.61
CA ASP A 39 -4.02 15.02 -14.16
C ASP A 39 -2.89 14.56 -13.22
N GLU A 40 -2.29 15.52 -12.53
CA GLU A 40 -1.19 15.28 -11.59
C GLU A 40 -1.60 14.31 -10.46
N ILE A 41 -0.71 13.39 -10.11
CA ILE A 41 -1.02 12.35 -9.12
C ILE A 41 -0.13 12.49 -7.86
N LYS A 42 -0.74 12.31 -6.69
CA LYS A 42 0.01 12.23 -5.43
C LYS A 42 0.76 10.89 -5.35
N GLU A 43 0.00 9.81 -5.44
CA GLU A 43 0.57 8.46 -5.39
C GLU A 43 -0.44 7.41 -5.91
N ARG A 44 0.05 6.21 -6.18
CA ARG A 44 -0.75 5.17 -6.83
C ARG A 44 -1.00 3.97 -5.90
N THR A 45 -2.27 3.71 -5.58
CA THR A 45 -2.66 2.63 -4.66
C THR A 45 -2.94 1.31 -5.40
N TYR A 46 -2.36 0.21 -4.93
CA TYR A 46 -2.54 -1.10 -5.56
C TYR A 46 -3.15 -2.13 -4.59
N ASP A 47 -4.01 -3.00 -5.12
CA ASP A 47 -4.56 -4.12 -4.36
C ASP A 47 -3.50 -5.23 -4.18
N LEU A 48 -3.00 -5.42 -2.96
CA LEU A 48 -2.03 -6.49 -2.70
C LEU A 48 -2.64 -7.58 -1.79
N LYS A 49 -2.47 -8.84 -2.19
CA LYS A 49 -2.92 -9.98 -1.38
C LYS A 49 -1.75 -10.54 -0.56
N SER A 50 -2.00 -10.85 0.72
CA SER A 50 -0.95 -11.43 1.59
C SER A 50 -1.42 -12.74 2.24
N LYS A 51 -0.91 -13.87 1.74
CA LYS A 51 -1.28 -15.19 2.25
C LYS A 51 -0.83 -15.38 3.71
N GLY A 52 0.38 -14.91 4.02
CA GLY A 52 0.90 -15.02 5.38
C GLY A 52 0.02 -14.37 6.45
N GLN A 53 -0.83 -13.41 6.05
CA GLN A 53 -1.73 -12.74 7.00
C GLN A 53 -3.21 -13.08 6.72
N GLY A 54 -3.51 -13.48 5.48
CA GLY A 54 -4.87 -13.92 5.13
C GLY A 54 -5.79 -12.78 4.69
N ARG A 55 -5.33 -11.54 4.75
CA ARG A 55 -6.16 -10.38 4.39
C ARG A 55 -5.58 -9.58 3.20
N MET A 56 -6.37 -8.62 2.73
CA MET A 56 -5.96 -7.70 1.67
C MET A 56 -5.36 -6.42 2.27
N ILE A 57 -4.26 -5.94 1.69
CA ILE A 57 -3.65 -4.67 2.10
C ILE A 57 -3.57 -3.69 0.92
N GLN A 58 -3.87 -2.42 1.17
CA GLN A 58 -3.82 -1.39 0.13
C GLN A 58 -2.50 -0.60 0.21
N VAL A 59 -1.61 -0.85 -0.75
CA VAL A 59 -0.28 -0.21 -0.74
C VAL A 59 -0.17 0.90 -1.79
N SER A 60 0.28 2.07 -1.36
CA SER A 60 0.41 3.23 -2.25
C SER A 60 1.88 3.65 -2.44
N ILE A 61 2.31 3.87 -3.68
CA ILE A 61 3.67 4.36 -3.97
C ILE A 61 3.62 5.80 -4.50
N PRO A 62 4.53 6.67 -4.02
CA PRO A 62 4.55 8.10 -4.42
C PRO A 62 4.81 8.31 -5.92
N ALA A 63 4.42 9.47 -6.44
CA ALA A 63 4.61 9.82 -7.86
C ALA A 63 6.09 9.71 -8.30
N SER A 64 7.01 9.67 -7.34
CA SER A 64 8.44 9.55 -7.64
C SER A 64 8.80 8.15 -8.19
N VAL A 65 7.84 7.22 -8.13
CA VAL A 65 8.08 5.83 -8.55
C VAL A 65 7.35 5.49 -9.86
N PRO A 66 8.07 4.90 -10.84
CA PRO A 66 7.46 4.42 -12.10
C PRO A 66 6.49 3.25 -11.88
N LEU A 67 5.63 3.00 -12.86
CA LEU A 67 4.60 1.96 -12.78
C LEU A 67 5.20 0.54 -12.76
N LYS A 68 4.72 -0.30 -11.85
CA LYS A 68 5.12 -1.70 -11.81
C LYS A 68 4.30 -2.55 -12.79
N GLU A 69 4.93 -2.98 -13.86
CA GLU A 69 4.28 -3.85 -14.83
C GLU A 69 4.40 -5.32 -14.40
N PHE A 70 3.56 -5.73 -13.46
CA PHE A 70 3.55 -7.12 -12.98
C PHE A 70 2.25 -7.83 -13.37
N ASP A 71 2.33 -9.14 -13.54
CA ASP A 71 1.17 -9.95 -13.91
C ASP A 71 0.25 -10.22 -12.71
N TYR A 72 -0.93 -10.79 -12.97
CA TYR A 72 -1.92 -11.02 -11.93
C TYR A 72 -1.39 -11.93 -10.80
N ASN A 73 -1.45 -11.44 -9.57
CA ASN A 73 -0.97 -12.16 -8.39
C ASN A 73 0.54 -12.40 -8.43
N ALA A 74 1.29 -11.44 -8.99
CA ALA A 74 2.76 -11.54 -9.05
C ALA A 74 3.39 -11.49 -7.64
N ARG A 75 4.38 -12.35 -7.41
CA ARG A 75 5.08 -12.42 -6.12
C ARG A 75 5.91 -11.16 -5.85
N VAL A 76 5.35 -10.22 -5.08
CA VAL A 76 6.03 -8.95 -4.78
C VAL A 76 6.20 -8.72 -3.26
N GLU A 77 6.86 -7.62 -2.91
CA GLU A 77 7.02 -7.20 -1.52
C GLU A 77 7.35 -5.69 -1.45
N LEU A 78 7.53 -5.17 -0.24
CA LEU A 78 7.70 -3.72 -0.04
C LEU A 78 9.09 -3.37 0.53
N ILE A 79 9.58 -2.19 0.16
CA ILE A 79 10.85 -1.68 0.70
C ILE A 79 10.64 -1.00 2.08
N ASN A 80 10.04 0.19 2.08
CA ASN A 80 9.69 0.88 3.34
C ASN A 80 8.18 1.16 3.43
N PRO A 81 7.40 0.20 3.95
CA PRO A 81 5.95 0.38 4.16
C PRO A 81 5.61 1.12 5.48
N ILE A 82 4.66 2.06 5.42
CA ILE A 82 4.16 2.72 6.64
C ILE A 82 2.62 2.69 6.69
N ALA A 83 2.08 2.35 7.86
CA ALA A 83 0.62 2.38 8.07
C ALA A 83 0.16 3.82 8.32
N ASP A 84 -0.59 4.38 7.38
CA ASP A 84 -0.95 5.81 7.43
C ASP A 84 -2.40 6.02 7.91
N THR A 85 -2.65 7.20 8.50
CA THR A 85 -3.97 7.53 9.05
C THR A 85 -4.63 8.71 8.31
N VAL A 86 -3.99 9.18 7.23
CA VAL A 86 -4.51 10.33 6.46
C VAL A 86 -6.01 10.23 6.13
N ALA A 87 -6.52 9.01 5.95
CA ALA A 87 -7.92 8.79 5.58
C ALA A 87 -8.91 9.03 6.75
N THR A 88 -8.39 9.39 7.92
CA THR A 88 -9.23 9.60 9.12
C THR A 88 -10.07 10.89 9.05
N ALA A 89 -9.85 11.70 8.01
CA ALA A 89 -10.55 12.99 7.87
C ALA A 89 -11.80 12.88 6.98
N THR A 90 -11.64 12.41 5.75
CA THR A 90 -12.77 12.33 4.80
C THR A 90 -13.68 11.12 5.07
N TYR A 91 -13.13 10.07 5.68
CA TYR A 91 -13.91 8.87 5.99
C TYR A 91 -14.26 8.78 7.48
N GLN A 92 -15.53 8.49 7.77
CA GLN A 92 -16.00 8.35 9.15
C GLN A 92 -15.64 6.96 9.73
N GLY A 93 -14.39 6.54 9.50
CA GLY A 93 -13.96 5.20 9.89
C GLY A 93 -13.65 4.31 8.68
N ALA A 94 -12.37 4.08 8.42
CA ALA A 94 -11.94 3.30 7.25
C ALA A 94 -11.26 1.99 7.67
N ASP A 95 -11.85 1.31 8.64
CA ASP A 95 -11.25 0.10 9.22
C ASP A 95 -11.56 -1.17 8.40
N VAL A 96 -12.12 -1.00 7.20
CA VAL A 96 -12.43 -2.13 6.32
C VAL A 96 -11.15 -2.83 5.79
N ASP A 97 -10.28 -2.07 5.14
CA ASP A 97 -8.97 -2.59 4.70
C ASP A 97 -7.91 -1.48 4.72
N TRP A 98 -7.02 -1.56 5.72
CA TRP A 98 -6.02 -0.50 6.00
C TRP A 98 -5.09 -0.18 4.81
N TYR A 99 -4.67 1.09 4.75
CA TYR A 99 -3.81 1.58 3.67
C TYR A 99 -2.35 1.75 4.13
N ILE A 100 -1.47 0.97 3.51
CA ILE A 100 -0.03 1.01 3.81
C ILE A 100 0.74 1.71 2.68
N LYS A 101 1.15 2.94 2.93
CA LYS A 101 1.87 3.73 1.93
C LYS A 101 3.37 3.43 1.99
N ALA A 102 3.95 2.97 0.89
CA ALA A 102 5.32 2.44 0.90
C ALA A 102 6.28 3.24 0.01
N ASP A 103 7.58 3.06 0.27
CA ASP A 103 8.64 3.67 -0.55
C ASP A 103 8.63 3.14 -2.00
N ASP A 104 8.70 1.81 -2.13
CA ASP A 104 8.74 1.17 -3.45
C ASP A 104 8.28 -0.30 -3.38
N ILE A 105 7.87 -0.85 -4.52
CA ILE A 105 7.41 -2.25 -4.61
C ILE A 105 8.33 -3.07 -5.53
N VAL A 106 8.91 -4.14 -4.99
CA VAL A 106 9.80 -5.03 -5.74
C VAL A 106 9.31 -6.49 -5.67
N LEU A 107 10.03 -7.41 -6.31
CA LEU A 107 9.68 -8.83 -6.26
C LEU A 107 10.17 -9.49 -4.95
N THR A 108 9.45 -10.53 -4.50
CA THR A 108 9.77 -11.18 -3.22
C THR A 108 11.17 -11.84 -3.22
N LEU A 109 11.98 -11.47 -2.24
CA LEU A 109 13.34 -12.01 -2.11
C LEU A 109 13.33 -13.39 -1.43
N GLU A 110 13.61 -14.44 -2.21
CA GLU A 110 13.63 -15.82 -1.69
C GLU A 110 15.07 -16.35 -1.51
N MET A 1 20.07 9.72 -6.18
CA MET A 1 20.45 9.84 -4.75
C MET A 1 19.25 10.22 -3.87
N MET A 2 19.06 9.47 -2.78
CA MET A 2 17.96 9.73 -1.84
C MET A 2 18.25 9.11 -0.47
N ARG A 3 17.56 9.57 0.56
CA ARG A 3 17.76 9.05 1.92
C ARG A 3 16.86 7.83 2.22
N LEU A 4 16.00 7.47 1.27
CA LEU A 4 15.10 6.32 1.44
C LEU A 4 15.84 4.99 1.30
N ALA A 5 15.47 4.02 2.13
CA ALA A 5 16.10 2.69 2.14
C ALA A 5 17.57 2.74 2.57
N ASN A 6 18.01 3.88 3.10
CA ASN A 6 19.39 4.04 3.59
C ASN A 6 19.62 3.26 4.89
N GLY A 7 18.64 3.34 5.81
CA GLY A 7 18.75 2.63 7.09
C GLY A 7 17.49 2.75 7.93
N ILE A 8 16.60 1.75 7.82
CA ILE A 8 15.34 1.73 8.57
C ILE A 8 15.08 0.34 9.20
N VAL A 9 14.08 0.27 10.07
CA VAL A 9 13.70 -1.00 10.71
C VAL A 9 12.82 -1.84 9.77
N LEU A 10 13.42 -2.90 9.21
CA LEU A 10 12.73 -3.79 8.27
C LEU A 10 11.38 -4.33 8.80
N ASP A 11 11.34 -4.76 10.06
CA ASP A 11 10.09 -5.28 10.65
C ASP A 11 10.17 -5.32 12.20
N LYS A 12 9.02 -5.57 12.82
CA LYS A 12 8.96 -5.78 14.27
C LYS A 12 7.70 -6.57 14.68
N ASP A 13 7.91 -7.88 14.95
CA ASP A 13 6.85 -8.79 15.45
C ASP A 13 5.81 -9.16 14.36
N THR A 14 5.22 -8.16 13.71
CA THR A 14 4.20 -8.38 12.68
C THR A 14 4.70 -9.29 11.55
N THR A 15 4.22 -10.54 11.53
CA THR A 15 4.62 -11.52 10.52
C THR A 15 3.76 -11.41 9.24
N PHE A 16 4.29 -10.74 8.23
CA PHE A 16 3.61 -10.61 6.95
C PHE A 16 3.87 -11.82 6.05
N GLY A 17 2.80 -12.54 5.72
CA GLY A 17 2.90 -13.66 4.80
C GLY A 17 3.15 -13.23 3.35
N GLU A 18 3.35 -14.20 2.46
CA GLU A 18 3.64 -13.91 1.06
C GLU A 18 2.59 -12.97 0.42
N LEU A 19 3.02 -11.75 0.09
CA LEU A 19 2.17 -10.75 -0.56
C LEU A 19 2.16 -10.94 -2.08
N LYS A 20 0.98 -10.91 -2.69
CA LYS A 20 0.86 -11.10 -4.14
C LYS A 20 0.09 -9.95 -4.82
N PHE A 21 0.70 -9.38 -5.85
CA PHE A 21 0.08 -8.30 -6.63
C PHE A 21 -1.14 -8.79 -7.42
N SER A 22 -2.24 -8.03 -7.41
CA SER A 22 -3.40 -8.36 -8.23
C SER A 22 -3.63 -7.30 -9.33
N ALA A 23 -3.91 -6.07 -8.93
CA ALA A 23 -4.15 -4.98 -9.88
C ALA A 23 -3.96 -3.59 -9.23
N LEU A 24 -4.27 -2.54 -9.97
CA LEU A 24 -4.19 -1.16 -9.47
C LEU A 24 -5.56 -0.71 -8.90
N ARG A 25 -5.58 -0.28 -7.64
CA ARG A 25 -6.82 0.13 -6.97
C ARG A 25 -7.29 1.51 -7.44
N ARG A 26 -6.44 2.52 -7.28
CA ARG A 26 -6.82 3.90 -7.58
C ARG A 26 -5.61 4.84 -7.58
N GLU A 27 -5.59 5.78 -8.51
CA GLU A 27 -4.58 6.85 -8.51
C GLU A 27 -5.19 8.13 -7.94
N VAL A 28 -4.95 8.41 -6.66
CA VAL A 28 -5.46 9.64 -6.05
C VAL A 28 -4.72 10.86 -6.60
N ARG A 29 -5.42 11.67 -7.39
CA ARG A 29 -4.79 12.76 -8.13
C ARG A 29 -4.98 14.12 -7.44
N ILE A 30 -4.08 15.05 -7.74
CA ILE A 30 -4.05 16.36 -7.09
C ILE A 30 -5.32 17.17 -7.37
N GLN A 31 -6.09 17.44 -6.31
CA GLN A 31 -7.33 18.20 -6.43
C GLN A 31 -7.06 19.71 -6.29
N ASN A 32 -7.38 20.46 -7.34
CA ASN A 32 -7.14 21.92 -7.35
C ASN A 32 -7.92 22.63 -6.23
N GLU A 33 -7.48 23.84 -5.90
CA GLU A 33 -8.14 24.64 -4.85
C GLU A 33 -9.60 24.97 -5.21
N ASP A 34 -9.93 24.82 -6.49
CA ASP A 34 -11.28 25.08 -6.98
C ASP A 34 -12.22 23.88 -6.76
N GLY A 35 -11.70 22.80 -6.18
CA GLY A 35 -12.52 21.62 -5.91
C GLY A 35 -12.47 20.56 -7.01
N SER A 36 -11.91 20.91 -8.16
CA SER A 36 -11.79 19.97 -9.30
C SER A 36 -10.52 19.12 -9.20
N VAL A 37 -10.56 17.92 -9.77
CA VAL A 37 -9.42 17.01 -9.73
C VAL A 37 -8.54 17.12 -10.99
N SER A 38 -7.25 17.36 -10.79
CA SER A 38 -6.30 17.52 -11.90
C SER A 38 -5.87 16.16 -12.48
N ASP A 39 -5.07 16.21 -13.54
CA ASP A 39 -4.54 15.00 -14.17
C ASP A 39 -3.27 14.51 -13.45
N GLU A 40 -2.59 15.43 -12.75
CA GLU A 40 -1.41 15.08 -11.97
C GLU A 40 -1.76 14.20 -10.76
N ILE A 41 -0.90 13.25 -10.43
CA ILE A 41 -1.19 12.26 -9.38
C ILE A 41 -0.49 12.62 -8.06
N LYS A 42 -1.19 12.38 -6.94
CA LYS A 42 -0.61 12.54 -5.61
C LYS A 42 0.18 11.28 -5.23
N GLU A 43 -0.47 10.13 -5.37
CA GLU A 43 0.16 8.82 -5.14
C GLU A 43 -0.71 7.68 -5.72
N ARG A 44 -0.08 6.52 -5.95
CA ARG A 44 -0.76 5.38 -6.59
C ARG A 44 -1.06 4.25 -5.59
N THR A 45 -2.33 3.88 -5.48
CA THR A 45 -2.75 2.78 -4.59
C THR A 45 -2.87 1.45 -5.35
N TYR A 46 -2.00 0.49 -5.02
CA TYR A 46 -2.03 -0.85 -5.63
C TYR A 46 -2.70 -1.88 -4.73
N ASP A 47 -3.22 -2.95 -5.33
CA ASP A 47 -3.89 -4.03 -4.60
C ASP A 47 -2.94 -5.21 -4.34
N LEU A 48 -2.67 -5.48 -3.07
CA LEU A 48 -1.84 -6.62 -2.68
C LEU A 48 -2.62 -7.61 -1.81
N LYS A 49 -2.63 -8.89 -2.21
CA LYS A 49 -3.31 -9.94 -1.47
C LYS A 49 -2.31 -10.83 -0.70
N SER A 50 -2.39 -10.80 0.62
CA SER A 50 -1.51 -11.63 1.46
C SER A 50 -2.04 -13.07 1.54
N LYS A 51 -1.39 -13.99 0.83
CA LYS A 51 -1.78 -15.39 0.86
C LYS A 51 -1.28 -16.10 2.12
N GLY A 52 -0.24 -15.53 2.75
CA GLY A 52 0.25 -16.08 4.00
C GLY A 52 -0.73 -15.90 5.16
N GLN A 53 -1.28 -14.69 5.31
CA GLN A 53 -2.24 -14.40 6.39
C GLN A 53 -3.69 -14.52 5.89
N GLY A 54 -3.93 -14.19 4.62
CA GLY A 54 -5.25 -14.31 4.03
C GLY A 54 -6.11 -13.04 4.14
N ARG A 55 -5.48 -11.88 3.96
CA ARG A 55 -6.20 -10.59 4.03
C ARG A 55 -5.80 -9.63 2.90
N MET A 56 -6.66 -8.64 2.64
CA MET A 56 -6.42 -7.61 1.62
C MET A 56 -5.79 -6.35 2.22
N ILE A 57 -4.74 -5.84 1.57
CA ILE A 57 -4.12 -4.57 1.98
C ILE A 57 -4.04 -3.60 0.79
N GLN A 58 -4.28 -2.31 1.05
CA GLN A 58 -4.13 -1.28 0.01
C GLN A 58 -2.84 -0.46 0.22
N VAL A 59 -1.87 -0.63 -0.67
CA VAL A 59 -0.59 0.05 -0.55
C VAL A 59 -0.49 1.26 -1.50
N SER A 60 0.05 2.38 -1.01
CA SER A 60 0.18 3.59 -1.83
C SER A 60 1.63 4.10 -1.89
N ILE A 61 2.11 4.34 -3.12
CA ILE A 61 3.46 4.85 -3.34
C ILE A 61 3.41 6.22 -4.07
N PRO A 62 4.43 7.08 -3.90
CA PRO A 62 4.45 8.42 -4.52
C PRO A 62 4.35 8.39 -6.05
N ALA A 63 3.81 9.48 -6.63
CA ALA A 63 3.63 9.57 -8.09
C ALA A 63 4.97 9.53 -8.84
N SER A 64 6.06 9.78 -8.12
CA SER A 64 7.41 9.71 -8.71
C SER A 64 7.77 8.29 -9.14
N VAL A 65 7.06 7.30 -8.60
CA VAL A 65 7.31 5.90 -8.94
C VAL A 65 6.38 5.41 -10.06
N PRO A 66 6.95 4.88 -11.16
CA PRO A 66 6.16 4.43 -12.34
C PRO A 66 5.31 3.16 -12.09
N LEU A 67 4.42 2.85 -13.03
CA LEU A 67 3.53 1.69 -12.94
C LEU A 67 4.31 0.37 -13.10
N LYS A 68 4.11 -0.56 -12.16
CA LYS A 68 4.78 -1.86 -12.23
C LYS A 68 4.00 -2.88 -13.08
N GLU A 69 4.59 -3.29 -14.19
CA GLU A 69 4.02 -4.30 -15.08
C GLU A 69 4.27 -5.72 -14.53
N PHE A 70 3.91 -5.94 -13.26
CA PHE A 70 4.15 -7.23 -12.60
C PHE A 70 3.14 -8.30 -13.04
N ASP A 71 3.51 -9.57 -12.85
CA ASP A 71 2.65 -10.70 -13.19
C ASP A 71 1.53 -10.89 -12.14
N TYR A 72 0.37 -11.38 -12.58
CA TYR A 72 -0.76 -11.60 -11.69
C TYR A 72 -0.41 -12.60 -10.57
N ASN A 73 -0.50 -12.14 -9.31
CA ASN A 73 -0.22 -12.96 -8.13
C ASN A 73 1.28 -13.27 -7.96
N ALA A 74 2.12 -12.41 -8.52
CA ALA A 74 3.57 -12.47 -8.27
C ALA A 74 3.90 -11.97 -6.85
N ARG A 75 4.78 -12.67 -6.16
CA ARG A 75 5.18 -12.29 -4.80
C ARG A 75 5.95 -10.96 -4.79
N VAL A 76 5.49 -10.01 -3.98
CA VAL A 76 6.07 -8.66 -3.93
C VAL A 76 6.42 -8.22 -2.50
N GLU A 77 7.42 -7.35 -2.38
CA GLU A 77 7.80 -6.75 -1.09
C GLU A 77 7.99 -5.23 -1.24
N LEU A 78 7.88 -4.50 -0.13
CA LEU A 78 7.84 -3.03 -0.18
C LEU A 78 9.15 -2.37 0.28
N ILE A 79 9.53 -1.29 -0.39
CA ILE A 79 10.69 -0.48 -0.01
C ILE A 79 10.24 0.73 0.83
N ASN A 80 10.70 0.80 2.07
CA ASN A 80 10.26 1.83 3.05
C ASN A 80 8.74 1.73 3.33
N PRO A 81 8.26 0.57 3.83
CA PRO A 81 6.84 0.36 4.13
C PRO A 81 6.41 0.93 5.51
N ILE A 82 5.31 1.66 5.55
CA ILE A 82 4.74 2.18 6.81
C ILE A 82 3.20 2.08 6.81
N ALA A 83 2.62 1.75 7.97
CA ALA A 83 1.16 1.68 8.10
C ALA A 83 0.56 3.09 8.16
N ASP A 84 -0.36 3.39 7.26
CA ASP A 84 -0.93 4.74 7.16
C ASP A 84 -1.91 5.00 8.31
N THR A 85 -1.95 6.25 8.78
CA THR A 85 -2.82 6.65 9.90
C THR A 85 -4.03 7.47 9.43
N VAL A 86 -4.19 7.60 8.12
CA VAL A 86 -5.33 8.34 7.55
C VAL A 86 -6.60 7.49 7.56
N ALA A 87 -7.75 8.15 7.64
CA ALA A 87 -9.07 7.49 7.53
C ALA A 87 -9.43 6.61 8.75
N THR A 88 -8.49 6.41 9.67
CA THR A 88 -8.71 5.55 10.85
C THR A 88 -9.94 5.98 11.67
N ALA A 89 -10.16 7.29 11.78
CA ALA A 89 -11.30 7.83 12.54
C ALA A 89 -12.52 8.06 11.63
N THR A 90 -12.31 7.99 10.32
CA THR A 90 -13.39 8.22 9.35
C THR A 90 -14.26 6.98 9.14
N TYR A 91 -13.61 5.81 9.13
CA TYR A 91 -14.29 4.54 8.86
C TYR A 91 -15.12 4.05 10.07
N GLN A 92 -15.75 2.88 9.92
CA GLN A 92 -16.74 2.41 10.88
C GLN A 92 -16.15 1.41 11.88
N GLY A 93 -17.00 0.91 12.79
CA GLY A 93 -16.56 0.01 13.86
C GLY A 93 -15.89 -1.27 13.36
N ALA A 94 -16.52 -1.95 12.40
CA ALA A 94 -15.96 -3.18 11.83
C ALA A 94 -15.58 -3.02 10.35
N ASP A 95 -15.83 -1.82 9.80
CA ASP A 95 -15.58 -1.56 8.38
C ASP A 95 -14.27 -0.77 8.17
N VAL A 96 -13.21 -1.47 7.74
CA VAL A 96 -11.94 -0.82 7.36
C VAL A 96 -10.89 -1.84 6.88
N ASP A 97 -10.52 -1.75 5.60
CA ASP A 97 -9.34 -2.45 5.09
C ASP A 97 -8.15 -1.49 5.06
N TRP A 98 -7.20 -1.71 5.97
CA TRP A 98 -6.13 -0.73 6.25
C TRP A 98 -5.21 -0.45 5.06
N TYR A 99 -4.53 0.70 5.14
CA TYR A 99 -3.68 1.22 4.07
C TYR A 99 -2.20 1.25 4.49
N ILE A 100 -1.31 0.99 3.54
CA ILE A 100 0.14 0.99 3.80
C ILE A 100 0.89 1.84 2.77
N LYS A 101 1.63 2.85 3.25
CA LYS A 101 2.41 3.70 2.34
C LYS A 101 3.82 3.12 2.14
N ALA A 102 4.40 3.34 0.96
CA ALA A 102 5.74 2.85 0.66
C ALA A 102 6.47 3.77 -0.32
N ASP A 103 7.79 3.65 -0.37
CA ASP A 103 8.61 4.43 -1.31
C ASP A 103 8.67 3.74 -2.69
N ASP A 104 8.61 2.40 -2.68
CA ASP A 104 8.68 1.64 -3.93
C ASP A 104 8.14 0.20 -3.76
N ILE A 105 7.66 -0.37 -4.86
CA ILE A 105 7.10 -1.72 -4.88
C ILE A 105 7.96 -2.67 -5.74
N VAL A 106 8.58 -3.66 -5.10
CA VAL A 106 9.43 -4.63 -5.82
C VAL A 106 8.97 -6.07 -5.59
N LEU A 107 9.65 -7.02 -6.22
CA LEU A 107 9.32 -8.45 -6.07
C LEU A 107 9.99 -9.06 -4.82
N THR A 108 9.32 -10.02 -4.19
CA THR A 108 9.85 -10.69 -3.00
C THR A 108 11.10 -11.52 -3.33
N LEU A 109 12.02 -11.64 -2.38
CA LEU A 109 13.25 -12.41 -2.58
C LEU A 109 13.03 -13.94 -2.54
N GLU A 110 11.91 -14.40 -3.11
CA GLU A 110 11.62 -15.84 -3.24
C GLU A 110 10.77 -16.12 -4.50
N MET A 1 30.40 -6.02 22.36
CA MET A 1 29.09 -5.60 21.79
C MET A 1 27.95 -5.81 22.80
N MET A 2 27.12 -4.79 22.97
CA MET A 2 26.00 -4.85 23.91
C MET A 2 24.66 -5.05 23.20
N ARG A 3 23.68 -5.57 23.93
CA ARG A 3 22.35 -5.82 23.36
C ARG A 3 21.39 -4.66 23.65
N LEU A 4 21.25 -3.75 22.69
CA LEU A 4 20.33 -2.61 22.83
C LEU A 4 18.89 -3.01 22.50
N ALA A 5 17.95 -2.66 23.37
CA ALA A 5 16.53 -2.97 23.17
C ALA A 5 15.91 -2.05 22.12
N ASN A 6 14.72 -2.42 21.63
CA ASN A 6 14.04 -1.67 20.58
C ASN A 6 13.78 -0.20 20.99
N GLY A 7 13.03 -0.01 22.07
CA GLY A 7 12.70 1.33 22.53
C GLY A 7 11.78 2.08 21.56
N ILE A 8 11.03 1.33 20.76
CA ILE A 8 10.15 1.89 19.74
C ILE A 8 8.68 1.98 20.22
N VAL A 9 7.91 2.84 19.56
CA VAL A 9 6.49 3.02 19.89
C VAL A 9 5.61 2.66 18.68
N LEU A 10 5.77 3.42 17.59
CA LEU A 10 5.01 3.20 16.35
C LEU A 10 5.83 2.40 15.35
N ASP A 11 7.03 2.90 15.06
CA ASP A 11 7.96 2.29 14.11
C ASP A 11 8.26 0.81 14.45
N LYS A 12 7.48 -0.10 13.88
CA LYS A 12 7.66 -1.54 14.12
C LYS A 12 7.72 -2.31 12.79
N ASP A 13 7.81 -3.64 12.89
CA ASP A 13 7.73 -4.51 11.72
C ASP A 13 6.26 -4.87 11.45
N THR A 14 5.80 -4.59 10.24
CA THR A 14 4.42 -4.87 9.84
C THR A 14 4.09 -6.37 9.83
N THR A 15 5.14 -7.20 9.77
CA THR A 15 5.00 -8.67 9.82
C THR A 15 4.18 -9.21 8.62
N PHE A 16 4.86 -9.37 7.48
CA PHE A 16 4.26 -9.99 6.30
C PHE A 16 5.20 -11.04 5.69
N GLY A 17 4.65 -12.19 5.32
CA GLY A 17 5.43 -13.22 4.65
C GLY A 17 5.29 -13.18 3.14
N GLU A 18 4.34 -13.96 2.61
CA GLU A 18 4.06 -13.97 1.18
C GLU A 18 2.98 -12.94 0.80
N LEU A 19 3.41 -11.87 0.12
CA LEU A 19 2.47 -10.87 -0.43
C LEU A 19 2.39 -11.00 -1.95
N LYS A 20 1.18 -11.07 -2.50
CA LYS A 20 1.02 -11.24 -3.95
C LYS A 20 0.26 -10.07 -4.59
N PHE A 21 0.72 -9.66 -5.78
CA PHE A 21 0.06 -8.60 -6.54
C PHE A 21 -1.20 -9.13 -7.24
N SER A 22 -2.24 -8.29 -7.30
CA SER A 22 -3.50 -8.66 -7.98
C SER A 22 -3.86 -7.63 -9.07
N ALA A 23 -4.10 -6.39 -8.65
CA ALA A 23 -4.52 -5.34 -9.59
C ALA A 23 -4.21 -3.94 -9.05
N LEU A 24 -4.45 -2.93 -9.88
CA LEU A 24 -4.25 -1.53 -9.49
C LEU A 24 -5.51 -0.96 -8.83
N ARG A 25 -5.43 -0.64 -7.54
CA ARG A 25 -6.57 -0.08 -6.80
C ARG A 25 -7.01 1.26 -7.39
N ARG A 26 -6.09 2.23 -7.44
CA ARG A 26 -6.40 3.57 -7.96
C ARG A 26 -5.17 4.48 -7.99
N GLU A 27 -5.07 5.31 -9.03
CA GLU A 27 -4.09 6.39 -9.06
C GLU A 27 -4.77 7.72 -8.71
N VAL A 28 -4.66 8.15 -7.45
CA VAL A 28 -5.36 9.35 -6.99
C VAL A 28 -4.65 10.64 -7.45
N ARG A 29 -5.40 11.52 -8.09
CA ARG A 29 -4.87 12.81 -8.56
C ARG A 29 -5.15 13.94 -7.57
N ILE A 30 -4.35 15.01 -7.64
CA ILE A 30 -4.49 16.15 -6.74
C ILE A 30 -5.75 16.98 -7.08
N GLN A 31 -6.47 17.45 -6.06
CA GLN A 31 -7.70 18.22 -6.29
C GLN A 31 -7.49 19.72 -5.99
N ASN A 32 -7.75 20.57 -6.98
CA ASN A 32 -7.52 22.02 -6.86
C ASN A 32 -8.54 22.70 -5.92
N GLU A 33 -8.25 23.95 -5.54
CA GLU A 33 -9.15 24.74 -4.68
C GLU A 33 -10.53 24.93 -5.33
N ASP A 34 -10.57 24.85 -6.67
CA ASP A 34 -11.83 24.96 -7.42
C ASP A 34 -12.78 23.77 -7.12
N GLY A 35 -12.25 22.73 -6.49
CA GLY A 35 -13.03 21.52 -6.25
C GLY A 35 -12.92 20.52 -7.39
N SER A 36 -12.21 20.89 -8.44
CA SER A 36 -12.01 20.02 -9.61
C SER A 36 -10.66 19.31 -9.55
N VAL A 37 -10.62 18.10 -10.12
CA VAL A 37 -9.41 17.27 -10.09
C VAL A 37 -8.35 17.80 -11.07
N SER A 38 -7.09 17.73 -10.68
CA SER A 38 -5.97 18.27 -11.46
C SER A 38 -5.39 17.22 -12.42
N ASP A 39 -4.52 17.68 -13.32
CA ASP A 39 -3.80 16.80 -14.24
C ASP A 39 -2.65 16.08 -13.52
N GLU A 40 -2.13 16.71 -12.47
CA GLU A 40 -1.07 16.12 -11.64
C GLU A 40 -1.60 15.05 -10.69
N ILE A 41 -0.79 14.02 -10.45
CA ILE A 41 -1.19 12.89 -9.61
C ILE A 41 -0.62 13.03 -8.19
N LYS A 42 -1.39 12.58 -7.20
CA LYS A 42 -0.96 12.60 -5.81
C LYS A 42 -0.08 11.38 -5.47
N GLU A 43 -0.62 10.19 -5.69
CA GLU A 43 0.11 8.93 -5.41
C GLU A 43 -0.62 7.71 -6.01
N ARG A 44 0.11 6.61 -6.17
CA ARG A 44 -0.44 5.40 -6.81
C ARG A 44 -0.70 4.27 -5.80
N THR A 45 -1.93 3.76 -5.78
CA THR A 45 -2.34 2.73 -4.82
C THR A 45 -2.51 1.35 -5.49
N TYR A 46 -1.75 0.35 -5.00
CA TYR A 46 -1.81 -1.02 -5.55
C TYR A 46 -2.48 -2.00 -4.56
N ASP A 47 -3.08 -3.06 -5.11
CA ASP A 47 -3.72 -4.11 -4.30
C ASP A 47 -2.80 -5.33 -4.09
N LEU A 48 -2.37 -5.53 -2.85
CA LEU A 48 -1.58 -6.71 -2.47
C LEU A 48 -2.38 -7.58 -1.48
N LYS A 49 -2.48 -8.88 -1.77
CA LYS A 49 -3.26 -9.79 -0.92
C LYS A 49 -2.39 -10.94 -0.37
N SER A 50 -2.70 -11.37 0.86
CA SER A 50 -1.99 -12.50 1.49
C SER A 50 -2.94 -13.71 1.66
N LYS A 51 -2.49 -14.89 1.24
CA LYS A 51 -3.31 -16.10 1.29
C LYS A 51 -3.31 -16.75 2.68
N GLY A 52 -4.19 -17.72 2.89
CA GLY A 52 -4.26 -18.42 4.17
C GLY A 52 -4.88 -17.57 5.26
N GLN A 53 -4.12 -16.61 5.77
CA GLN A 53 -4.62 -15.63 6.75
C GLN A 53 -5.72 -14.75 6.11
N GLY A 54 -5.62 -14.56 4.80
CA GLY A 54 -6.67 -13.88 4.04
C GLY A 54 -6.83 -12.40 4.39
N ARG A 55 -5.73 -11.64 4.34
CA ARG A 55 -5.79 -10.20 4.63
C ARG A 55 -5.25 -9.38 3.44
N MET A 56 -5.95 -8.31 3.10
CA MET A 56 -5.61 -7.47 1.94
C MET A 56 -5.12 -6.09 2.38
N ILE A 57 -4.12 -5.58 1.67
CA ILE A 57 -3.53 -4.26 1.98
C ILE A 57 -3.36 -3.42 0.71
N GLN A 58 -3.70 -2.13 0.80
CA GLN A 58 -3.47 -1.19 -0.31
C GLN A 58 -2.17 -0.40 -0.10
N VAL A 59 -1.20 -0.61 -0.96
CA VAL A 59 0.09 0.08 -0.85
C VAL A 59 0.13 1.34 -1.74
N SER A 60 0.32 2.50 -1.10
CA SER A 60 0.34 3.78 -1.82
C SER A 60 1.75 4.38 -1.89
N ILE A 61 2.28 4.48 -3.11
CA ILE A 61 3.61 5.08 -3.33
C ILE A 61 3.50 6.45 -4.02
N PRO A 62 4.50 7.35 -3.83
CA PRO A 62 4.47 8.70 -4.43
C PRO A 62 4.27 8.70 -5.97
N ALA A 63 3.59 9.73 -6.48
CA ALA A 63 3.23 9.81 -7.91
C ALA A 63 4.47 9.90 -8.83
N SER A 64 5.61 10.30 -8.27
CA SER A 64 6.85 10.37 -9.03
C SER A 64 7.36 8.97 -9.43
N VAL A 65 6.88 7.95 -8.73
CA VAL A 65 7.24 6.55 -9.02
C VAL A 65 6.31 5.96 -10.10
N PRO A 66 6.87 5.39 -11.18
CA PRO A 66 6.07 4.86 -12.31
C PRO A 66 5.22 3.63 -11.95
N LEU A 67 4.45 3.15 -12.93
CA LEU A 67 3.50 2.04 -12.73
C LEU A 67 4.22 0.67 -12.74
N LYS A 68 4.01 -0.12 -11.69
CA LYS A 68 4.56 -1.48 -11.63
C LYS A 68 3.71 -2.48 -12.43
N GLU A 69 4.34 -3.14 -13.37
CA GLU A 69 3.66 -4.15 -14.21
C GLU A 69 4.00 -5.57 -13.73
N PHE A 70 3.37 -6.00 -12.64
CA PHE A 70 3.58 -7.33 -12.09
C PHE A 70 2.61 -8.37 -12.68
N ASP A 71 2.62 -9.58 -12.13
CA ASP A 71 1.76 -10.68 -12.60
C ASP A 71 0.80 -11.15 -11.50
N TYR A 72 -0.27 -11.85 -11.90
CA TYR A 72 -1.27 -12.35 -10.96
C TYR A 72 -0.65 -13.35 -9.96
N ASN A 73 -0.81 -13.06 -8.67
CA ASN A 73 -0.23 -13.88 -7.58
C ASN A 73 1.31 -13.81 -7.54
N ALA A 74 1.89 -12.83 -8.24
CA ALA A 74 3.35 -12.64 -8.20
C ALA A 74 3.80 -12.10 -6.83
N ARG A 75 4.74 -12.79 -6.19
CA ARG A 75 5.27 -12.37 -4.90
C ARG A 75 5.98 -11.02 -5.00
N VAL A 76 5.53 -10.05 -4.22
CA VAL A 76 6.13 -8.71 -4.19
C VAL A 76 6.52 -8.30 -2.77
N GLU A 77 7.67 -7.65 -2.63
CA GLU A 77 8.13 -7.15 -1.34
C GLU A 77 8.35 -5.63 -1.37
N LEU A 78 8.22 -5.00 -0.21
CA LEU A 78 8.36 -3.54 -0.09
C LEU A 78 9.74 -3.16 0.46
N ILE A 79 10.28 -2.04 -0.01
CA ILE A 79 11.54 -1.52 0.51
C ILE A 79 11.34 -0.88 1.90
N ASN A 80 10.69 0.29 1.94
CA ASN A 80 10.39 0.97 3.21
C ASN A 80 8.88 1.21 3.38
N PRO A 81 8.14 0.22 3.91
CA PRO A 81 6.69 0.34 4.20
C PRO A 81 6.39 1.05 5.53
N ILE A 82 5.26 1.74 5.60
CA ILE A 82 4.75 2.31 6.86
C ILE A 82 3.22 2.16 6.94
N ALA A 83 2.72 1.69 8.08
CA ALA A 83 1.28 1.53 8.30
C ALA A 83 0.62 2.87 8.64
N ASP A 84 -0.41 3.25 7.88
CA ASP A 84 -1.07 4.54 8.10
C ASP A 84 -2.12 4.43 9.22
N THR A 85 -1.96 5.24 10.26
CA THR A 85 -2.90 5.28 11.38
C THR A 85 -3.64 6.62 11.45
N VAL A 86 -3.32 7.53 10.53
CA VAL A 86 -3.90 8.89 10.54
C VAL A 86 -5.16 8.99 9.69
N ALA A 87 -5.40 7.99 8.85
CA ALA A 87 -6.63 7.93 8.05
C ALA A 87 -7.89 7.65 8.91
N THR A 88 -7.66 7.43 10.21
CA THR A 88 -8.74 7.16 11.17
C THR A 88 -9.50 8.45 11.56
N ALA A 89 -9.88 9.25 10.55
CA ALA A 89 -10.59 10.51 10.80
C ALA A 89 -11.61 10.79 9.68
N THR A 90 -12.89 10.59 9.98
CA THR A 90 -14.00 10.86 9.02
C THR A 90 -14.08 9.83 7.88
N TYR A 91 -12.94 9.50 7.28
CA TYR A 91 -12.89 8.65 6.09
C TYR A 91 -13.57 7.28 6.31
N GLN A 92 -13.25 6.62 7.41
CA GLN A 92 -13.78 5.27 7.67
C GLN A 92 -14.02 5.04 9.17
N GLY A 93 -15.21 4.55 9.52
CA GLY A 93 -15.52 4.23 10.91
C GLY A 93 -15.37 2.74 11.25
N ALA A 94 -15.67 1.87 10.29
CA ALA A 94 -15.53 0.42 10.47
C ALA A 94 -14.16 -0.09 10.00
N ASP A 95 -13.71 -1.19 10.60
CA ASP A 95 -12.40 -1.78 10.25
C ASP A 95 -12.46 -2.55 8.91
N VAL A 96 -11.97 -1.93 7.84
CA VAL A 96 -11.98 -2.53 6.50
C VAL A 96 -10.55 -2.70 5.95
N ASP A 97 -10.43 -2.87 4.63
CA ASP A 97 -9.11 -2.96 3.98
C ASP A 97 -8.30 -1.66 4.17
N TRP A 98 -7.16 -1.78 4.85
CA TRP A 98 -6.35 -0.63 5.28
C TRP A 98 -5.19 -0.33 4.32
N TYR A 99 -4.51 0.81 4.55
CA TYR A 99 -3.48 1.31 3.64
C TYR A 99 -2.06 1.27 4.25
N ILE A 100 -1.09 0.90 3.40
CA ILE A 100 0.32 0.94 3.75
C ILE A 100 1.11 1.81 2.76
N LYS A 101 1.63 2.94 3.22
CA LYS A 101 2.42 3.82 2.36
C LYS A 101 3.88 3.36 2.31
N ALA A 102 4.48 3.34 1.12
CA ALA A 102 5.82 2.77 0.96
C ALA A 102 6.70 3.56 -0.01
N ASP A 103 8.00 3.28 0.05
CA ASP A 103 8.98 3.88 -0.86
C ASP A 103 8.86 3.30 -2.29
N ASP A 104 9.19 2.01 -2.43
CA ASP A 104 9.10 1.33 -3.72
C ASP A 104 8.58 -0.11 -3.57
N ILE A 105 8.14 -0.69 -4.70
CA ILE A 105 7.58 -2.05 -4.72
C ILE A 105 8.29 -2.92 -5.77
N VAL A 106 8.88 -4.03 -5.33
CA VAL A 106 9.60 -4.96 -6.23
C VAL A 106 9.15 -6.41 -6.02
N LEU A 107 9.61 -7.30 -6.89
CA LEU A 107 9.30 -8.74 -6.77
C LEU A 107 10.15 -9.40 -5.67
N THR A 108 9.51 -10.23 -4.85
CA THR A 108 10.19 -10.94 -3.75
C THR A 108 11.20 -11.96 -4.29
N LEU A 109 12.39 -11.98 -3.72
CA LEU A 109 13.46 -12.91 -4.15
C LEU A 109 13.21 -14.34 -3.64
N GLU A 110 12.08 -14.56 -2.97
CA GLU A 110 11.73 -15.87 -2.39
C GLU A 110 10.91 -16.74 -3.35
N MET A 1 -12.02 -15.02 20.00
CA MET A 1 -13.49 -14.88 20.19
C MET A 1 -13.85 -14.28 21.57
N MET A 2 -12.85 -14.05 22.41
CA MET A 2 -13.08 -13.47 23.75
C MET A 2 -12.52 -12.04 23.87
N ARG A 3 -12.70 -11.41 25.02
CA ARG A 3 -12.19 -10.05 25.25
C ARG A 3 -10.80 -10.08 25.91
N LEU A 4 -9.75 -9.92 25.09
CA LEU A 4 -8.37 -9.89 25.57
C LEU A 4 -7.69 -8.56 25.20
N ALA A 5 -6.48 -8.34 25.69
CA ALA A 5 -5.72 -7.12 25.40
C ALA A 5 -4.24 -7.41 25.11
N ASN A 6 -3.50 -7.82 26.13
CA ASN A 6 -2.05 -8.07 25.98
C ASN A 6 -1.56 -9.08 27.04
N GLY A 7 -0.27 -9.46 26.95
CA GLY A 7 0.31 -10.37 27.92
C GLY A 7 0.11 -11.85 27.56
N ILE A 8 -0.99 -12.14 26.87
CA ILE A 8 -1.32 -13.51 26.45
C ILE A 8 -0.56 -13.92 25.18
N VAL A 9 -0.80 -15.14 24.71
CA VAL A 9 -0.24 -15.61 23.45
C VAL A 9 -0.96 -14.96 22.24
N LEU A 10 -0.46 -13.81 21.81
CA LEU A 10 -1.04 -13.09 20.67
C LEU A 10 -0.65 -13.73 19.33
N ASP A 11 0.55 -14.32 19.28
CA ASP A 11 1.07 -15.00 18.07
C ASP A 11 0.85 -14.15 16.81
N LYS A 12 1.50 -12.99 16.77
CA LYS A 12 1.30 -11.99 15.72
C LYS A 12 2.40 -12.02 14.66
N ASP A 13 2.02 -12.12 13.39
CA ASP A 13 2.97 -12.07 12.28
C ASP A 13 3.59 -10.67 12.14
N THR A 14 4.75 -10.46 12.75
CA THR A 14 5.46 -9.17 12.65
C THR A 14 6.05 -8.98 11.24
N THR A 15 6.47 -10.08 10.61
CA THR A 15 7.00 -10.05 9.24
C THR A 15 6.05 -10.82 8.29
N PHE A 16 5.62 -10.14 7.23
CA PHE A 16 4.68 -10.75 6.27
C PHE A 16 5.40 -11.69 5.28
N GLY A 17 4.75 -12.81 4.97
CA GLY A 17 5.27 -13.70 3.93
C GLY A 17 5.17 -13.10 2.53
N GLU A 18 5.58 -13.85 1.51
CA GLU A 18 5.56 -13.36 0.13
C GLU A 18 4.18 -12.79 -0.28
N LEU A 19 4.20 -11.58 -0.86
CA LEU A 19 2.97 -10.89 -1.27
C LEU A 19 2.66 -11.16 -2.75
N LYS A 20 1.37 -11.18 -3.09
CA LYS A 20 0.94 -11.43 -4.46
C LYS A 20 0.25 -10.20 -5.09
N PHE A 21 0.84 -9.68 -6.15
CA PHE A 21 0.28 -8.53 -6.88
C PHE A 21 -0.93 -8.94 -7.73
N SER A 22 -2.11 -8.42 -7.40
CA SER A 22 -3.32 -8.74 -8.19
C SER A 22 -3.66 -7.64 -9.19
N ALA A 23 -3.93 -6.42 -8.71
CA ALA A 23 -4.32 -5.32 -9.59
C ALA A 23 -4.08 -3.93 -8.96
N LEU A 24 -4.37 -2.89 -9.74
CA LEU A 24 -4.34 -1.50 -9.26
C LEU A 24 -5.64 -1.15 -8.52
N ARG A 25 -5.53 -0.79 -7.25
CA ARG A 25 -6.71 -0.52 -6.42
C ARG A 25 -7.36 0.83 -6.75
N ARG A 26 -6.58 1.91 -6.69
CA ARG A 26 -7.12 3.25 -6.87
C ARG A 26 -6.01 4.31 -6.98
N GLU A 27 -6.21 5.31 -7.84
CA GLU A 27 -5.29 6.45 -7.95
C GLU A 27 -5.94 7.74 -7.41
N VAL A 28 -5.36 8.32 -6.37
CA VAL A 28 -5.85 9.59 -5.83
C VAL A 28 -5.06 10.77 -6.40
N ARG A 29 -5.75 11.66 -7.13
CA ARG A 29 -5.10 12.78 -7.81
C ARG A 29 -5.06 14.05 -6.94
N ILE A 30 -4.46 15.10 -7.49
CA ILE A 30 -4.34 16.39 -6.80
C ILE A 30 -5.45 17.36 -7.23
N GLN A 31 -6.34 17.71 -6.30
CA GLN A 31 -7.44 18.62 -6.62
C GLN A 31 -6.99 20.09 -6.59
N ASN A 32 -7.32 20.82 -7.65
CA ASN A 32 -7.00 22.24 -7.75
C ASN A 32 -8.02 23.09 -6.97
N GLU A 33 -7.56 24.19 -6.37
CA GLU A 33 -8.45 25.07 -5.61
C GLU A 33 -9.53 25.69 -6.52
N ASP A 34 -9.27 25.66 -7.83
CA ASP A 34 -10.25 26.09 -8.83
C ASP A 34 -11.51 25.20 -8.81
N GLY A 35 -11.40 24.01 -8.21
CA GLY A 35 -12.53 23.10 -8.12
C GLY A 35 -12.27 21.76 -8.80
N SER A 36 -11.78 21.79 -10.04
CA SER A 36 -11.49 20.57 -10.80
C SER A 36 -10.22 19.86 -10.28
N VAL A 37 -10.13 18.56 -10.52
CA VAL A 37 -8.97 17.78 -10.08
C VAL A 37 -7.93 17.62 -11.21
N SER A 38 -6.70 18.03 -10.93
CA SER A 38 -5.60 17.99 -11.92
C SER A 38 -5.33 16.57 -12.45
N ASP A 39 -4.60 16.49 -13.55
CA ASP A 39 -4.10 15.21 -14.07
C ASP A 39 -2.83 14.78 -13.32
N GLU A 40 -2.36 15.65 -12.41
CA GLU A 40 -1.28 15.29 -11.49
C GLU A 40 -1.81 14.36 -10.40
N ILE A 41 -1.17 13.21 -10.24
CA ILE A 41 -1.62 12.21 -9.27
C ILE A 41 -0.85 12.34 -7.95
N LYS A 42 -1.53 12.18 -6.83
CA LYS A 42 -0.90 12.29 -5.51
C LYS A 42 -0.29 10.96 -5.07
N GLU A 43 -1.13 9.93 -4.97
CA GLU A 43 -0.68 8.57 -4.61
C GLU A 43 -1.38 7.50 -5.47
N ARG A 44 -0.79 6.32 -5.51
CA ARG A 44 -1.29 5.21 -6.32
C ARG A 44 -1.34 3.91 -5.50
N THR A 45 -2.55 3.44 -5.21
CA THR A 45 -2.76 2.25 -4.36
C THR A 45 -2.92 0.96 -5.18
N TYR A 46 -2.18 -0.08 -4.79
CA TYR A 46 -2.28 -1.40 -5.43
C TYR A 46 -2.87 -2.46 -4.47
N ASP A 47 -3.52 -3.48 -5.04
CA ASP A 47 -4.02 -4.61 -4.27
C ASP A 47 -2.94 -5.72 -4.14
N LEU A 48 -2.41 -5.90 -2.93
CA LEU A 48 -1.47 -6.99 -2.67
C LEU A 48 -2.06 -8.01 -1.69
N LYS A 49 -2.00 -9.29 -2.05
CA LYS A 49 -2.50 -10.35 -1.17
C LYS A 49 -1.42 -10.81 -0.18
N SER A 50 -1.68 -10.63 1.12
CA SER A 50 -0.70 -10.95 2.17
C SER A 50 -0.91 -12.35 2.75
N LYS A 51 0.20 -12.98 3.13
CA LYS A 51 0.17 -14.32 3.74
C LYS A 51 0.03 -14.24 5.27
N GLY A 52 -0.08 -13.01 5.80
CA GLY A 52 -0.22 -12.83 7.25
C GLY A 52 -1.59 -13.23 7.78
N GLN A 53 -2.41 -12.25 8.16
CA GLN A 53 -3.76 -12.51 8.69
C GLN A 53 -4.78 -12.83 7.58
N GLY A 54 -4.30 -13.11 6.37
CA GLY A 54 -5.19 -13.47 5.27
C GLY A 54 -5.93 -12.28 4.65
N ARG A 55 -5.75 -11.11 5.24
CA ARG A 55 -6.40 -9.87 4.75
C ARG A 55 -5.65 -9.30 3.53
N MET A 56 -6.41 -8.69 2.63
CA MET A 56 -5.82 -7.94 1.51
C MET A 56 -5.15 -6.66 2.04
N ILE A 57 -3.93 -6.39 1.61
CA ILE A 57 -3.25 -5.17 2.02
C ILE A 57 -3.25 -4.13 0.89
N GLN A 58 -3.89 -2.98 1.14
CA GLN A 58 -3.94 -1.93 0.12
C GLN A 58 -2.71 -1.03 0.22
N VAL A 59 -1.78 -1.20 -0.71
CA VAL A 59 -0.48 -0.51 -0.63
C VAL A 59 -0.48 0.79 -1.44
N SER A 60 -0.23 1.89 -0.74
CA SER A 60 -0.22 3.23 -1.36
C SER A 60 1.21 3.77 -1.50
N ILE A 61 1.61 4.08 -2.72
CA ILE A 61 2.91 4.70 -2.98
C ILE A 61 2.73 6.07 -3.65
N PRO A 62 3.60 7.06 -3.37
CA PRO A 62 3.53 8.37 -4.00
C PRO A 62 3.63 8.30 -5.54
N ALA A 63 2.76 9.02 -6.23
CA ALA A 63 2.71 9.00 -7.70
C ALA A 63 4.01 9.52 -8.35
N SER A 64 4.90 10.06 -7.52
CA SER A 64 6.23 10.49 -8.00
C SER A 64 7.10 9.26 -8.35
N VAL A 65 6.73 8.10 -7.80
CA VAL A 65 7.39 6.83 -8.10
C VAL A 65 6.86 6.22 -9.41
N PRO A 66 7.75 5.76 -10.31
CA PRO A 66 7.36 5.15 -11.61
C PRO A 66 6.29 4.06 -11.50
N LEU A 67 5.49 3.92 -12.56
CA LEU A 67 4.40 2.93 -12.63
C LEU A 67 4.92 1.48 -12.55
N LYS A 68 4.25 0.65 -11.75
CA LYS A 68 4.60 -0.79 -11.68
C LYS A 68 3.78 -1.62 -12.67
N GLU A 69 4.47 -2.37 -13.51
CA GLU A 69 3.82 -3.20 -14.53
C GLU A 69 4.04 -4.69 -14.24
N PHE A 70 3.36 -5.20 -13.21
CA PHE A 70 3.51 -6.61 -12.81
C PHE A 70 2.33 -7.47 -13.27
N ASP A 71 2.49 -8.79 -13.12
CA ASP A 71 1.47 -9.75 -13.54
C ASP A 71 0.56 -10.18 -12.37
N TYR A 72 -0.53 -10.86 -12.68
CA TYR A 72 -1.49 -11.32 -11.65
C TYR A 72 -0.87 -12.37 -10.72
N ASN A 73 -1.01 -12.16 -9.41
CA ASN A 73 -0.43 -13.05 -8.37
C ASN A 73 1.11 -13.07 -8.44
N ALA A 74 1.71 -12.04 -9.03
CA ALA A 74 3.17 -11.94 -9.10
C ALA A 74 3.77 -11.66 -7.71
N ARG A 75 4.73 -12.46 -7.30
CA ARG A 75 5.40 -12.28 -6.01
C ARG A 75 6.12 -10.92 -5.92
N VAL A 76 5.65 -10.07 -5.01
CA VAL A 76 6.22 -8.73 -4.81
C VAL A 76 6.56 -8.47 -3.33
N GLU A 77 7.55 -7.60 -3.11
CA GLU A 77 7.88 -7.15 -1.75
C GLU A 77 8.11 -5.63 -1.73
N LEU A 78 7.87 -5.01 -0.57
CA LEU A 78 7.86 -3.54 -0.47
C LEU A 78 9.18 -2.96 0.06
N ILE A 79 9.53 -1.80 -0.46
CA ILE A 79 10.69 -1.04 0.02
C ILE A 79 10.27 -0.04 1.11
N ASN A 80 10.73 -0.26 2.34
CA ASN A 80 10.35 0.54 3.52
C ASN A 80 8.83 0.76 3.63
N PRO A 81 8.07 -0.33 3.92
CA PRO A 81 6.61 -0.25 4.12
C PRO A 81 6.20 0.20 5.53
N ILE A 82 5.09 0.93 5.63
CA ILE A 82 4.55 1.38 6.92
C ILE A 82 3.01 1.20 6.95
N ALA A 83 2.47 0.78 8.09
CA ALA A 83 1.03 0.70 8.27
C ALA A 83 0.41 2.10 8.35
N ASP A 84 -0.57 2.39 7.49
CA ASP A 84 -1.17 3.72 7.41
C ASP A 84 -1.90 4.09 8.71
N THR A 85 -1.26 4.97 9.50
CA THR A 85 -1.81 5.40 10.79
C THR A 85 -2.88 6.49 10.64
N VAL A 86 -2.70 7.39 9.66
CA VAL A 86 -3.59 8.55 9.52
C VAL A 86 -5.00 8.14 9.06
N ALA A 87 -5.07 7.12 8.20
CA ALA A 87 -6.36 6.64 7.69
C ALA A 87 -7.30 6.22 8.84
N THR A 88 -6.84 5.34 9.72
CA THR A 88 -7.65 4.90 10.85
C THR A 88 -7.77 5.97 11.94
N ALA A 89 -6.77 6.86 12.01
CA ALA A 89 -6.80 7.98 12.96
C ALA A 89 -7.99 8.92 12.69
N THR A 90 -8.25 9.20 11.40
CA THR A 90 -9.38 10.05 11.01
C THR A 90 -10.66 9.23 10.77
N TYR A 91 -10.51 8.02 10.23
CA TYR A 91 -11.65 7.13 10.01
C TYR A 91 -11.66 5.99 11.05
N GLN A 92 -12.48 6.14 12.08
CA GLN A 92 -12.55 5.15 13.17
C GLN A 92 -13.55 4.02 12.85
N GLY A 93 -14.27 4.16 11.73
CA GLY A 93 -15.22 3.13 11.31
C GLY A 93 -14.55 1.90 10.71
N ALA A 94 -15.27 0.78 10.66
CA ALA A 94 -14.73 -0.48 10.15
C ALA A 94 -14.87 -0.60 8.62
N ASP A 95 -15.51 0.40 8.00
CA ASP A 95 -15.71 0.44 6.55
C ASP A 95 -14.39 0.37 5.78
N VAL A 96 -13.40 1.13 6.23
CA VAL A 96 -12.11 1.23 5.53
C VAL A 96 -11.16 0.08 5.92
N ASP A 97 -10.86 -0.80 4.94
CA ASP A 97 -9.83 -1.83 5.15
C ASP A 97 -8.43 -1.17 5.18
N TRP A 98 -7.43 -1.84 5.76
CA TRP A 98 -6.17 -1.17 6.09
C TRP A 98 -5.23 -0.99 4.89
N TYR A 99 -4.55 0.16 4.87
CA TYR A 99 -3.58 0.50 3.83
C TYR A 99 -2.14 0.42 4.37
N ILE A 100 -1.20 0.06 3.50
CA ILE A 100 0.23 0.06 3.85
C ILE A 100 1.01 0.95 2.86
N LYS A 101 1.55 2.05 3.36
CA LYS A 101 2.29 3.00 2.50
C LYS A 101 3.74 2.57 2.34
N ALA A 102 4.24 2.57 1.10
CA ALA A 102 5.60 2.07 0.83
C ALA A 102 6.43 3.10 0.05
N ASP A 103 7.76 3.05 0.25
CA ASP A 103 8.69 3.91 -0.48
C ASP A 103 8.80 3.46 -1.95
N ASP A 104 8.63 2.16 -2.19
CA ASP A 104 8.65 1.60 -3.54
C ASP A 104 8.13 0.15 -3.56
N ILE A 105 7.73 -0.33 -4.74
CA ILE A 105 7.20 -1.70 -4.91
C ILE A 105 8.02 -2.48 -5.95
N VAL A 106 8.67 -3.55 -5.50
CA VAL A 106 9.49 -4.40 -6.39
C VAL A 106 9.03 -5.87 -6.34
N LEU A 107 9.57 -6.69 -7.23
CA LEU A 107 9.31 -8.13 -7.21
C LEU A 107 10.09 -8.82 -6.08
N THR A 108 9.50 -9.85 -5.49
CA THR A 108 10.17 -10.63 -4.44
C THR A 108 11.39 -11.38 -4.99
N LEU A 109 12.41 -11.57 -4.17
CA LEU A 109 13.62 -12.30 -4.57
C LEU A 109 13.35 -13.78 -4.90
N GLU A 110 12.09 -14.21 -4.79
CA GLU A 110 11.68 -15.58 -5.13
C GLU A 110 11.44 -15.75 -6.64
N MET A 1 14.64 15.90 -5.70
CA MET A 1 14.72 14.86 -4.64
C MET A 1 13.32 14.42 -4.19
N MET A 2 13.03 13.13 -4.30
CA MET A 2 11.77 12.57 -3.83
C MET A 2 11.73 12.49 -2.30
N ARG A 3 10.59 12.06 -1.77
CA ARG A 3 10.44 11.85 -0.32
C ARG A 3 10.76 10.39 0.05
N LEU A 4 12.03 10.11 0.32
CA LEU A 4 12.49 8.75 0.60
C LEU A 4 12.13 8.29 2.02
N ALA A 5 11.60 7.08 2.14
CA ALA A 5 11.28 6.51 3.44
C ALA A 5 12.50 5.84 4.09
N ASN A 6 13.19 6.59 4.97
CA ASN A 6 14.37 6.07 5.67
C ASN A 6 14.00 5.53 7.06
N GLY A 7 14.19 4.23 7.26
CA GLY A 7 13.93 3.59 8.54
C GLY A 7 14.79 2.34 8.76
N ILE A 8 16.11 2.54 8.80
CA ILE A 8 17.05 1.43 8.95
C ILE A 8 16.87 0.67 10.27
N VAL A 9 16.74 -0.66 10.19
CA VAL A 9 16.51 -1.50 11.36
C VAL A 9 17.29 -2.82 11.27
N LEU A 10 17.49 -3.49 12.41
CA LEU A 10 18.20 -4.78 12.45
C LEU A 10 17.28 -5.90 12.94
N ASP A 11 16.59 -5.67 14.05
CA ASP A 11 15.62 -6.63 14.58
C ASP A 11 14.25 -6.40 13.92
N LYS A 12 13.71 -7.42 13.27
CA LYS A 12 12.44 -7.31 12.55
C LYS A 12 11.69 -8.65 12.48
N ASP A 13 10.43 -8.63 12.90
CA ASP A 13 9.58 -9.82 12.93
C ASP A 13 8.87 -10.01 11.58
N THR A 14 9.08 -11.18 10.98
CA THR A 14 8.40 -11.53 9.71
C THR A 14 6.91 -11.83 9.93
N THR A 15 6.15 -10.80 10.27
CA THR A 15 4.71 -10.94 10.52
C THR A 15 3.90 -10.98 9.21
N PHE A 16 4.34 -10.22 8.21
CA PHE A 16 3.69 -10.21 6.90
C PHE A 16 4.05 -11.47 6.10
N GLY A 17 3.06 -12.34 5.87
CA GLY A 17 3.27 -13.50 5.02
C GLY A 17 3.57 -13.09 3.57
N GLU A 18 3.97 -14.05 2.75
CA GLU A 18 4.37 -13.79 1.35
C GLU A 18 3.37 -12.86 0.64
N LEU A 19 3.80 -11.62 0.39
CA LEU A 19 2.99 -10.63 -0.31
C LEU A 19 2.97 -10.90 -1.82
N LYS A 20 1.78 -10.87 -2.41
CA LYS A 20 1.62 -11.18 -3.84
C LYS A 20 0.68 -10.18 -4.52
N PHE A 21 1.02 -9.79 -5.75
CA PHE A 21 0.24 -8.79 -6.49
C PHE A 21 -1.18 -9.29 -6.83
N SER A 22 -2.18 -8.43 -6.63
CA SER A 22 -3.57 -8.77 -6.95
C SER A 22 -4.14 -7.87 -8.06
N ALA A 23 -4.22 -6.57 -7.78
CA ALA A 23 -4.77 -5.61 -8.74
C ALA A 23 -4.34 -4.17 -8.40
N LEU A 24 -4.89 -3.20 -9.14
CA LEU A 24 -4.72 -1.78 -8.82
C LEU A 24 -5.99 -1.23 -8.13
N ARG A 25 -5.83 -0.60 -6.97
CA ARG A 25 -6.97 -0.10 -6.20
C ARG A 25 -7.49 1.25 -6.75
N ARG A 26 -6.67 2.29 -6.61
CA ARG A 26 -7.11 3.66 -6.92
C ARG A 26 -5.94 4.63 -7.06
N GLU A 27 -6.08 5.59 -7.97
CA GLU A 27 -5.10 6.67 -8.14
C GLU A 27 -5.62 7.99 -7.58
N VAL A 28 -5.15 8.38 -6.40
CA VAL A 28 -5.58 9.64 -5.78
C VAL A 28 -4.91 10.86 -6.44
N ARG A 29 -5.70 11.63 -7.17
CA ARG A 29 -5.17 12.76 -7.96
C ARG A 29 -5.21 14.08 -7.16
N ILE A 30 -4.58 15.12 -7.69
CA ILE A 30 -4.53 16.43 -7.03
C ILE A 30 -5.83 17.22 -7.28
N GLN A 31 -6.27 17.98 -6.28
CA GLN A 31 -7.46 18.83 -6.42
C GLN A 31 -7.08 20.33 -6.43
N ASN A 32 -7.63 21.08 -7.39
CA ASN A 32 -7.27 22.49 -7.58
C ASN A 32 -7.98 23.41 -6.57
N GLU A 33 -7.46 24.63 -6.43
CA GLU A 33 -8.10 25.68 -5.61
C GLU A 33 -9.55 25.91 -6.06
N ASP A 34 -9.75 25.87 -7.36
CA ASP A 34 -11.08 26.01 -7.96
C ASP A 34 -12.07 24.98 -7.39
N GLY A 35 -11.58 23.77 -7.13
CA GLY A 35 -12.44 22.67 -6.73
C GLY A 35 -12.36 21.50 -7.70
N SER A 36 -12.15 21.82 -8.98
CA SER A 36 -11.97 20.81 -10.02
C SER A 36 -10.72 19.95 -9.78
N VAL A 37 -10.61 18.84 -10.50
CA VAL A 37 -9.48 17.92 -10.36
C VAL A 37 -8.33 18.28 -11.31
N SER A 38 -7.09 18.05 -10.87
CA SER A 38 -5.91 18.33 -11.69
C SER A 38 -5.44 17.08 -12.44
N ASP A 39 -4.72 17.29 -13.54
CA ASP A 39 -4.20 16.19 -14.35
C ASP A 39 -3.14 15.38 -13.57
N GLU A 40 -2.40 16.07 -12.71
CA GLU A 40 -1.35 15.44 -11.90
C GLU A 40 -1.92 14.58 -10.77
N ILE A 41 -1.16 13.57 -10.36
CA ILE A 41 -1.61 12.62 -9.33
C ILE A 41 -0.76 12.71 -8.05
N LYS A 42 -1.38 12.46 -6.89
CA LYS A 42 -0.66 12.45 -5.61
C LYS A 42 0.06 11.11 -5.38
N GLU A 43 -0.72 10.03 -5.33
CA GLU A 43 -0.20 8.68 -5.08
C GLU A 43 -1.02 7.62 -5.83
N ARG A 44 -0.49 6.40 -5.90
CA ARG A 44 -1.16 5.29 -6.59
C ARG A 44 -1.25 4.05 -5.67
N THR A 45 -2.47 3.63 -5.37
CA THR A 45 -2.71 2.52 -4.42
C THR A 45 -2.89 1.17 -5.14
N TYR A 46 -2.08 0.18 -4.76
CA TYR A 46 -2.17 -1.18 -5.32
C TYR A 46 -2.79 -2.17 -4.31
N ASP A 47 -3.14 -3.36 -4.80
CA ASP A 47 -3.68 -4.44 -3.96
C ASP A 47 -2.69 -5.62 -3.87
N LEU A 48 -2.19 -5.90 -2.66
CA LEU A 48 -1.28 -7.02 -2.46
C LEU A 48 -1.83 -8.01 -1.42
N LYS A 49 -2.01 -9.26 -1.84
CA LYS A 49 -2.57 -10.30 -0.96
C LYS A 49 -1.45 -11.14 -0.31
N SER A 50 -1.51 -11.26 1.02
CA SER A 50 -0.49 -11.99 1.79
C SER A 50 -0.81 -13.48 1.91
N LYS A 51 0.23 -14.31 2.00
CA LYS A 51 0.07 -15.76 2.16
C LYS A 51 -0.29 -16.13 3.61
N GLY A 52 -1.45 -16.73 3.80
CA GLY A 52 -1.92 -17.07 5.14
C GLY A 52 -3.44 -16.90 5.28
N GLN A 53 -3.89 -15.64 5.43
CA GLN A 53 -5.32 -15.34 5.55
C GLN A 53 -5.95 -14.96 4.20
N GLY A 54 -5.12 -14.83 3.17
CA GLY A 54 -5.64 -14.56 1.81
C GLY A 54 -6.15 -13.13 1.60
N ARG A 55 -6.06 -12.29 2.63
CA ARG A 55 -6.53 -10.90 2.54
C ARG A 55 -5.50 -10.02 1.82
N MET A 56 -5.99 -8.93 1.22
CA MET A 56 -5.13 -7.95 0.55
C MET A 56 -5.00 -6.67 1.37
N ILE A 57 -3.82 -6.06 1.34
CA ILE A 57 -3.57 -4.77 1.98
C ILE A 57 -3.46 -3.65 0.93
N GLN A 58 -3.95 -2.46 1.25
CA GLN A 58 -3.93 -1.34 0.30
C GLN A 58 -2.61 -0.55 0.40
N VAL A 59 -1.74 -0.73 -0.58
CA VAL A 59 -0.41 -0.11 -0.57
C VAL A 59 -0.34 1.14 -1.46
N SER A 60 -0.04 2.29 -0.87
CA SER A 60 0.05 3.55 -1.60
C SER A 60 1.51 4.01 -1.78
N ILE A 61 1.87 4.34 -3.02
CA ILE A 61 3.20 4.89 -3.31
C ILE A 61 3.07 6.20 -4.11
N PRO A 62 4.03 7.15 -3.94
CA PRO A 62 3.99 8.46 -4.63
C PRO A 62 3.87 8.32 -6.16
N ALA A 63 3.09 9.20 -6.79
CA ALA A 63 2.85 9.15 -8.24
C ALA A 63 4.15 9.29 -9.05
N SER A 64 5.21 9.78 -8.41
CA SER A 64 6.53 9.87 -9.05
C SER A 64 7.07 8.47 -9.41
N VAL A 65 6.65 7.45 -8.66
CA VAL A 65 7.07 6.08 -8.92
C VAL A 65 6.30 5.47 -10.12
N PRO A 66 7.02 4.90 -11.11
CA PRO A 66 6.40 4.32 -12.33
C PRO A 66 5.37 3.22 -12.02
N LEU A 67 4.43 3.02 -12.95
CA LEU A 67 3.38 2.00 -12.78
C LEU A 67 3.95 0.57 -12.83
N LYS A 68 3.51 -0.27 -11.89
CA LYS A 68 4.04 -1.63 -11.75
C LYS A 68 3.37 -2.63 -12.70
N GLU A 69 2.10 -2.97 -12.43
CA GLU A 69 1.37 -4.00 -13.20
C GLU A 69 2.12 -5.34 -13.20
N PHE A 70 2.54 -5.80 -12.01
CA PHE A 70 3.27 -7.08 -11.89
C PHE A 70 2.40 -8.28 -12.26
N ASP A 71 3.03 -9.45 -12.38
CA ASP A 71 2.32 -10.71 -12.65
C ASP A 71 1.32 -11.03 -11.52
N TYR A 72 0.13 -11.49 -11.89
CA TYR A 72 -0.92 -11.82 -10.93
C TYR A 72 -0.48 -12.97 -9.99
N ASN A 73 -0.56 -12.72 -8.68
CA ASN A 73 -0.12 -13.66 -7.62
C ASN A 73 1.41 -13.84 -7.58
N ALA A 74 2.16 -12.92 -8.19
CA ALA A 74 3.63 -12.96 -8.11
C ALA A 74 4.13 -12.39 -6.78
N ARG A 75 5.23 -12.94 -6.27
CA ARG A 75 5.81 -12.49 -4.99
C ARG A 75 6.41 -11.10 -5.11
N VAL A 76 5.82 -10.13 -4.40
CA VAL A 76 6.33 -8.76 -4.37
C VAL A 76 6.54 -8.27 -2.93
N GLU A 77 7.62 -7.53 -2.69
CA GLU A 77 7.90 -6.96 -1.36
C GLU A 77 8.00 -5.43 -1.41
N LEU A 78 7.76 -4.80 -0.26
CA LEU A 78 7.70 -3.33 -0.18
C LEU A 78 9.01 -2.73 0.33
N ILE A 79 9.60 -1.86 -0.46
CA ILE A 79 10.78 -1.10 -0.05
C ILE A 79 10.38 -0.02 0.97
N ASN A 80 10.77 -0.23 2.23
CA ASN A 80 10.54 0.73 3.31
C ASN A 80 9.04 1.11 3.47
N PRO A 81 8.19 0.13 3.88
CA PRO A 81 6.76 0.38 4.11
C PRO A 81 6.44 1.02 5.47
N ILE A 82 5.53 2.00 5.49
CA ILE A 82 5.06 2.61 6.74
C ILE A 82 3.52 2.44 6.89
N ALA A 83 3.08 2.20 8.12
CA ALA A 83 1.64 2.09 8.41
C ALA A 83 0.99 3.47 8.41
N ASP A 84 -0.11 3.63 7.66
CA ASP A 84 -0.75 4.94 7.52
C ASP A 84 -1.48 5.38 8.81
N THR A 85 -1.25 6.62 9.22
CA THR A 85 -1.82 7.17 10.46
C THR A 85 -3.35 7.33 10.37
N VAL A 86 -3.84 7.83 9.23
CA VAL A 86 -5.28 8.14 9.10
C VAL A 86 -6.17 6.90 9.30
N ALA A 87 -5.57 5.72 9.22
CA ALA A 87 -6.29 4.45 9.45
C ALA A 87 -5.93 3.83 10.80
N THR A 88 -4.64 3.58 11.02
CA THR A 88 -4.18 2.88 12.23
C THR A 88 -4.36 3.73 13.51
N ALA A 89 -4.59 5.02 13.36
CA ALA A 89 -4.83 5.92 14.50
C ALA A 89 -6.32 6.28 14.64
N THR A 90 -7.17 5.61 13.86
CA THR A 90 -8.62 5.82 13.92
C THR A 90 -9.35 4.52 14.28
N TYR A 91 -8.79 3.39 13.85
CA TYR A 91 -9.35 2.07 14.17
C TYR A 91 -8.71 1.47 15.44
N GLN A 92 -9.49 1.32 16.50
CA GLN A 92 -9.01 0.74 17.75
C GLN A 92 -8.53 -0.72 17.56
N GLY A 93 -7.23 -0.89 17.38
CA GLY A 93 -6.65 -2.23 17.21
C GLY A 93 -7.30 -3.05 16.10
N ALA A 94 -7.78 -2.37 15.05
CA ALA A 94 -8.49 -3.03 13.95
C ALA A 94 -7.78 -2.79 12.59
N ASP A 95 -7.26 -3.86 12.01
CA ASP A 95 -6.55 -3.79 10.72
C ASP A 95 -7.52 -3.88 9.53
N VAL A 96 -8.73 -3.36 9.72
CA VAL A 96 -9.80 -3.46 8.72
C VAL A 96 -9.44 -2.71 7.40
N ASP A 97 -8.99 -3.48 6.40
CA ASP A 97 -8.72 -2.95 5.06
C ASP A 97 -7.76 -1.74 5.10
N TRP A 98 -6.81 -1.78 6.04
CA TRP A 98 -5.88 -0.68 6.28
C TRP A 98 -4.93 -0.39 5.10
N TYR A 99 -4.37 0.82 5.11
CA TYR A 99 -3.46 1.29 4.06
C TYR A 99 -2.01 1.35 4.56
N ILE A 100 -1.08 1.02 3.66
CA ILE A 100 0.36 1.11 3.95
C ILE A 100 1.09 1.83 2.81
N LYS A 101 1.93 2.80 3.15
CA LYS A 101 2.64 3.59 2.14
C LYS A 101 4.13 3.24 2.11
N ALA A 102 4.64 2.89 0.95
CA ALA A 102 6.02 2.42 0.81
C ALA A 102 6.88 3.35 -0.05
N ASP A 103 8.20 3.19 0.06
CA ASP A 103 9.17 3.94 -0.75
C ASP A 103 9.18 3.42 -2.20
N ASP A 104 8.87 2.12 -2.36
CA ASP A 104 8.76 1.49 -3.69
C ASP A 104 8.25 0.04 -3.57
N ILE A 105 7.77 -0.52 -4.69
CA ILE A 105 7.29 -1.91 -4.73
C ILE A 105 8.12 -2.75 -5.71
N VAL A 106 8.76 -3.80 -5.22
CA VAL A 106 9.62 -4.65 -6.07
C VAL A 106 9.26 -6.14 -5.93
N LEU A 107 9.90 -6.99 -6.73
CA LEU A 107 9.69 -8.45 -6.66
C LEU A 107 10.46 -9.04 -5.47
N THR A 108 9.78 -9.88 -4.69
CA THR A 108 10.38 -10.50 -3.49
C THR A 108 11.67 -11.26 -3.81
N LEU A 109 12.66 -11.16 -2.92
CA LEU A 109 13.93 -11.87 -3.09
C LEU A 109 13.75 -13.40 -3.00
N GLU A 110 13.41 -14.02 -4.12
CA GLU A 110 13.27 -15.48 -4.19
C GLU A 110 13.80 -16.03 -5.54
N MET A 1 -9.52 14.78 17.75
CA MET A 1 -9.87 13.79 16.69
C MET A 1 -8.70 13.58 15.71
N MET A 2 -8.38 14.60 14.91
CA MET A 2 -7.32 14.48 13.89
C MET A 2 -5.91 14.56 14.49
N ARG A 3 -5.27 13.41 14.68
CA ARG A 3 -3.85 13.34 15.07
C ARG A 3 -3.03 12.53 14.06
N LEU A 4 -1.82 12.98 13.75
CA LEU A 4 -0.92 12.28 12.82
C LEU A 4 0.10 11.44 13.60
N ALA A 5 0.51 10.31 13.02
CA ALA A 5 1.50 9.43 13.66
C ALA A 5 2.92 9.71 13.15
N ASN A 6 3.81 10.11 14.06
CA ASN A 6 5.21 10.40 13.71
C ASN A 6 5.97 9.13 13.29
N GLY A 7 5.71 8.02 13.98
CA GLY A 7 6.35 6.75 13.63
C GLY A 7 7.67 6.51 14.36
N ILE A 8 7.62 5.82 15.49
CA ILE A 8 8.82 5.46 16.24
C ILE A 8 9.28 4.03 15.92
N VAL A 9 10.49 3.68 16.35
CA VAL A 9 11.03 2.33 16.11
C VAL A 9 10.47 1.31 17.12
N LEU A 10 9.59 0.43 16.62
CA LEU A 10 8.96 -0.60 17.47
C LEU A 10 8.72 -1.90 16.69
N ASP A 11 8.32 -2.96 17.41
CA ASP A 11 8.17 -4.29 16.83
C ASP A 11 6.70 -4.68 16.60
N LYS A 12 5.82 -3.70 16.48
CA LYS A 12 4.38 -3.98 16.33
C LYS A 12 4.06 -4.76 15.03
N ASP A 13 4.74 -4.41 13.93
CA ASP A 13 4.49 -5.06 12.64
C ASP A 13 5.55 -6.12 12.33
N THR A 14 5.13 -7.39 12.31
CA THR A 14 6.04 -8.52 12.02
C THR A 14 6.19 -8.75 10.52
N THR A 15 6.82 -9.87 10.15
CA THR A 15 7.08 -10.18 8.73
C THR A 15 5.90 -10.93 8.08
N PHE A 16 5.61 -10.57 6.84
CA PHE A 16 4.53 -11.23 6.07
C PHE A 16 5.09 -12.31 5.14
N GLY A 17 4.22 -13.18 4.64
CA GLY A 17 4.64 -14.21 3.68
C GLY A 17 4.71 -13.68 2.24
N GLU A 18 4.50 -14.56 1.26
CA GLU A 18 4.52 -14.13 -0.15
C GLU A 18 3.41 -13.12 -0.45
N LEU A 19 3.79 -11.87 -0.67
CA LEU A 19 2.84 -10.83 -1.06
C LEU A 19 2.54 -10.93 -2.56
N LYS A 20 1.27 -11.16 -2.91
CA LYS A 20 0.89 -11.30 -4.31
C LYS A 20 0.24 -10.03 -4.86
N PHE A 21 0.85 -9.48 -5.90
CA PHE A 21 0.29 -8.34 -6.63
C PHE A 21 -1.08 -8.71 -7.21
N SER A 22 -2.14 -8.05 -6.75
CA SER A 22 -3.51 -8.36 -7.22
C SER A 22 -3.98 -7.38 -8.31
N ALA A 23 -4.13 -6.11 -7.95
CA ALA A 23 -4.60 -5.09 -8.88
C ALA A 23 -4.25 -3.67 -8.44
N LEU A 24 -4.60 -2.70 -9.28
CA LEU A 24 -4.43 -1.28 -8.93
C LEU A 24 -5.70 -0.73 -8.27
N ARG A 25 -5.62 -0.49 -6.96
CA ARG A 25 -6.78 -0.03 -6.19
C ARG A 25 -7.29 1.33 -6.68
N ARG A 26 -6.42 2.35 -6.64
CA ARG A 26 -6.82 3.71 -7.03
C ARG A 26 -5.63 4.68 -7.07
N GLU A 27 -5.52 5.41 -8.17
CA GLU A 27 -4.55 6.50 -8.29
C GLU A 27 -5.23 7.86 -8.03
N VAL A 28 -5.07 8.38 -6.82
CA VAL A 28 -5.70 9.65 -6.46
C VAL A 28 -4.93 10.85 -7.05
N ARG A 29 -5.57 11.57 -7.96
CA ARG A 29 -4.95 12.74 -8.60
C ARG A 29 -5.16 14.03 -7.78
N ILE A 30 -4.44 15.08 -8.16
CA ILE A 30 -4.44 16.34 -7.41
C ILE A 30 -5.69 17.19 -7.73
N GLN A 31 -6.48 17.52 -6.72
CA GLN A 31 -7.68 18.34 -6.90
C GLN A 31 -7.37 19.84 -6.70
N ASN A 32 -7.47 20.60 -7.79
CA ASN A 32 -7.12 22.04 -7.78
C ASN A 32 -7.97 22.84 -6.77
N GLU A 33 -7.50 24.04 -6.44
CA GLU A 33 -8.23 24.95 -5.53
C GLU A 33 -9.67 25.19 -6.02
N ASP A 34 -9.85 25.20 -7.34
CA ASP A 34 -11.16 25.41 -7.96
C ASP A 34 -12.15 24.27 -7.69
N GLY A 35 -11.66 23.19 -7.07
CA GLY A 35 -12.52 22.04 -6.77
C GLY A 35 -12.47 20.96 -7.86
N SER A 36 -11.86 21.28 -9.00
CA SER A 36 -11.75 20.33 -10.12
C SER A 36 -10.44 19.55 -10.06
N VAL A 37 -10.49 18.28 -10.48
CA VAL A 37 -9.31 17.40 -10.46
C VAL A 37 -8.32 17.75 -11.59
N SER A 38 -7.03 17.48 -11.37
CA SER A 38 -5.99 17.74 -12.38
C SER A 38 -5.51 16.45 -13.04
N ASP A 39 -4.70 16.61 -14.10
CA ASP A 39 -4.12 15.47 -14.81
C ASP A 39 -3.02 14.81 -13.95
N GLU A 40 -2.39 15.60 -13.09
CA GLU A 40 -1.28 15.12 -12.25
C GLU A 40 -1.77 14.25 -11.08
N ILE A 41 -0.96 13.27 -10.73
CA ILE A 41 -1.31 12.29 -9.69
C ILE A 41 -0.67 12.65 -8.33
N LYS A 42 -1.31 12.22 -7.24
CA LYS A 42 -0.80 12.47 -5.89
C LYS A 42 -0.25 11.19 -5.24
N GLU A 43 -1.11 10.16 -5.12
CA GLU A 43 -0.71 8.87 -4.53
C GLU A 43 -1.25 7.69 -5.35
N ARG A 44 -0.44 6.65 -5.50
CA ARG A 44 -0.82 5.43 -6.23
C ARG A 44 -1.06 4.25 -5.28
N THR A 45 -2.31 3.81 -5.16
CA THR A 45 -2.66 2.73 -4.22
C THR A 45 -2.88 1.38 -4.93
N TYR A 46 -2.11 0.38 -4.52
CA TYR A 46 -2.26 -1.00 -5.02
C TYR A 46 -2.91 -1.92 -3.96
N ASP A 47 -3.43 -3.05 -4.40
CA ASP A 47 -3.94 -4.09 -3.49
C ASP A 47 -3.01 -5.31 -3.49
N LEU A 48 -2.41 -5.60 -2.32
CA LEU A 48 -1.56 -6.79 -2.17
C LEU A 48 -2.20 -7.79 -1.20
N LYS A 49 -2.03 -9.09 -1.46
CA LYS A 49 -2.59 -10.14 -0.61
C LYS A 49 -1.52 -10.75 0.30
N SER A 50 -1.80 -10.75 1.61
CA SER A 50 -0.87 -11.34 2.60
C SER A 50 -1.03 -12.87 2.69
N LYS A 51 0.04 -13.60 2.44
CA LYS A 51 0.04 -15.07 2.50
C LYS A 51 -0.47 -15.60 3.86
N GLY A 52 -1.16 -16.74 3.85
CA GLY A 52 -1.67 -17.33 5.07
C GLY A 52 -3.01 -16.75 5.52
N GLN A 53 -3.09 -15.42 5.59
CA GLN A 53 -4.33 -14.74 5.95
C GLN A 53 -5.21 -14.49 4.72
N GLY A 54 -4.58 -14.31 3.56
CA GLY A 54 -5.31 -14.06 2.33
C GLY A 54 -6.16 -12.79 2.37
N ARG A 55 -5.67 -11.77 3.07
CA ARG A 55 -6.38 -10.49 3.18
C ARG A 55 -5.76 -9.41 2.29
N MET A 56 -6.55 -8.44 1.86
CA MET A 56 -6.08 -7.40 0.95
C MET A 56 -5.64 -6.12 1.70
N ILE A 57 -4.35 -5.83 1.63
CA ILE A 57 -3.80 -4.59 2.22
C ILE A 57 -3.62 -3.51 1.14
N GLN A 58 -4.01 -2.27 1.45
CA GLN A 58 -3.89 -1.18 0.47
C GLN A 58 -2.51 -0.53 0.56
N VAL A 59 -1.65 -0.84 -0.41
CA VAL A 59 -0.28 -0.30 -0.41
C VAL A 59 -0.19 0.97 -1.28
N SER A 60 0.10 2.10 -0.64
CA SER A 60 0.13 3.39 -1.35
C SER A 60 1.57 3.90 -1.51
N ILE A 61 1.90 4.31 -2.73
CA ILE A 61 3.23 4.85 -3.05
C ILE A 61 3.14 6.25 -3.67
N PRO A 62 4.14 7.12 -3.42
CA PRO A 62 4.17 8.50 -3.94
C PRO A 62 3.99 8.59 -5.47
N ALA A 63 3.43 9.71 -5.94
CA ALA A 63 3.11 9.91 -7.37
C ALA A 63 4.30 9.63 -8.31
N SER A 64 5.48 10.16 -7.99
CA SER A 64 6.64 10.05 -8.87
C SER A 64 7.22 8.63 -8.94
N VAL A 65 6.67 7.71 -8.16
CA VAL A 65 7.07 6.30 -8.22
C VAL A 65 6.39 5.59 -9.40
N PRO A 66 7.18 5.05 -10.36
CA PRO A 66 6.65 4.42 -11.59
C PRO A 66 5.58 3.34 -11.31
N LEU A 67 4.57 3.28 -12.18
CA LEU A 67 3.48 2.31 -12.04
C LEU A 67 3.97 0.88 -12.37
N LYS A 68 3.70 -0.06 -11.47
CA LYS A 68 4.24 -1.43 -11.59
C LYS A 68 3.46 -2.29 -12.59
N GLU A 69 2.19 -2.55 -12.30
CA GLU A 69 1.31 -3.35 -13.18
C GLU A 69 1.87 -4.77 -13.43
N PHE A 70 2.23 -5.47 -12.36
CA PHE A 70 2.71 -6.87 -12.45
C PHE A 70 1.54 -7.86 -12.67
N ASP A 71 1.82 -9.15 -12.49
CA ASP A 71 0.79 -10.21 -12.63
C ASP A 71 0.08 -10.53 -11.30
N TYR A 72 -1.11 -11.12 -11.39
CA TYR A 72 -1.95 -11.45 -10.23
C TYR A 72 -1.26 -12.43 -9.25
N ASN A 73 -0.28 -13.18 -9.75
CA ASN A 73 0.46 -14.15 -8.92
C ASN A 73 1.93 -13.74 -8.76
N ALA A 74 2.22 -12.46 -8.97
CA ALA A 74 3.58 -11.95 -8.87
C ALA A 74 3.99 -11.71 -7.40
N ARG A 75 5.01 -12.43 -6.94
CA ARG A 75 5.53 -12.27 -5.58
C ARG A 75 6.34 -10.96 -5.45
N VAL A 76 5.81 -10.01 -4.70
CA VAL A 76 6.42 -8.68 -4.54
C VAL A 76 6.83 -8.39 -3.09
N GLU A 77 7.76 -7.44 -2.92
CA GLU A 77 8.15 -6.97 -1.58
C GLU A 77 8.26 -5.43 -1.56
N LEU A 78 8.04 -4.83 -0.40
CA LEU A 78 7.98 -3.37 -0.27
C LEU A 78 9.29 -2.77 0.27
N ILE A 79 9.69 -1.64 -0.31
CA ILE A 79 10.87 -0.90 0.15
C ILE A 79 10.50 0.07 1.28
N ASN A 80 10.97 -0.21 2.50
CA ASN A 80 10.66 0.59 3.70
C ASN A 80 9.14 0.90 3.83
N PRO A 81 8.32 -0.13 4.14
CA PRO A 81 6.86 0.04 4.34
C PRO A 81 6.49 0.56 5.75
N ILE A 82 5.35 1.27 5.83
CA ILE A 82 4.80 1.74 7.11
C ILE A 82 3.27 1.62 7.13
N ALA A 83 2.72 1.21 8.28
CA ALA A 83 1.25 1.11 8.44
C ALA A 83 0.67 2.44 8.95
N ASP A 84 0.06 3.21 8.05
CA ASP A 84 -0.44 4.56 8.38
C ASP A 84 -1.76 4.49 9.20
N THR A 85 -2.15 5.63 9.79
CA THR A 85 -3.34 5.68 10.65
C THR A 85 -4.34 6.78 10.22
N VAL A 86 -3.99 7.57 9.21
CA VAL A 86 -4.85 8.68 8.75
C VAL A 86 -6.28 8.22 8.41
N ALA A 87 -6.45 6.93 8.13
CA ALA A 87 -7.78 6.36 7.87
C ALA A 87 -8.64 6.36 9.15
N THR A 88 -8.07 5.90 10.26
CA THR A 88 -8.79 5.83 11.53
C THR A 88 -8.97 7.22 12.18
N ALA A 89 -8.28 8.22 11.63
CA ALA A 89 -8.41 9.61 12.09
C ALA A 89 -9.78 10.20 11.69
N THR A 90 -10.24 9.87 10.48
CA THR A 90 -11.56 10.31 10.00
C THR A 90 -12.66 9.37 10.50
N TYR A 91 -12.39 8.08 10.45
CA TYR A 91 -13.31 7.06 10.96
C TYR A 91 -13.48 7.16 12.50
N GLN A 92 -14.58 6.62 13.00
CA GLN A 92 -14.82 6.54 14.45
C GLN A 92 -14.21 5.24 15.03
N GLY A 93 -13.26 4.67 14.29
CA GLY A 93 -12.70 3.36 14.65
C GLY A 93 -13.67 2.23 14.33
N ALA A 94 -14.48 2.41 13.29
CA ALA A 94 -15.53 1.44 12.94
C ALA A 94 -15.03 0.37 11.95
N ASP A 95 -14.42 0.79 10.85
CA ASP A 95 -13.96 -0.14 9.82
C ASP A 95 -12.42 -0.12 9.69
N VAL A 96 -11.86 -1.16 9.08
CA VAL A 96 -10.41 -1.36 9.03
C VAL A 96 -9.84 -1.40 7.59
N ASP A 97 -10.52 -0.75 6.64
CA ASP A 97 -9.96 -0.57 5.29
C ASP A 97 -8.72 0.35 5.38
N TRP A 98 -7.52 -0.26 5.44
CA TRP A 98 -6.31 0.46 5.84
C TRP A 98 -5.18 0.43 4.78
N TYR A 99 -4.27 1.40 4.90
CA TYR A 99 -3.19 1.61 3.91
C TYR A 99 -1.79 1.38 4.51
N ILE A 100 -1.00 0.56 3.82
CA ILE A 100 0.43 0.41 4.11
C ILE A 100 1.26 1.16 3.07
N LYS A 101 1.86 2.27 3.47
CA LYS A 101 2.59 3.15 2.54
C LYS A 101 4.08 2.81 2.51
N ALA A 102 4.67 2.81 1.31
CA ALA A 102 6.06 2.40 1.15
C ALA A 102 6.85 3.34 0.22
N ASP A 103 8.15 3.13 0.15
CA ASP A 103 9.04 3.91 -0.72
C ASP A 103 8.92 3.47 -2.19
N ASP A 104 8.86 2.14 -2.40
CA ASP A 104 8.77 1.56 -3.74
C ASP A 104 8.32 0.08 -3.68
N ILE A 105 7.77 -0.43 -4.78
CA ILE A 105 7.30 -1.81 -4.85
C ILE A 105 8.10 -2.62 -5.89
N VAL A 106 8.82 -3.64 -5.43
CA VAL A 106 9.63 -4.49 -6.32
C VAL A 106 9.24 -5.96 -6.19
N LEU A 107 9.90 -6.83 -6.96
CA LEU A 107 9.64 -8.28 -6.89
C LEU A 107 10.50 -8.94 -5.79
N THR A 108 9.93 -9.90 -5.09
CA THR A 108 10.65 -10.59 -4.01
C THR A 108 11.80 -11.45 -4.57
N LEU A 109 13.02 -11.15 -4.16
CA LEU A 109 14.23 -11.76 -4.75
C LEU A 109 14.55 -13.15 -4.18
N GLU A 110 13.51 -13.92 -3.85
CA GLU A 110 13.67 -15.32 -3.39
C GLU A 110 13.07 -16.33 -4.41
N MET A 1 10.27 -33.57 16.62
CA MET A 1 10.87 -32.94 15.42
C MET A 1 11.41 -31.54 15.74
N MET A 2 10.54 -30.61 16.12
CA MET A 2 10.97 -29.27 16.54
C MET A 2 10.37 -28.90 17.90
N ARG A 3 11.23 -28.78 18.91
CA ARG A 3 10.78 -28.50 20.27
C ARG A 3 10.76 -26.98 20.53
N LEU A 4 9.63 -26.35 20.22
CA LEU A 4 9.46 -24.89 20.38
C LEU A 4 7.99 -24.53 20.61
N ALA A 5 7.73 -23.32 21.08
CA ALA A 5 6.36 -22.89 21.41
C ALA A 5 6.27 -21.39 21.67
N ASN A 6 5.55 -20.68 20.81
CA ASN A 6 5.32 -19.24 20.98
C ASN A 6 3.98 -18.79 20.38
N GLY A 7 3.47 -17.66 20.86
CA GLY A 7 2.21 -17.11 20.34
C GLY A 7 2.27 -15.60 20.13
N ILE A 8 3.14 -14.94 20.90
CA ILE A 8 3.37 -13.49 20.76
C ILE A 8 4.45 -13.20 19.71
N VAL A 9 4.61 -11.93 19.34
CA VAL A 9 5.66 -11.52 18.41
C VAL A 9 6.95 -11.17 19.18
N LEU A 10 7.79 -12.17 19.41
CA LEU A 10 9.04 -11.98 20.17
C LEU A 10 10.14 -11.34 19.30
N ASP A 11 10.05 -11.51 17.98
CA ASP A 11 11.00 -10.88 17.06
C ASP A 11 10.46 -9.53 16.55
N LYS A 12 11.11 -8.96 15.54
CA LYS A 12 10.76 -7.60 15.06
C LYS A 12 10.08 -7.59 13.68
N ASP A 13 10.49 -8.48 12.79
CA ASP A 13 9.95 -8.50 11.43
C ASP A 13 8.44 -8.82 11.43
N THR A 14 7.61 -7.78 11.38
CA THR A 14 6.16 -7.92 11.34
C THR A 14 5.62 -8.05 9.90
N THR A 15 6.53 -8.28 8.96
CA THR A 15 6.16 -8.42 7.55
C THR A 15 5.37 -9.72 7.31
N PHE A 16 4.35 -9.64 6.46
CA PHE A 16 3.45 -10.78 6.21
C PHE A 16 4.10 -11.85 5.30
N GLY A 17 5.42 -11.92 5.33
CA GLY A 17 6.14 -12.82 4.43
C GLY A 17 6.22 -12.26 3.01
N GLU A 18 5.54 -12.93 2.08
CA GLU A 18 5.47 -12.47 0.69
C GLU A 18 4.09 -11.84 0.40
N LEU A 19 4.09 -10.67 -0.22
CA LEU A 19 2.85 -10.02 -0.65
C LEU A 19 2.56 -10.39 -2.10
N LYS A 20 1.34 -10.88 -2.36
CA LYS A 20 1.01 -11.38 -3.70
C LYS A 20 0.18 -10.34 -4.48
N PHE A 21 0.77 -9.83 -5.57
CA PHE A 21 0.19 -8.74 -6.36
C PHE A 21 -1.19 -9.10 -6.94
N SER A 22 -2.10 -8.12 -7.01
CA SER A 22 -3.43 -8.35 -7.61
C SER A 22 -3.69 -7.40 -8.79
N ALA A 23 -3.79 -6.09 -8.50
CA ALA A 23 -4.04 -5.09 -9.55
C ALA A 23 -3.68 -3.66 -9.09
N LEU A 24 -3.85 -2.70 -9.99
CA LEU A 24 -3.73 -1.28 -9.64
C LEU A 24 -5.13 -0.71 -9.33
N ARG A 25 -5.40 -0.45 -8.05
CA ARG A 25 -6.73 -0.02 -7.61
C ARG A 25 -7.13 1.35 -8.17
N ARG A 26 -6.34 2.38 -7.84
CA ARG A 26 -6.66 3.75 -8.25
C ARG A 26 -5.46 4.70 -8.08
N GLU A 27 -5.25 5.57 -9.06
CA GLU A 27 -4.25 6.63 -8.96
C GLU A 27 -4.91 7.94 -8.49
N VAL A 28 -4.76 8.28 -7.21
CA VAL A 28 -5.39 9.48 -6.65
C VAL A 28 -4.74 10.77 -7.20
N ARG A 29 -5.57 11.65 -7.76
CA ARG A 29 -5.06 12.86 -8.42
C ARG A 29 -5.27 14.12 -7.58
N ILE A 30 -4.40 15.09 -7.78
CA ILE A 30 -4.35 16.32 -6.98
C ILE A 30 -5.61 17.20 -7.19
N GLN A 31 -6.32 17.48 -6.11
CA GLN A 31 -7.54 18.31 -6.17
C GLN A 31 -7.23 19.76 -5.75
N ASN A 32 -7.71 20.72 -6.54
CA ASN A 32 -7.41 22.15 -6.30
C ASN A 32 -8.40 22.79 -5.31
N GLU A 33 -8.07 24.02 -4.88
CA GLU A 33 -8.88 24.77 -3.91
C GLU A 33 -10.31 24.99 -4.44
N ASP A 34 -10.43 25.20 -5.75
CA ASP A 34 -11.73 25.37 -6.41
C ASP A 34 -12.63 24.12 -6.24
N GLY A 35 -12.00 22.96 -6.10
CA GLY A 35 -12.74 21.71 -6.06
C GLY A 35 -12.46 20.82 -7.26
N SER A 36 -12.14 21.44 -8.39
CA SER A 36 -11.78 20.70 -9.61
C SER A 36 -10.47 19.92 -9.43
N VAL A 37 -10.41 18.73 -10.03
CA VAL A 37 -9.25 17.86 -9.88
C VAL A 37 -8.32 17.94 -11.11
N SER A 38 -7.02 18.02 -10.83
CA SER A 38 -5.99 18.11 -11.88
C SER A 38 -5.63 16.73 -12.44
N ASP A 39 -5.08 16.71 -13.66
CA ASP A 39 -4.61 15.46 -14.26
C ASP A 39 -3.29 15.00 -13.61
N GLU A 40 -2.73 15.87 -12.77
CA GLU A 40 -1.53 15.55 -12.00
C GLU A 40 -1.84 14.56 -10.87
N ILE A 41 -1.03 13.52 -10.74
CA ILE A 41 -1.29 12.44 -9.77
C ILE A 41 -0.47 12.64 -8.48
N LYS A 42 -1.02 12.20 -7.35
CA LYS A 42 -0.33 12.30 -6.06
C LYS A 42 0.25 10.94 -5.64
N GLU A 43 -0.61 9.93 -5.54
CA GLU A 43 -0.18 8.56 -5.21
C GLU A 43 -0.97 7.51 -6.02
N ARG A 44 -0.36 6.36 -6.27
CA ARG A 44 -1.03 5.25 -6.98
C ARG A 44 -1.17 4.02 -6.08
N THR A 45 -2.43 3.64 -5.81
CA THR A 45 -2.75 2.54 -4.90
C THR A 45 -2.87 1.18 -5.61
N TYR A 46 -2.08 0.21 -5.16
CA TYR A 46 -2.15 -1.17 -5.65
C TYR A 46 -2.85 -2.08 -4.63
N ASP A 47 -3.55 -3.10 -5.13
CA ASP A 47 -4.16 -4.11 -4.25
C ASP A 47 -3.24 -5.34 -4.09
N LEU A 48 -2.86 -5.63 -2.84
CA LEU A 48 -2.03 -6.81 -2.55
C LEU A 48 -2.72 -7.73 -1.52
N LYS A 49 -2.52 -9.04 -1.65
CA LYS A 49 -3.04 -10.00 -0.66
C LYS A 49 -1.90 -10.66 0.12
N SER A 50 -2.11 -10.88 1.41
CA SER A 50 -1.08 -11.47 2.29
C SER A 50 -1.43 -12.92 2.66
N LYS A 51 -0.40 -13.70 2.99
CA LYS A 51 -0.61 -15.09 3.45
C LYS A 51 -0.75 -15.15 4.97
N GLY A 52 -1.39 -16.21 5.47
CA GLY A 52 -1.65 -16.33 6.91
C GLY A 52 -2.83 -15.48 7.34
N GLN A 53 -2.71 -14.16 7.16
CA GLN A 53 -3.82 -13.23 7.40
C GLN A 53 -4.90 -13.38 6.33
N GLY A 54 -4.50 -13.88 5.15
CA GLY A 54 -5.44 -14.19 4.07
C GLY A 54 -6.39 -13.06 3.72
N ARG A 55 -5.89 -11.83 3.67
CA ARG A 55 -6.74 -10.66 3.44
C ARG A 55 -6.08 -9.66 2.48
N MET A 56 -6.85 -8.68 2.02
CA MET A 56 -6.33 -7.67 1.09
C MET A 56 -5.87 -6.40 1.82
N ILE A 57 -4.86 -5.75 1.25
CA ILE A 57 -4.31 -4.50 1.80
C ILE A 57 -4.19 -3.46 0.67
N GLN A 58 -4.30 -2.15 0.98
CA GLN A 58 -4.13 -1.15 -0.08
C GLN A 58 -2.79 -0.42 0.04
N VAL A 59 -1.86 -0.76 -0.84
CA VAL A 59 -0.51 -0.18 -0.81
C VAL A 59 -0.40 1.02 -1.74
N SER A 60 -0.04 2.17 -1.19
CA SER A 60 0.07 3.40 -1.99
C SER A 60 1.51 3.89 -2.07
N ILE A 61 1.96 4.20 -3.28
CA ILE A 61 3.29 4.76 -3.51
C ILE A 61 3.16 6.11 -4.25
N PRO A 62 4.05 7.08 -3.96
CA PRO A 62 4.03 8.39 -4.62
C PRO A 62 4.00 8.31 -6.15
N ALA A 63 3.35 9.27 -6.80
CA ALA A 63 3.24 9.30 -8.26
C ALA A 63 4.62 9.37 -8.93
N SER A 64 5.61 9.86 -8.19
CA SER A 64 7.00 9.92 -8.67
C SER A 64 7.59 8.52 -8.88
N VAL A 65 7.01 7.52 -8.23
CA VAL A 65 7.44 6.12 -8.38
C VAL A 65 6.75 5.45 -9.59
N PRO A 66 7.55 4.89 -10.53
CA PRO A 66 7.02 4.29 -11.79
C PRO A 66 5.92 3.22 -11.58
N LEU A 67 5.14 2.98 -12.63
CA LEU A 67 4.07 1.98 -12.61
C LEU A 67 4.63 0.55 -12.69
N LYS A 68 4.21 -0.31 -11.76
CA LYS A 68 4.75 -1.67 -11.65
C LYS A 68 4.08 -2.67 -12.61
N GLU A 69 2.78 -2.91 -12.40
CA GLU A 69 2.02 -3.88 -13.22
C GLU A 69 2.62 -5.30 -13.19
N PHE A 70 2.86 -5.84 -12.01
CA PHE A 70 3.31 -7.23 -11.88
C PHE A 70 2.18 -8.22 -12.19
N ASP A 71 2.52 -9.51 -12.25
CA ASP A 71 1.52 -10.57 -12.50
C ASP A 71 0.58 -10.76 -11.30
N TYR A 72 -0.57 -11.38 -11.54
CA TYR A 72 -1.50 -11.72 -10.46
C TYR A 72 -0.92 -12.87 -9.61
N ASN A 73 -0.99 -12.73 -8.29
CA ASN A 73 -0.39 -13.69 -7.35
C ASN A 73 1.15 -13.66 -7.39
N ALA A 74 1.72 -12.64 -8.03
CA ALA A 74 3.18 -12.50 -8.10
C ALA A 74 3.78 -12.16 -6.72
N ARG A 75 4.90 -12.80 -6.40
CA ARG A 75 5.55 -12.62 -5.09
C ARG A 75 6.35 -11.31 -5.06
N VAL A 76 5.81 -10.29 -4.39
CA VAL A 76 6.46 -8.98 -4.30
C VAL A 76 6.67 -8.53 -2.84
N GLU A 77 7.66 -7.67 -2.62
CA GLU A 77 7.93 -7.11 -1.30
C GLU A 77 8.06 -5.57 -1.38
N LEU A 78 7.81 -4.90 -0.26
CA LEU A 78 7.79 -3.44 -0.22
C LEU A 78 9.06 -2.85 0.40
N ILE A 79 9.55 -1.76 -0.20
CA ILE A 79 10.71 -1.03 0.33
C ILE A 79 10.26 -0.01 1.39
N ASN A 80 10.55 -0.32 2.66
CA ASN A 80 10.13 0.52 3.80
C ASN A 80 8.60 0.76 3.82
N PRO A 81 7.80 -0.28 4.08
CA PRO A 81 6.33 -0.16 4.15
C PRO A 81 5.83 0.36 5.52
N ILE A 82 4.95 1.37 5.48
CA ILE A 82 4.35 1.92 6.71
C ILE A 82 2.81 1.90 6.63
N ALA A 83 2.16 1.63 7.76
CA ALA A 83 0.70 1.65 7.83
C ALA A 83 0.17 3.05 8.18
N ASP A 84 -0.56 3.66 7.25
CA ASP A 84 -1.11 5.01 7.48
C ASP A 84 -2.30 4.97 8.45
N THR A 85 -2.68 6.14 8.96
CA THR A 85 -3.80 6.26 9.92
C THR A 85 -4.50 7.62 9.80
N VAL A 86 -3.72 8.67 9.56
CA VAL A 86 -4.24 10.05 9.49
C VAL A 86 -4.88 10.36 8.12
N ALA A 87 -4.99 9.35 7.25
CA ALA A 87 -5.62 9.51 5.93
C ALA A 87 -6.98 10.22 6.00
N THR A 88 -7.83 9.77 6.92
CA THR A 88 -9.17 10.34 7.11
C THR A 88 -9.12 11.84 7.46
N ALA A 89 -7.96 12.34 7.86
CA ALA A 89 -7.79 13.75 8.26
C ALA A 89 -6.99 14.55 7.23
N THR A 90 -6.19 13.88 6.41
CA THR A 90 -5.32 14.55 5.44
C THR A 90 -5.93 14.61 4.02
N TYR A 91 -6.51 13.48 3.58
CA TYR A 91 -7.07 13.40 2.22
C TYR A 91 -8.45 14.09 2.14
N GLN A 92 -9.50 13.39 2.57
CA GLN A 92 -10.86 13.96 2.54
C GLN A 92 -11.70 13.54 3.77
N GLY A 93 -11.73 12.24 4.07
CA GLY A 93 -12.50 11.78 5.22
C GLY A 93 -12.97 10.33 5.11
N ALA A 94 -13.23 9.88 3.89
CA ALA A 94 -13.68 8.50 3.65
C ALA A 94 -12.49 7.51 3.57
N ASP A 95 -11.31 8.01 3.93
CA ASP A 95 -10.08 7.22 3.87
C ASP A 95 -9.74 6.59 5.24
N VAL A 96 -10.16 5.34 5.44
CA VAL A 96 -9.93 4.64 6.72
C VAL A 96 -9.33 3.24 6.54
N ASP A 97 -9.70 2.54 5.46
CA ASP A 97 -9.09 1.24 5.15
C ASP A 97 -7.58 1.38 4.97
N TRP A 98 -6.82 0.53 5.66
CA TRP A 98 -5.38 0.75 5.81
C TRP A 98 -4.58 0.75 4.49
N TYR A 99 -4.15 1.96 4.13
CA TYR A 99 -3.20 2.18 3.05
C TYR A 99 -1.77 2.02 3.55
N ILE A 100 -1.09 0.98 3.09
CA ILE A 100 0.30 0.74 3.46
C ILE A 100 1.24 1.44 2.46
N LYS A 101 1.80 2.56 2.89
CA LYS A 101 2.63 3.39 2.01
C LYS A 101 4.08 2.90 1.96
N ALA A 102 4.62 2.78 0.75
CA ALA A 102 5.98 2.26 0.56
C ALA A 102 6.82 3.16 -0.34
N ASP A 103 8.14 3.08 -0.17
CA ASP A 103 9.09 3.81 -1.00
C ASP A 103 9.10 3.28 -2.45
N ASP A 104 9.00 1.95 -2.58
CA ASP A 104 8.96 1.30 -3.89
C ASP A 104 8.46 -0.16 -3.78
N ILE A 105 8.03 -0.73 -4.90
CA ILE A 105 7.50 -2.10 -4.95
C ILE A 105 8.37 -3.00 -5.86
N VAL A 106 9.00 -4.01 -5.28
CA VAL A 106 9.88 -4.92 -6.04
C VAL A 106 9.46 -6.40 -5.86
N LEU A 107 10.06 -7.29 -6.64
CA LEU A 107 9.80 -8.73 -6.51
C LEU A 107 10.46 -9.28 -5.23
N THR A 108 9.76 -10.17 -4.53
CA THR A 108 10.27 -10.78 -3.29
C THR A 108 11.60 -11.51 -3.54
N LEU A 109 12.63 -11.15 -2.77
CA LEU A 109 13.91 -11.87 -2.82
C LEU A 109 13.69 -13.34 -2.49
N GLU A 110 13.49 -14.16 -3.54
CA GLU A 110 13.18 -15.58 -3.39
C GLU A 110 14.38 -16.40 -2.87
N MET A 1 18.15 5.92 -7.90
CA MET A 1 17.71 4.78 -7.04
C MET A 1 18.64 4.61 -5.84
N MET A 2 18.11 4.80 -4.64
CA MET A 2 18.88 4.61 -3.41
C MET A 2 18.85 3.15 -2.94
N ARG A 3 19.77 2.81 -2.04
CA ARG A 3 19.71 1.51 -1.35
C ARG A 3 19.27 1.71 0.11
N LEU A 4 18.83 0.63 0.75
CA LEU A 4 18.29 0.71 2.10
C LEU A 4 19.37 0.42 3.15
N ALA A 5 19.56 1.38 4.06
CA ALA A 5 20.62 1.32 5.06
C ALA A 5 20.31 0.34 6.21
N ASN A 6 21.36 -0.28 6.74
CA ASN A 6 21.24 -1.21 7.87
C ASN A 6 21.26 -0.47 9.22
N GLY A 7 20.87 0.80 9.21
CA GLY A 7 20.85 1.61 10.43
C GLY A 7 19.86 1.10 11.47
N ILE A 8 18.71 0.61 11.02
CA ILE A 8 17.68 0.08 11.93
C ILE A 8 17.77 -1.45 12.03
N VAL A 9 17.58 -1.97 13.24
CA VAL A 9 17.64 -3.42 13.47
C VAL A 9 16.24 -4.04 13.48
N LEU A 10 15.97 -4.90 12.50
CA LEU A 10 14.68 -5.59 12.40
C LEU A 10 14.85 -7.12 12.46
N ASP A 11 13.73 -7.84 12.51
CA ASP A 11 13.77 -9.30 12.58
C ASP A 11 13.23 -9.91 11.26
N LYS A 12 11.93 -10.22 11.23
CA LYS A 12 11.24 -10.70 10.04
C LYS A 12 9.79 -11.00 10.41
N ASP A 13 8.90 -10.06 10.08
CA ASP A 13 7.51 -10.11 10.50
C ASP A 13 6.78 -11.37 10.01
N THR A 14 6.62 -12.34 10.92
CA THR A 14 5.81 -13.54 10.66
C THR A 14 4.35 -13.17 10.40
N THR A 15 3.98 -11.95 10.79
CA THR A 15 2.65 -11.39 10.49
C THR A 15 2.46 -11.20 8.98
N PHE A 16 3.58 -11.11 8.25
CA PHE A 16 3.56 -10.92 6.80
C PHE A 16 4.33 -12.02 6.06
N GLY A 17 3.64 -13.08 5.66
CA GLY A 17 4.22 -14.06 4.74
C GLY A 17 4.46 -13.45 3.36
N GLU A 18 4.97 -14.23 2.41
CA GLU A 18 5.29 -13.68 1.08
C GLU A 18 4.08 -12.98 0.43
N LEU A 19 4.35 -11.82 -0.18
CA LEU A 19 3.30 -10.98 -0.75
C LEU A 19 2.95 -11.41 -2.18
N LYS A 20 1.88 -10.83 -2.74
CA LYS A 20 1.47 -11.18 -4.10
C LYS A 20 0.59 -10.09 -4.73
N PHE A 21 0.91 -9.74 -5.97
CA PHE A 21 0.20 -8.69 -6.70
C PHE A 21 -1.20 -9.15 -7.13
N SER A 22 -2.18 -8.24 -7.11
CA SER A 22 -3.53 -8.55 -7.61
C SER A 22 -3.98 -7.55 -8.68
N ALA A 23 -4.15 -6.28 -8.30
CA ALA A 23 -4.59 -5.24 -9.25
C ALA A 23 -4.28 -3.82 -8.72
N LEU A 24 -4.76 -2.80 -9.45
CA LEU A 24 -4.64 -1.41 -9.02
C LEU A 24 -5.92 -0.94 -8.29
N ARG A 25 -5.74 -0.28 -7.13
CA ARG A 25 -6.87 0.16 -6.30
C ARG A 25 -7.37 1.56 -6.72
N ARG A 26 -6.51 2.56 -6.53
CA ARG A 26 -6.88 3.96 -6.82
C ARG A 26 -5.64 4.87 -6.89
N GLU A 27 -5.66 5.83 -7.80
CA GLU A 27 -4.63 6.87 -7.86
C GLU A 27 -5.20 8.21 -7.35
N VAL A 28 -4.92 8.54 -6.08
CA VAL A 28 -5.48 9.76 -5.47
C VAL A 28 -4.81 11.02 -6.05
N ARG A 29 -5.43 11.57 -7.10
CA ARG A 29 -4.89 12.74 -7.80
C ARG A 29 -5.26 14.05 -7.11
N ILE A 30 -4.50 15.10 -7.41
CA ILE A 30 -4.72 16.44 -6.85
C ILE A 30 -5.83 17.17 -7.62
N GLN A 31 -6.77 17.77 -6.89
CA GLN A 31 -7.87 18.50 -7.53
C GLN A 31 -7.72 20.01 -7.29
N ASN A 32 -7.78 20.79 -8.36
CA ASN A 32 -7.52 22.24 -8.30
C ASN A 32 -8.61 22.99 -7.53
N GLU A 33 -8.23 24.13 -6.94
CA GLU A 33 -9.19 25.04 -6.30
C GLU A 33 -10.33 25.40 -7.26
N ASP A 34 -9.98 25.54 -8.55
CA ASP A 34 -10.94 25.78 -9.62
C ASP A 34 -12.09 24.76 -9.60
N GLY A 35 -11.75 23.49 -9.37
CA GLY A 35 -12.75 22.42 -9.37
C GLY A 35 -12.30 21.21 -10.17
N SER A 36 -11.67 21.46 -11.31
CA SER A 36 -11.21 20.36 -12.18
C SER A 36 -10.05 19.57 -11.55
N VAL A 37 -9.99 18.28 -11.87
CA VAL A 37 -8.95 17.39 -11.32
C VAL A 37 -7.68 17.42 -12.18
N SER A 38 -6.51 17.46 -11.52
CA SER A 38 -5.22 17.49 -12.21
C SER A 38 -4.69 16.08 -12.51
N ASP A 39 -3.67 15.99 -13.36
CA ASP A 39 -2.98 14.73 -13.61
C ASP A 39 -1.84 14.51 -12.60
N GLU A 40 -1.55 15.53 -11.79
CA GLU A 40 -0.61 15.38 -10.68
C GLU A 40 -1.22 14.54 -9.56
N ILE A 41 -0.44 13.60 -9.02
CA ILE A 41 -0.95 12.65 -8.04
C ILE A 41 -0.36 12.90 -6.63
N LYS A 42 -1.04 12.42 -5.61
CA LYS A 42 -0.51 12.43 -4.25
C LYS A 42 0.10 11.06 -3.90
N GLU A 43 -0.71 10.01 -4.05
CA GLU A 43 -0.27 8.61 -3.85
C GLU A 43 -0.96 7.66 -4.85
N ARG A 44 -0.31 6.53 -5.12
CA ARG A 44 -0.88 5.48 -5.97
C ARG A 44 -1.10 4.20 -5.16
N THR A 45 -2.36 3.86 -4.91
CA THR A 45 -2.71 2.71 -4.07
C THR A 45 -2.96 1.43 -4.89
N TYR A 46 -2.25 0.36 -4.55
CA TYR A 46 -2.40 -0.94 -5.23
C TYR A 46 -3.10 -1.98 -4.34
N ASP A 47 -3.68 -3.01 -4.99
CA ASP A 47 -4.29 -4.14 -4.31
C ASP A 47 -3.30 -5.32 -4.22
N LEU A 48 -2.78 -5.59 -3.03
CA LEU A 48 -1.83 -6.70 -2.83
C LEU A 48 -2.38 -7.71 -1.80
N LYS A 49 -1.83 -8.92 -1.83
CA LYS A 49 -2.26 -10.00 -0.92
C LYS A 49 -1.12 -10.40 0.04
N SER A 50 -1.46 -10.77 1.28
CA SER A 50 -0.45 -11.18 2.27
C SER A 50 -0.80 -12.53 2.91
N LYS A 51 0.13 -13.50 2.83
CA LYS A 51 -0.08 -14.83 3.42
C LYS A 51 -0.19 -14.78 4.95
N GLY A 52 0.51 -13.84 5.57
CA GLY A 52 0.55 -13.77 7.03
C GLY A 52 -0.84 -13.81 7.68
N GLN A 53 -1.56 -12.70 7.61
CA GLN A 53 -2.92 -12.64 8.15
C GLN A 53 -3.96 -13.11 7.12
N GLY A 54 -3.48 -13.63 5.98
CA GLY A 54 -4.36 -14.20 4.96
C GLY A 54 -5.44 -13.24 4.45
N ARG A 55 -5.10 -11.95 4.34
CA ARG A 55 -6.06 -10.93 3.89
C ARG A 55 -5.45 -10.01 2.82
N MET A 56 -6.25 -9.04 2.35
CA MET A 56 -5.77 -8.05 1.39
C MET A 56 -5.18 -6.83 2.09
N ILE A 57 -4.20 -6.21 1.46
CA ILE A 57 -3.56 -5.01 1.99
C ILE A 57 -3.65 -3.85 0.99
N GLN A 58 -3.97 -2.65 1.46
CA GLN A 58 -4.00 -1.49 0.56
C GLN A 58 -2.66 -0.72 0.62
N VAL A 59 -1.85 -0.89 -0.41
CA VAL A 59 -0.50 -0.32 -0.43
C VAL A 59 -0.46 1.05 -1.13
N SER A 60 -0.12 2.09 -0.38
CA SER A 60 -0.05 3.45 -0.92
C SER A 60 1.40 3.91 -1.09
N ILE A 61 1.80 4.16 -2.33
CA ILE A 61 3.15 4.64 -2.65
C ILE A 61 3.11 6.11 -3.14
N PRO A 62 4.17 6.90 -2.88
CA PRO A 62 4.22 8.32 -3.27
C PRO A 62 4.11 8.54 -4.79
N ALA A 63 3.61 9.71 -5.19
CA ALA A 63 3.39 10.02 -6.61
C ALA A 63 4.70 10.04 -7.42
N SER A 64 5.82 10.18 -6.74
CA SER A 64 7.15 10.17 -7.39
C SER A 64 7.48 8.78 -7.96
N VAL A 65 6.66 7.79 -7.61
CA VAL A 65 6.85 6.41 -8.08
C VAL A 65 6.06 6.13 -9.38
N PRO A 66 6.70 5.53 -10.41
CA PRO A 66 6.03 5.22 -11.69
C PRO A 66 5.00 4.09 -11.60
N LEU A 67 4.41 3.73 -12.75
CA LEU A 67 3.37 2.69 -12.81
C LEU A 67 3.98 1.27 -12.84
N LYS A 68 3.33 0.32 -12.15
CA LYS A 68 3.80 -1.07 -12.10
C LYS A 68 2.98 -1.98 -13.03
N GLU A 69 1.70 -2.19 -12.67
CA GLU A 69 0.79 -3.07 -13.42
C GLU A 69 1.40 -4.45 -13.69
N PHE A 70 1.81 -5.14 -12.63
CA PHE A 70 2.31 -6.52 -12.76
C PHE A 70 1.16 -7.52 -12.98
N ASP A 71 1.51 -8.76 -13.29
CA ASP A 71 0.51 -9.81 -13.52
C ASP A 71 -0.21 -10.23 -12.23
N TYR A 72 -1.46 -10.69 -12.39
CA TYR A 72 -2.23 -11.24 -11.27
C TYR A 72 -1.49 -12.42 -10.63
N ASN A 73 -1.22 -12.31 -9.33
CA ASN A 73 -0.52 -13.34 -8.56
C ASN A 73 0.98 -13.43 -8.90
N ALA A 74 1.57 -12.29 -9.29
CA ALA A 74 3.03 -12.19 -9.41
C ALA A 74 3.66 -11.86 -8.04
N ARG A 75 4.85 -12.38 -7.77
CA ARG A 75 5.54 -12.14 -6.50
C ARG A 75 6.12 -10.72 -6.44
N VAL A 76 5.60 -9.88 -5.54
CA VAL A 76 6.07 -8.50 -5.37
C VAL A 76 6.50 -8.21 -3.93
N GLU A 77 7.49 -7.35 -3.74
CA GLU A 77 7.96 -6.94 -2.41
C GLU A 77 8.01 -5.41 -2.30
N LEU A 78 7.78 -4.89 -1.10
CA LEU A 78 7.65 -3.44 -0.88
C LEU A 78 8.92 -2.82 -0.29
N ILE A 79 9.31 -1.66 -0.82
CA ILE A 79 10.43 -0.89 -0.28
C ILE A 79 9.96 -0.03 0.91
N ASN A 80 10.35 -0.43 2.12
CA ASN A 80 9.96 0.28 3.36
C ASN A 80 8.44 0.30 3.58
N PRO A 81 7.83 -0.89 3.78
CA PRO A 81 6.38 -1.01 4.03
C PRO A 81 6.01 -0.73 5.50
N ILE A 82 5.04 0.16 5.71
CA ILE A 82 4.55 0.47 7.07
C ILE A 82 3.01 0.51 7.10
N ALA A 83 2.42 -0.24 8.03
CA ALA A 83 0.98 -0.16 8.27
C ALA A 83 0.64 1.15 9.00
N ASP A 84 0.17 2.14 8.27
CA ASP A 84 -0.01 3.49 8.81
C ASP A 84 -1.16 3.55 9.84
N THR A 85 -1.13 4.58 10.68
CA THR A 85 -2.10 4.71 11.78
C THR A 85 -2.63 6.17 11.89
N VAL A 86 -2.01 7.10 11.17
CA VAL A 86 -2.34 8.52 11.29
C VAL A 86 -2.91 9.11 9.99
N ALA A 87 -3.08 8.26 8.96
CA ALA A 87 -3.60 8.70 7.67
C ALA A 87 -5.04 9.23 7.76
N THR A 88 -5.19 10.47 8.23
CA THR A 88 -6.51 11.10 8.40
C THR A 88 -7.28 11.17 7.08
N ALA A 89 -6.55 11.20 5.97
CA ALA A 89 -7.16 11.25 4.63
C ALA A 89 -8.18 10.11 4.40
N THR A 90 -7.93 8.94 4.98
CA THR A 90 -8.84 7.79 4.84
C THR A 90 -9.86 7.72 5.99
N TYR A 91 -9.39 7.99 7.22
CA TYR A 91 -10.26 7.93 8.40
C TYR A 91 -11.35 9.02 8.35
N GLN A 92 -11.03 10.16 7.74
CA GLN A 92 -12.00 11.24 7.54
C GLN A 92 -13.17 10.77 6.65
N GLY A 93 -12.89 9.78 5.81
CA GLY A 93 -13.91 9.20 4.93
C GLY A 93 -14.52 7.92 5.50
N ALA A 94 -14.26 7.66 6.79
CA ALA A 94 -14.80 6.46 7.47
C ALA A 94 -14.30 5.15 6.84
N ASP A 95 -13.14 5.21 6.18
CA ASP A 95 -12.55 4.01 5.56
C ASP A 95 -11.48 3.41 6.50
N VAL A 96 -11.74 2.20 7.00
CA VAL A 96 -10.93 1.62 8.07
C VAL A 96 -9.98 0.49 7.58
N ASP A 97 -10.10 0.11 6.30
CA ASP A 97 -9.23 -0.92 5.73
C ASP A 97 -7.76 -0.47 5.75
N TRP A 98 -6.91 -1.25 6.41
CA TRP A 98 -5.51 -0.85 6.66
C TRP A 98 -4.70 -0.57 5.38
N TYR A 99 -4.15 0.65 5.33
CA TYR A 99 -3.28 1.08 4.24
C TYR A 99 -1.80 0.94 4.64
N ILE A 100 -1.08 0.08 3.92
CA ILE A 100 0.34 -0.10 4.15
C ILE A 100 1.16 0.77 3.19
N LYS A 101 1.73 1.85 3.72
CA LYS A 101 2.48 2.81 2.91
C LYS A 101 3.90 2.29 2.60
N ALA A 102 4.31 2.45 1.35
CA ALA A 102 5.65 2.01 0.92
C ALA A 102 6.27 3.05 -0.03
N ASP A 103 7.60 3.07 -0.10
CA ASP A 103 8.30 4.04 -0.95
C ASP A 103 8.32 3.58 -2.43
N ASP A 104 8.18 2.26 -2.64
CA ASP A 104 8.14 1.69 -4.00
C ASP A 104 7.73 0.21 -4.00
N ILE A 105 7.25 -0.27 -5.15
CA ILE A 105 6.84 -1.67 -5.31
C ILE A 105 7.67 -2.38 -6.39
N VAL A 106 8.53 -3.30 -5.97
CA VAL A 106 9.35 -4.09 -6.90
C VAL A 106 8.95 -5.58 -6.88
N LEU A 107 9.60 -6.39 -7.70
CA LEU A 107 9.32 -7.84 -7.76
C LEU A 107 10.16 -8.61 -6.74
N THR A 108 9.63 -9.73 -6.26
CA THR A 108 10.37 -10.60 -5.34
C THR A 108 11.24 -11.59 -6.13
N LEU A 109 12.50 -11.77 -5.71
CA LEU A 109 13.45 -12.67 -6.38
C LEU A 109 13.80 -12.20 -7.80
N GLU A 110 13.59 -10.91 -8.08
CA GLU A 110 13.90 -10.34 -9.40
C GLU A 110 15.41 -10.32 -9.70
N MET A 1 3.15 -28.53 27.07
CA MET A 1 1.77 -28.06 26.76
C MET A 1 0.77 -28.56 27.79
N MET A 2 0.30 -27.66 28.65
CA MET A 2 -0.71 -28.00 29.67
C MET A 2 -1.85 -26.98 29.67
N ARG A 3 -3.10 -27.46 29.76
CA ARG A 3 -4.26 -26.57 29.84
C ARG A 3 -4.17 -25.67 31.10
N LEU A 4 -3.28 -26.04 32.01
CA LEU A 4 -3.00 -25.22 33.19
C LEU A 4 -2.28 -23.93 32.81
N ALA A 5 -2.93 -22.79 33.02
CA ALA A 5 -2.37 -21.46 32.70
C ALA A 5 -2.37 -21.16 31.19
N ASN A 6 -2.02 -22.13 30.37
CA ASN A 6 -1.99 -21.96 28.90
C ASN A 6 -3.41 -21.98 28.30
N GLY A 7 -4.02 -20.81 28.20
CA GLY A 7 -5.34 -20.69 27.59
C GLY A 7 -5.41 -19.61 26.52
N ILE A 8 -5.04 -18.39 26.90
CA ILE A 8 -4.98 -17.26 25.97
C ILE A 8 -3.98 -17.52 24.81
N VAL A 9 -4.26 -16.95 23.64
CA VAL A 9 -3.39 -17.11 22.48
C VAL A 9 -2.07 -16.36 22.66
N LEU A 10 -0.95 -17.04 22.42
CA LEU A 10 0.37 -16.46 22.62
C LEU A 10 0.87 -15.67 21.39
N ASP A 11 2.06 -15.09 21.51
CA ASP A 11 2.64 -14.25 20.44
C ASP A 11 2.97 -15.05 19.18
N LYS A 12 3.34 -14.34 18.10
CA LYS A 12 3.80 -14.97 16.86
C LYS A 12 4.28 -13.91 15.85
N ASP A 13 5.33 -14.23 15.10
CA ASP A 13 5.89 -13.31 14.10
C ASP A 13 4.91 -13.09 12.93
N THR A 14 4.27 -11.93 12.90
CA THR A 14 3.36 -11.58 11.81
C THR A 14 4.12 -11.22 10.53
N THR A 15 4.53 -12.25 9.78
CA THR A 15 5.27 -12.06 8.54
C THR A 15 4.36 -12.15 7.31
N PHE A 16 4.48 -11.18 6.40
CA PHE A 16 3.63 -11.10 5.22
C PHE A 16 3.97 -12.21 4.20
N GLY A 17 5.26 -12.35 3.89
CA GLY A 17 5.70 -13.30 2.88
C GLY A 17 5.64 -12.71 1.47
N GLU A 18 5.59 -13.56 0.45
CA GLU A 18 5.44 -13.11 -0.93
C GLU A 18 4.05 -12.48 -1.15
N LEU A 19 4.02 -11.16 -1.31
CA LEU A 19 2.75 -10.45 -1.54
C LEU A 19 2.24 -10.71 -2.96
N LYS A 20 1.00 -11.14 -3.07
CA LYS A 20 0.43 -11.51 -4.38
C LYS A 20 -0.47 -10.40 -4.92
N PHE A 21 0.03 -9.68 -5.92
CA PHE A 21 -0.68 -8.57 -6.56
C PHE A 21 -2.03 -9.00 -7.17
N SER A 22 -3.07 -8.21 -6.95
CA SER A 22 -4.38 -8.48 -7.56
C SER A 22 -4.76 -7.40 -8.59
N ALA A 23 -4.91 -6.17 -8.13
CA ALA A 23 -5.31 -5.07 -9.01
C ALA A 23 -4.81 -3.71 -8.48
N LEU A 24 -4.81 -2.71 -9.37
CA LEU A 24 -4.53 -1.34 -8.96
C LEU A 24 -5.77 -0.76 -8.23
N ARG A 25 -5.62 -0.53 -6.93
CA ARG A 25 -6.75 -0.13 -6.10
C ARG A 25 -7.34 1.22 -6.54
N ARG A 26 -6.48 2.23 -6.70
CA ARG A 26 -6.93 3.57 -7.08
C ARG A 26 -5.75 4.55 -7.28
N GLU A 27 -5.92 5.48 -8.21
CA GLU A 27 -4.98 6.59 -8.39
C GLU A 27 -5.58 7.90 -7.86
N VAL A 28 -5.17 8.33 -6.66
CA VAL A 28 -5.62 9.63 -6.15
C VAL A 28 -4.78 10.76 -6.76
N ARG A 29 -5.43 11.60 -7.57
CA ARG A 29 -4.73 12.65 -8.31
C ARG A 29 -4.93 14.01 -7.63
N ILE A 30 -4.03 14.96 -7.88
CA ILE A 30 -4.06 16.25 -7.19
C ILE A 30 -5.28 17.09 -7.60
N GLN A 31 -6.24 17.22 -6.69
CA GLN A 31 -7.44 18.01 -6.95
C GLN A 31 -7.24 19.49 -6.56
N ASN A 32 -7.36 20.37 -7.54
CA ASN A 32 -7.16 21.81 -7.32
C ASN A 32 -8.26 22.43 -6.42
N GLU A 33 -7.94 23.57 -5.80
CA GLU A 33 -8.92 24.32 -5.01
C GLU A 33 -10.14 24.74 -5.86
N ASP A 34 -9.97 24.70 -7.19
CA ASP A 34 -11.07 25.00 -8.13
C ASP A 34 -12.11 23.87 -8.18
N GLY A 35 -11.84 22.77 -7.48
CA GLY A 35 -12.75 21.62 -7.46
C GLY A 35 -12.40 20.56 -8.49
N SER A 36 -11.78 20.97 -9.59
CA SER A 36 -11.42 20.06 -10.67
C SER A 36 -10.11 19.32 -10.37
N VAL A 37 -9.96 18.13 -10.95
CA VAL A 37 -8.74 17.32 -10.77
C VAL A 37 -7.65 17.73 -11.77
N SER A 38 -6.43 17.90 -11.27
CA SER A 38 -5.29 18.35 -12.09
C SER A 38 -4.63 17.19 -12.85
N ASP A 39 -3.77 17.54 -13.80
CA ASP A 39 -3.00 16.56 -14.56
C ASP A 39 -1.95 15.88 -13.67
N GLU A 40 -1.55 16.56 -12.62
CA GLU A 40 -0.58 16.04 -11.65
C GLU A 40 -1.22 15.00 -10.71
N ILE A 41 -0.56 13.87 -10.55
CA ILE A 41 -1.04 12.80 -9.68
C ILE A 41 -0.41 12.90 -8.29
N LYS A 42 -1.14 12.48 -7.26
CA LYS A 42 -0.66 12.57 -5.87
C LYS A 42 0.05 11.27 -5.44
N GLU A 43 -0.67 10.16 -5.52
CA GLU A 43 -0.09 8.84 -5.19
C GLU A 43 -0.97 7.70 -5.75
N ARG A 44 -0.43 6.47 -5.72
CA ARG A 44 -1.11 5.31 -6.33
C ARG A 44 -1.23 4.12 -5.36
N THR A 45 -2.46 3.64 -5.18
CA THR A 45 -2.75 2.54 -4.24
C THR A 45 -2.90 1.18 -4.96
N TYR A 46 -2.24 0.15 -4.42
CA TYR A 46 -2.26 -1.21 -5.00
C TYR A 46 -2.92 -2.25 -4.07
N ASP A 47 -3.50 -3.29 -4.66
CA ASP A 47 -4.01 -4.43 -3.90
C ASP A 47 -2.94 -5.54 -3.77
N LEU A 48 -2.40 -5.69 -2.57
CA LEU A 48 -1.42 -6.76 -2.30
C LEU A 48 -1.97 -7.76 -1.27
N LYS A 49 -2.07 -9.03 -1.66
CA LYS A 49 -2.60 -10.09 -0.79
C LYS A 49 -1.45 -10.78 -0.03
N SER A 50 -1.73 -11.25 1.19
CA SER A 50 -0.71 -11.93 2.01
C SER A 50 -0.39 -13.33 1.47
N LYS A 51 0.77 -13.86 1.82
CA LYS A 51 1.23 -15.18 1.33
C LYS A 51 0.22 -16.29 1.70
N GLY A 52 0.04 -16.53 3.00
CA GLY A 52 -0.85 -17.61 3.45
C GLY A 52 -1.43 -17.36 4.84
N GLN A 53 -1.93 -16.15 5.06
CA GLN A 53 -2.54 -15.79 6.35
C GLN A 53 -4.06 -15.60 6.21
N GLY A 54 -4.50 -15.14 5.03
CA GLY A 54 -5.92 -14.89 4.81
C GLY A 54 -6.31 -13.43 4.96
N ARG A 55 -5.36 -12.51 4.72
CA ARG A 55 -5.63 -11.07 4.80
C ARG A 55 -4.93 -10.33 3.65
N MET A 56 -5.11 -9.01 3.59
CA MET A 56 -4.45 -8.20 2.55
C MET A 56 -4.08 -6.80 3.08
N ILE A 57 -3.27 -6.08 2.30
CA ILE A 57 -2.89 -4.70 2.62
C ILE A 57 -2.94 -3.82 1.37
N GLN A 58 -3.51 -2.62 1.50
CA GLN A 58 -3.57 -1.68 0.37
C GLN A 58 -2.38 -0.72 0.43
N VAL A 59 -1.40 -0.92 -0.44
CA VAL A 59 -0.15 -0.15 -0.41
C VAL A 59 -0.17 1.03 -1.39
N SER A 60 -0.02 2.24 -0.86
CA SER A 60 -0.05 3.45 -1.69
C SER A 60 1.34 4.10 -1.80
N ILE A 61 1.89 4.13 -3.01
CA ILE A 61 3.23 4.70 -3.26
C ILE A 61 3.13 6.09 -3.93
N PRO A 62 4.14 6.97 -3.70
CA PRO A 62 4.14 8.33 -4.27
C PRO A 62 4.12 8.36 -5.81
N ALA A 63 3.50 9.39 -6.39
CA ALA A 63 3.35 9.50 -7.85
C ALA A 63 4.69 9.74 -8.57
N SER A 64 5.73 10.11 -7.81
CA SER A 64 7.08 10.27 -8.36
C SER A 64 7.63 8.93 -8.88
N VAL A 65 7.06 7.83 -8.38
CA VAL A 65 7.47 6.49 -8.79
C VAL A 65 6.61 5.98 -9.97
N PRO A 66 7.24 5.60 -11.11
CA PRO A 66 6.53 5.06 -12.29
C PRO A 66 5.60 3.88 -11.96
N LEU A 67 4.54 3.73 -12.76
CA LEU A 67 3.54 2.69 -12.52
C LEU A 67 4.10 1.28 -12.81
N LYS A 68 3.72 0.31 -11.98
CA LYS A 68 4.35 -1.02 -12.00
C LYS A 68 3.78 -1.93 -13.11
N GLU A 69 2.46 -2.16 -13.08
CA GLU A 69 1.79 -3.05 -14.05
C GLU A 69 2.35 -4.49 -13.99
N PHE A 70 2.58 -5.02 -12.78
CA PHE A 70 3.09 -6.39 -12.62
C PHE A 70 2.05 -7.44 -13.09
N ASP A 71 2.48 -8.69 -13.22
CA ASP A 71 1.59 -9.78 -13.63
C ASP A 71 0.58 -10.11 -12.52
N TYR A 72 -0.59 -10.64 -12.89
CA TYR A 72 -1.64 -10.94 -11.91
C TYR A 72 -1.17 -12.00 -10.90
N ASN A 73 -1.14 -11.62 -9.62
CA ASN A 73 -0.68 -12.49 -8.53
C ASN A 73 0.85 -12.71 -8.55
N ALA A 74 1.55 -11.81 -9.25
CA ALA A 74 3.02 -11.83 -9.26
C ALA A 74 3.58 -11.63 -7.85
N ARG A 75 4.64 -12.35 -7.53
CA ARG A 75 5.26 -12.31 -6.20
C ARG A 75 6.02 -11.00 -5.98
N VAL A 76 5.52 -10.15 -5.07
CA VAL A 76 6.16 -8.86 -4.76
C VAL A 76 6.45 -8.71 -3.26
N GLU A 77 7.34 -7.77 -2.94
CA GLU A 77 7.66 -7.46 -1.53
C GLU A 77 7.91 -5.95 -1.35
N LEU A 78 7.70 -5.46 -0.13
CA LEU A 78 7.80 -4.01 0.16
C LEU A 78 9.17 -3.62 0.71
N ILE A 79 9.66 -2.45 0.30
CA ILE A 79 10.92 -1.91 0.84
C ILE A 79 10.71 -1.35 2.27
N ASN A 80 10.11 -0.16 2.36
CA ASN A 80 9.86 0.48 3.66
C ASN A 80 8.40 0.98 3.76
N PRO A 81 7.49 0.13 4.30
CA PRO A 81 6.08 0.49 4.51
C PRO A 81 5.81 1.29 5.81
N ILE A 82 4.70 2.04 5.82
CA ILE A 82 4.22 2.74 7.02
C ILE A 82 2.67 2.76 7.06
N ALA A 83 2.08 2.42 8.21
CA ALA A 83 0.63 2.43 8.35
C ALA A 83 0.09 3.87 8.47
N ASP A 84 -0.71 4.30 7.49
CA ASP A 84 -1.18 5.69 7.44
C ASP A 84 -2.66 5.82 7.80
N THR A 85 -3.54 5.47 6.87
CA THR A 85 -4.99 5.58 7.10
C THR A 85 -5.59 4.21 7.38
N VAL A 86 -5.55 3.81 8.65
CA VAL A 86 -6.16 2.57 9.08
C VAL A 86 -7.70 2.72 9.11
N ALA A 87 -8.34 2.26 8.04
CA ALA A 87 -9.78 2.47 7.82
C ALA A 87 -10.64 2.03 9.01
N THR A 88 -10.21 0.99 9.72
CA THR A 88 -10.94 0.48 10.89
C THR A 88 -11.17 1.57 11.96
N ALA A 89 -10.26 2.54 12.02
CA ALA A 89 -10.32 3.59 13.04
C ALA A 89 -10.81 4.95 12.48
N THR A 90 -11.27 4.97 11.22
CA THR A 90 -11.75 6.23 10.60
C THR A 90 -13.26 6.19 10.30
N TYR A 91 -13.93 5.11 10.68
CA TYR A 91 -15.37 4.95 10.43
C TYR A 91 -16.19 4.92 11.73
N GLN A 92 -17.49 4.65 11.62
CA GLN A 92 -18.39 4.63 12.78
C GLN A 92 -18.57 3.21 13.36
N GLY A 93 -17.54 2.37 13.22
CA GLY A 93 -17.60 1.01 13.77
C GLY A 93 -17.27 -0.08 12.77
N ALA A 94 -17.40 0.22 11.47
CA ALA A 94 -17.15 -0.76 10.41
C ALA A 94 -15.68 -1.23 10.35
N ASP A 95 -15.45 -2.50 10.70
CA ASP A 95 -14.12 -3.11 10.60
C ASP A 95 -13.83 -3.54 9.15
N VAL A 96 -12.93 -2.83 8.49
CA VAL A 96 -12.63 -3.08 7.06
C VAL A 96 -11.11 -3.07 6.79
N ASP A 97 -10.75 -3.28 5.52
CA ASP A 97 -9.35 -3.26 5.07
C ASP A 97 -8.66 -1.91 5.36
N TRP A 98 -7.33 -1.94 5.47
CA TRP A 98 -6.55 -0.76 5.88
C TRP A 98 -5.48 -0.37 4.85
N TYR A 99 -5.04 0.90 4.92
CA TYR A 99 -4.13 1.48 3.90
C TYR A 99 -2.72 1.75 4.45
N ILE A 100 -1.72 1.20 3.76
CA ILE A 100 -0.31 1.39 4.12
C ILE A 100 0.45 2.14 3.01
N LYS A 101 1.11 3.23 3.36
CA LYS A 101 1.93 3.97 2.40
C LYS A 101 3.37 3.44 2.44
N ALA A 102 4.03 3.37 1.28
CA ALA A 102 5.37 2.74 1.22
C ALA A 102 6.36 3.55 0.37
N ASP A 103 7.64 3.23 0.55
CA ASP A 103 8.71 3.77 -0.29
C ASP A 103 8.58 3.29 -1.74
N ASP A 104 8.59 1.97 -1.93
CA ASP A 104 8.48 1.37 -3.27
C ASP A 104 8.13 -0.14 -3.19
N ILE A 105 7.68 -0.69 -4.31
CA ILE A 105 7.28 -2.12 -4.39
C ILE A 105 8.13 -2.87 -5.44
N VAL A 106 8.77 -3.95 -5.03
CA VAL A 106 9.60 -4.77 -5.95
C VAL A 106 9.13 -6.23 -5.97
N LEU A 107 9.78 -7.07 -6.78
CA LEU A 107 9.44 -8.50 -6.83
C LEU A 107 10.08 -9.28 -5.67
N THR A 108 9.44 -10.37 -5.26
CA THR A 108 9.94 -11.20 -4.14
C THR A 108 11.17 -12.01 -4.53
N LEU A 109 12.22 -11.92 -3.72
CA LEU A 109 13.46 -12.67 -3.95
C LEU A 109 13.29 -14.17 -3.68
N GLU A 110 12.80 -14.50 -2.48
CA GLU A 110 12.59 -15.90 -2.07
C GLU A 110 11.23 -16.44 -2.54
N MET A 1 -3.43 -33.29 23.24
CA MET A 1 -2.38 -33.29 22.19
C MET A 1 -2.41 -32.01 21.34
N MET A 2 -1.25 -31.64 20.80
CA MET A 2 -1.10 -30.42 20.00
C MET A 2 -1.47 -29.17 20.79
N ARG A 3 -0.64 -28.85 21.80
CA ARG A 3 -0.81 -27.63 22.59
C ARG A 3 -0.14 -26.44 21.89
N LEU A 4 -0.95 -25.55 21.33
CA LEU A 4 -0.44 -24.36 20.62
C LEU A 4 0.30 -23.41 21.58
N ALA A 5 1.44 -22.89 21.13
CA ALA A 5 2.26 -21.98 21.93
C ALA A 5 1.66 -20.56 21.99
N ASN A 6 1.41 -20.09 23.21
CA ASN A 6 0.88 -18.74 23.43
C ASN A 6 1.90 -17.84 24.14
N GLY A 7 1.50 -16.61 24.47
CA GLY A 7 2.40 -15.69 25.14
C GLY A 7 1.98 -14.22 25.00
N ILE A 8 2.02 -13.72 23.77
CA ILE A 8 1.65 -12.32 23.49
C ILE A 8 0.43 -12.24 22.53
N VAL A 9 -0.05 -11.03 22.30
CA VAL A 9 -1.15 -10.81 21.35
C VAL A 9 -0.81 -11.35 19.94
N LEU A 10 -1.52 -12.39 19.53
CA LEU A 10 -1.25 -13.05 18.24
C LEU A 10 -1.43 -12.11 17.04
N ASP A 11 -2.20 -11.04 17.22
CA ASP A 11 -2.41 -10.03 16.18
C ASP A 11 -1.07 -9.37 15.76
N LYS A 12 -0.10 -9.34 16.67
CA LYS A 12 1.25 -8.83 16.38
C LYS A 12 2.24 -9.97 16.13
N ASP A 13 1.85 -11.19 16.50
CA ASP A 13 2.69 -12.37 16.27
C ASP A 13 2.73 -12.75 14.78
N THR A 14 1.58 -12.62 14.11
CA THR A 14 1.49 -12.94 12.67
C THR A 14 1.96 -11.77 11.80
N THR A 15 2.77 -12.08 10.78
CA THR A 15 3.34 -11.04 9.90
C THR A 15 3.03 -11.32 8.41
N PHE A 16 3.69 -10.58 7.51
CA PHE A 16 3.42 -10.71 6.09
C PHE A 16 4.30 -11.79 5.43
N GLY A 17 3.75 -12.99 5.29
CA GLY A 17 4.45 -14.05 4.56
C GLY A 17 4.47 -13.83 3.05
N GLU A 18 3.57 -14.51 2.33
CA GLU A 18 3.41 -14.29 0.89
C GLU A 18 2.65 -12.98 0.59
N LEU A 19 3.29 -12.08 -0.14
CA LEU A 19 2.65 -10.87 -0.67
C LEU A 19 2.59 -10.94 -2.20
N LYS A 20 1.38 -11.02 -2.76
CA LYS A 20 1.23 -11.20 -4.21
C LYS A 20 0.34 -10.13 -4.84
N PHE A 21 0.85 -9.51 -5.91
CA PHE A 21 0.17 -8.41 -6.62
C PHE A 21 -1.11 -8.88 -7.33
N SER A 22 -2.17 -8.07 -7.24
CA SER A 22 -3.43 -8.39 -7.94
C SER A 22 -3.74 -7.39 -9.06
N ALA A 23 -3.97 -6.13 -8.69
CA ALA A 23 -4.32 -5.09 -9.66
C ALA A 23 -4.08 -3.68 -9.12
N LEU A 24 -4.15 -2.70 -10.01
CA LEU A 24 -4.11 -1.28 -9.65
C LEU A 24 -5.50 -0.80 -9.17
N ARG A 25 -5.61 -0.48 -7.89
CA ARG A 25 -6.87 -0.03 -7.31
C ARG A 25 -7.27 1.36 -7.84
N ARG A 26 -6.34 2.32 -7.74
CA ARG A 26 -6.62 3.70 -8.17
C ARG A 26 -5.38 4.59 -8.05
N GLU A 27 -5.11 5.38 -9.09
CA GLU A 27 -4.10 6.44 -9.00
C GLU A 27 -4.76 7.76 -8.60
N VAL A 28 -4.69 8.11 -7.32
CA VAL A 28 -5.30 9.34 -6.83
C VAL A 28 -4.54 10.58 -7.33
N ARG A 29 -5.26 11.51 -7.93
CA ARG A 29 -4.64 12.69 -8.55
C ARG A 29 -4.74 13.94 -7.67
N ILE A 30 -4.01 14.97 -8.05
CA ILE A 30 -3.95 16.23 -7.31
C ILE A 30 -5.24 17.05 -7.49
N GLN A 31 -6.02 17.18 -6.43
CA GLN A 31 -7.26 17.95 -6.48
C GLN A 31 -7.00 19.45 -6.25
N ASN A 32 -7.28 20.25 -7.28
CA ASN A 32 -7.06 21.70 -7.22
C ASN A 32 -7.82 22.33 -6.04
N GLU A 33 -7.21 23.35 -5.43
CA GLU A 33 -7.81 24.03 -4.27
C GLU A 33 -9.23 24.55 -4.56
N ASP A 34 -9.54 24.78 -5.84
CA ASP A 34 -10.89 25.14 -6.28
C ASP A 34 -11.92 24.07 -5.87
N GLY A 35 -11.51 22.81 -5.95
CA GLY A 35 -12.41 21.70 -5.64
C GLY A 35 -12.44 20.62 -6.72
N SER A 36 -11.96 20.96 -7.92
CA SER A 36 -11.92 20.00 -9.04
C SER A 36 -10.56 19.30 -9.14
N VAL A 37 -10.57 18.05 -9.62
CA VAL A 37 -9.34 17.25 -9.71
C VAL A 37 -8.54 17.58 -10.98
N SER A 38 -7.22 17.56 -10.86
CA SER A 38 -6.32 17.83 -11.99
C SER A 38 -5.89 16.54 -12.70
N ASP A 39 -5.08 16.69 -13.76
CA ASP A 39 -4.55 15.55 -14.51
C ASP A 39 -3.27 15.01 -13.85
N GLU A 40 -2.61 15.85 -13.07
CA GLU A 40 -1.38 15.45 -12.35
C GLU A 40 -1.71 14.45 -11.24
N ILE A 41 -0.89 13.40 -11.12
CA ILE A 41 -1.15 12.34 -10.15
C ILE A 41 -0.49 12.61 -8.79
N LYS A 42 -1.16 12.21 -7.73
CA LYS A 42 -0.67 12.39 -6.37
C LYS A 42 0.00 11.10 -5.85
N GLU A 43 -0.77 10.00 -5.82
CA GLU A 43 -0.26 8.69 -5.36
C GLU A 43 -0.92 7.54 -6.16
N ARG A 44 -0.40 6.32 -5.98
CA ARG A 44 -0.89 5.13 -6.71
C ARG A 44 -1.22 3.97 -5.73
N THR A 45 -2.50 3.55 -5.72
CA THR A 45 -2.96 2.49 -4.80
C THR A 45 -3.09 1.12 -5.50
N TYR A 46 -2.54 0.08 -4.87
CA TYR A 46 -2.58 -1.29 -5.43
C TYR A 46 -3.18 -2.28 -4.42
N ASP A 47 -3.71 -3.40 -4.94
CA ASP A 47 -4.22 -4.49 -4.08
C ASP A 47 -3.18 -5.64 -3.97
N LEU A 48 -2.78 -5.98 -2.75
CA LEU A 48 -1.86 -7.12 -2.53
C LEU A 48 -2.51 -8.19 -1.63
N LYS A 49 -2.46 -9.45 -2.07
CA LYS A 49 -2.91 -10.58 -1.24
C LYS A 49 -1.83 -10.98 -0.23
N SER A 50 -2.13 -10.83 1.07
CA SER A 50 -1.20 -11.23 2.13
C SER A 50 -1.63 -12.56 2.76
N LYS A 51 -0.86 -13.62 2.48
CA LYS A 51 -1.13 -14.96 3.03
C LYS A 51 -0.90 -15.00 4.54
N GLY A 52 0.16 -14.32 5.00
CA GLY A 52 0.47 -14.29 6.43
C GLY A 52 -0.58 -13.54 7.25
N GLN A 53 -1.10 -12.45 6.72
CA GLN A 53 -2.13 -11.65 7.40
C GLN A 53 -3.54 -12.16 7.10
N GLY A 54 -3.69 -12.88 5.98
CA GLY A 54 -4.99 -13.38 5.54
C GLY A 54 -5.93 -12.27 5.07
N ARG A 55 -5.33 -11.18 4.58
CA ARG A 55 -6.09 -9.99 4.16
C ARG A 55 -5.59 -9.44 2.82
N MET A 56 -6.44 -8.68 2.13
CA MET A 56 -6.01 -7.91 0.96
C MET A 56 -5.65 -6.48 1.39
N ILE A 57 -4.36 -6.17 1.40
CA ILE A 57 -3.87 -4.88 1.91
C ILE A 57 -3.72 -3.86 0.76
N GLN A 58 -4.20 -2.62 0.97
CA GLN A 58 -4.06 -1.60 -0.06
C GLN A 58 -2.77 -0.81 0.09
N VAL A 59 -1.80 -1.10 -0.77
CA VAL A 59 -0.49 -0.45 -0.72
C VAL A 59 -0.42 0.73 -1.70
N SER A 60 -0.01 1.90 -1.21
CA SER A 60 0.03 3.12 -2.03
C SER A 60 1.43 3.74 -2.06
N ILE A 61 1.86 4.17 -3.25
CA ILE A 61 3.16 4.84 -3.43
C ILE A 61 2.97 6.23 -4.09
N PRO A 62 3.83 7.22 -3.76
CA PRO A 62 3.75 8.56 -4.35
C PRO A 62 3.95 8.55 -5.88
N ALA A 63 3.33 9.51 -6.57
CA ALA A 63 3.38 9.59 -8.04
C ALA A 63 4.82 9.54 -8.59
N SER A 64 5.76 10.11 -7.84
CA SER A 64 7.18 10.12 -8.23
C SER A 64 7.71 8.71 -8.53
N VAL A 65 7.17 7.71 -7.83
CA VAL A 65 7.57 6.32 -8.05
C VAL A 65 6.82 5.72 -9.25
N PRO A 66 7.55 5.34 -10.33
CA PRO A 66 6.96 4.83 -11.58
C PRO A 66 5.92 3.71 -11.35
N LEU A 67 4.84 3.73 -12.14
CA LEU A 67 3.80 2.71 -12.05
C LEU A 67 4.40 1.30 -12.16
N LYS A 68 3.91 0.37 -11.33
CA LYS A 68 4.54 -0.96 -11.20
C LYS A 68 4.15 -1.91 -12.34
N GLU A 69 2.84 -2.15 -12.51
CA GLU A 69 2.33 -3.00 -13.60
C GLU A 69 2.91 -4.43 -13.58
N PHE A 70 3.07 -5.01 -12.37
CA PHE A 70 3.61 -6.36 -12.23
C PHE A 70 2.61 -7.43 -12.72
N ASP A 71 3.07 -8.68 -12.78
CA ASP A 71 2.24 -9.81 -13.23
C ASP A 71 1.13 -10.15 -12.23
N TYR A 72 0.09 -10.80 -12.73
CA TYR A 72 -1.06 -11.20 -11.90
C TYR A 72 -0.68 -12.34 -10.93
N ASN A 73 -0.76 -12.05 -9.62
CA ASN A 73 -0.36 -12.99 -8.56
C ASN A 73 1.17 -13.09 -8.43
N ALA A 74 1.89 -12.08 -8.89
CA ALA A 74 3.36 -12.06 -8.79
C ALA A 74 3.85 -11.76 -7.37
N ARG A 75 4.91 -12.43 -6.94
CA ARG A 75 5.50 -12.19 -5.61
C ARG A 75 6.11 -10.80 -5.52
N VAL A 76 5.57 -9.94 -4.66
CA VAL A 76 6.06 -8.56 -4.51
C VAL A 76 6.33 -8.20 -3.05
N GLU A 77 7.42 -7.46 -2.82
CA GLU A 77 7.79 -7.01 -1.47
C GLU A 77 7.94 -5.48 -1.42
N LEU A 78 7.81 -4.91 -0.23
CA LEU A 78 7.86 -3.45 -0.05
C LEU A 78 9.23 -2.99 0.45
N ILE A 79 9.77 -1.95 -0.20
CA ILE A 79 11.06 -1.38 0.20
C ILE A 79 10.99 -0.77 1.61
N ASN A 80 10.31 0.38 1.74
CA ASN A 80 10.07 1.01 3.06
C ASN A 80 8.56 1.26 3.28
N PRO A 81 7.85 0.26 3.86
CA PRO A 81 6.40 0.38 4.14
C PRO A 81 6.05 1.14 5.43
N ILE A 82 4.91 1.84 5.43
CA ILE A 82 4.37 2.50 6.62
C ILE A 82 2.84 2.34 6.69
N ALA A 83 2.29 2.29 7.90
CA ALA A 83 0.85 2.16 8.10
C ALA A 83 0.18 3.54 8.20
N ASP A 84 -0.70 3.84 7.25
CA ASP A 84 -1.30 5.18 7.17
C ASP A 84 -2.52 5.34 8.10
N THR A 85 -2.86 6.57 8.43
CA THR A 85 -4.04 6.90 9.25
C THR A 85 -4.78 8.15 8.72
N VAL A 86 -4.17 8.84 7.76
CA VAL A 86 -4.74 10.10 7.25
C VAL A 86 -5.74 9.83 6.11
N ALA A 87 -5.78 8.59 5.62
CA ALA A 87 -6.72 8.17 4.57
C ALA A 87 -8.19 8.37 4.98
N THR A 88 -8.43 8.59 6.27
CA THR A 88 -9.78 8.91 6.78
C THR A 88 -9.87 10.38 7.23
N ALA A 89 -8.73 11.06 7.31
CA ALA A 89 -8.67 12.45 7.74
C ALA A 89 -8.77 13.43 6.56
N THR A 90 -7.86 13.30 5.60
CA THR A 90 -7.88 14.16 4.40
C THR A 90 -8.81 13.60 3.32
N TYR A 91 -9.06 12.29 3.37
CA TYR A 91 -10.01 11.62 2.48
C TYR A 91 -11.22 11.10 3.30
N GLN A 92 -12.34 11.80 3.20
CA GLN A 92 -13.50 11.49 4.04
C GLN A 92 -14.30 10.28 3.51
N GLY A 93 -14.19 9.15 4.23
CA GLY A 93 -14.92 7.94 3.84
C GLY A 93 -14.16 7.06 2.84
N ALA A 94 -12.87 7.35 2.63
CA ALA A 94 -12.05 6.59 1.68
C ALA A 94 -11.46 5.31 2.29
N ASP A 95 -11.18 5.36 3.60
CA ASP A 95 -10.60 4.21 4.30
C ASP A 95 -11.62 3.05 4.42
N VAL A 96 -11.13 1.82 4.28
CA VAL A 96 -11.99 0.63 4.37
C VAL A 96 -11.50 -0.31 5.50
N ASP A 97 -10.45 -1.08 5.21
CA ASP A 97 -9.82 -1.93 6.23
C ASP A 97 -8.45 -1.35 6.66
N TRP A 98 -7.50 -1.24 5.70
CA TRP A 98 -6.24 -0.51 5.95
C TRP A 98 -5.36 -0.33 4.71
N TYR A 99 -4.72 0.84 4.65
CA TYR A 99 -3.82 1.21 3.56
C TYR A 99 -2.36 1.27 4.04
N ILE A 100 -1.50 0.48 3.41
CA ILE A 100 -0.07 0.47 3.74
C ILE A 100 0.74 1.22 2.66
N LYS A 101 1.18 2.42 2.96
CA LYS A 101 1.90 3.25 1.98
C LYS A 101 3.41 2.96 2.02
N ALA A 102 4.00 2.71 0.85
CA ALA A 102 5.39 2.27 0.77
C ALA A 102 6.26 3.21 -0.08
N ASP A 103 7.56 3.16 0.16
CA ASP A 103 8.53 3.92 -0.63
C ASP A 103 8.60 3.39 -2.09
N ASP A 104 8.51 2.07 -2.24
CA ASP A 104 8.49 1.43 -3.56
C ASP A 104 8.12 -0.07 -3.44
N ILE A 105 7.69 -0.65 -4.56
CA ILE A 105 7.30 -2.07 -4.60
C ILE A 105 8.19 -2.85 -5.58
N VAL A 106 8.89 -3.88 -5.10
CA VAL A 106 9.73 -4.72 -5.96
C VAL A 106 9.28 -6.18 -5.91
N LEU A 107 9.98 -7.05 -6.64
CA LEU A 107 9.62 -8.48 -6.69
C LEU A 107 10.29 -9.27 -5.56
N THR A 108 9.49 -10.04 -4.82
CA THR A 108 10.01 -10.87 -3.72
C THR A 108 10.94 -11.97 -4.24
N LEU A 109 12.23 -11.78 -4.02
CA LEU A 109 13.25 -12.75 -4.41
C LEU A 109 13.25 -13.99 -3.49
N GLU A 110 12.48 -13.91 -2.39
CA GLU A 110 12.39 -15.01 -1.42
C GLU A 110 11.46 -16.14 -1.92
N MET A 1 -2.46 15.78 17.19
CA MET A 1 -3.45 16.49 16.32
C MET A 1 -2.94 17.88 15.90
N MET A 2 -1.67 18.16 16.14
CA MET A 2 -1.05 19.43 15.73
C MET A 2 0.27 19.18 14.98
N ARG A 3 0.37 19.71 13.77
CA ARG A 3 1.54 19.48 12.91
C ARG A 3 2.77 20.29 13.37
N LEU A 4 3.46 19.76 14.39
CA LEU A 4 4.71 20.36 14.87
C LEU A 4 5.93 19.53 14.42
N ALA A 5 6.06 18.34 14.99
CA ALA A 5 7.12 17.40 14.61
C ALA A 5 6.55 16.17 13.89
N ASN A 6 7.13 15.82 12.74
CA ASN A 6 6.65 14.70 11.92
C ASN A 6 6.85 13.35 12.64
N GLY A 7 5.77 12.60 12.81
CA GLY A 7 5.86 11.29 13.43
C GLY A 7 4.50 10.57 13.49
N ILE A 8 4.48 9.31 13.06
CA ILE A 8 3.24 8.52 13.04
C ILE A 8 3.44 7.14 13.70
N VAL A 9 2.36 6.57 14.22
CA VAL A 9 2.42 5.25 14.86
C VAL A 9 2.53 4.13 13.81
N LEU A 10 3.63 3.38 13.87
CA LEU A 10 3.89 2.31 12.89
C LEU A 10 3.19 0.99 13.27
N ASP A 11 3.15 0.07 12.31
CA ASP A 11 2.47 -1.22 12.47
C ASP A 11 3.31 -2.24 13.27
N LYS A 12 2.71 -3.41 13.53
CA LYS A 12 3.39 -4.52 14.21
C LYS A 12 3.48 -5.76 13.32
N ASP A 13 2.38 -6.07 12.64
CA ASP A 13 2.27 -7.27 11.81
C ASP A 13 2.85 -7.06 10.39
N THR A 14 4.02 -6.44 10.32
CA THR A 14 4.68 -6.14 9.03
C THR A 14 5.10 -7.42 8.28
N THR A 15 5.53 -8.43 9.02
CA THR A 15 6.02 -9.68 8.41
C THR A 15 4.85 -10.60 8.00
N PHE A 16 4.10 -10.19 7.00
CA PHE A 16 2.97 -10.98 6.49
C PHE A 16 3.42 -12.34 5.94
N GLY A 17 4.42 -12.30 5.06
CA GLY A 17 4.94 -13.53 4.47
C GLY A 17 4.70 -13.63 2.96
N GLU A 18 3.77 -14.50 2.56
CA GLU A 18 3.43 -14.65 1.14
C GLU A 18 2.47 -13.52 0.68
N LEU A 19 3.00 -12.62 -0.15
CA LEU A 19 2.22 -11.49 -0.69
C LEU A 19 2.19 -11.52 -2.23
N LYS A 20 1.00 -11.67 -2.80
CA LYS A 20 0.83 -11.64 -4.27
C LYS A 20 0.27 -10.29 -4.74
N PHE A 21 0.81 -9.80 -5.85
CA PHE A 21 0.32 -8.56 -6.47
C PHE A 21 -1.05 -8.78 -7.12
N SER A 22 -2.13 -8.34 -6.45
CA SER A 22 -3.48 -8.60 -6.95
C SER A 22 -3.81 -7.72 -8.17
N ALA A 23 -3.87 -6.41 -7.98
CA ALA A 23 -4.19 -5.48 -9.07
C ALA A 23 -3.78 -4.04 -8.78
N LEU A 24 -3.88 -3.18 -9.78
CA LEU A 24 -3.74 -1.73 -9.61
C LEU A 24 -5.11 -1.11 -9.31
N ARG A 25 -5.33 -0.73 -8.06
CA ARG A 25 -6.63 -0.21 -7.61
C ARG A 25 -6.95 1.13 -8.29
N ARG A 26 -6.03 2.09 -8.19
CA ARG A 26 -6.23 3.42 -8.80
C ARG A 26 -5.00 4.33 -8.61
N GLU A 27 -4.69 5.11 -9.64
CA GLU A 27 -3.69 6.18 -9.53
C GLU A 27 -4.39 7.51 -9.18
N VAL A 28 -4.40 7.89 -7.91
CA VAL A 28 -5.13 9.07 -7.47
C VAL A 28 -4.39 10.37 -7.81
N ARG A 29 -5.15 11.41 -8.14
CA ARG A 29 -4.59 12.69 -8.58
C ARG A 29 -4.79 13.79 -7.53
N ILE A 30 -4.09 14.92 -7.73
CA ILE A 30 -4.19 16.07 -6.82
C ILE A 30 -5.44 16.91 -7.11
N GLN A 31 -6.07 17.41 -6.07
CA GLN A 31 -7.30 18.21 -6.21
C GLN A 31 -7.00 19.72 -6.25
N ASN A 32 -7.85 20.48 -6.94
CA ASN A 32 -7.75 21.94 -6.94
C ASN A 32 -8.67 22.54 -5.87
N GLU A 33 -8.34 23.75 -5.40
CA GLU A 33 -9.16 24.42 -4.37
C GLU A 33 -10.59 24.70 -4.88
N ASP A 34 -10.73 24.72 -6.21
CA ASP A 34 -12.04 24.80 -6.86
C ASP A 34 -12.93 23.61 -6.49
N GLY A 35 -12.30 22.45 -6.27
CA GLY A 35 -13.04 21.21 -6.01
C GLY A 35 -12.80 20.16 -7.09
N SER A 36 -12.63 20.63 -8.33
CA SER A 36 -12.33 19.73 -9.46
C SER A 36 -10.92 19.12 -9.33
N VAL A 37 -10.72 17.95 -9.93
CA VAL A 37 -9.44 17.25 -9.83
C VAL A 37 -8.45 17.71 -10.93
N SER A 38 -7.16 17.73 -10.61
CA SER A 38 -6.11 18.16 -11.55
C SER A 38 -5.55 16.99 -12.37
N ASP A 39 -4.70 17.31 -13.35
CA ASP A 39 -3.98 16.30 -14.12
C ASP A 39 -2.74 15.82 -13.35
N GLU A 40 -2.36 16.58 -12.33
CA GLU A 40 -1.25 16.22 -11.45
C GLU A 40 -1.57 14.95 -10.66
N ILE A 41 -0.61 14.03 -10.56
CA ILE A 41 -0.82 12.78 -9.82
C ILE A 41 -0.34 12.91 -8.36
N LYS A 42 -1.07 12.28 -7.44
CA LYS A 42 -0.72 12.31 -6.01
C LYS A 42 0.04 11.04 -5.60
N GLU A 43 -0.59 9.88 -5.80
CA GLU A 43 0.02 8.61 -5.42
C GLU A 43 -0.71 7.42 -6.09
N ARG A 44 -0.09 6.24 -6.04
CA ARG A 44 -0.59 5.07 -6.77
C ARG A 44 -1.03 3.96 -5.81
N THR A 45 -2.34 3.67 -5.82
CA THR A 45 -2.94 2.66 -4.92
C THR A 45 -2.98 1.26 -5.57
N TYR A 46 -2.43 0.27 -4.85
CA TYR A 46 -2.38 -1.12 -5.32
C TYR A 46 -3.05 -2.08 -4.32
N ASP A 47 -3.58 -3.19 -4.83
CA ASP A 47 -4.20 -4.22 -3.98
C ASP A 47 -3.25 -5.43 -3.81
N LEU A 48 -2.86 -5.73 -2.57
CA LEU A 48 -1.98 -6.88 -2.30
C LEU A 48 -2.69 -7.97 -1.48
N LYS A 49 -2.43 -9.24 -1.81
CA LYS A 49 -3.05 -10.38 -1.14
C LYS A 49 -2.13 -10.94 -0.04
N SER A 50 -2.64 -11.03 1.19
CA SER A 50 -1.87 -11.59 2.31
C SER A 50 -2.33 -13.01 2.65
N LYS A 51 -1.51 -14.01 2.28
CA LYS A 51 -1.82 -15.41 2.54
C LYS A 51 -1.64 -15.77 4.03
N GLY A 52 -2.54 -16.58 4.56
CA GLY A 52 -2.52 -16.95 5.97
C GLY A 52 -3.56 -16.19 6.78
N GLN A 53 -3.42 -14.87 6.81
CA GLN A 53 -4.44 -14.01 7.41
C GLN A 53 -5.67 -13.87 6.51
N GLY A 54 -5.46 -14.11 5.20
CA GLY A 54 -6.55 -13.99 4.23
C GLY A 54 -7.04 -12.56 4.07
N ARG A 55 -6.15 -11.60 4.31
CA ARG A 55 -6.53 -10.18 4.31
C ARG A 55 -5.92 -9.44 3.11
N MET A 56 -6.61 -8.41 2.65
CA MET A 56 -6.12 -7.54 1.58
C MET A 56 -5.75 -6.14 2.11
N ILE A 57 -4.57 -5.66 1.75
CA ILE A 57 -4.06 -4.37 2.23
C ILE A 57 -3.91 -3.36 1.08
N GLN A 58 -4.22 -2.09 1.35
CA GLN A 58 -4.09 -1.06 0.31
C GLN A 58 -2.68 -0.44 0.34
N VAL A 59 -1.83 -0.80 -0.62
CA VAL A 59 -0.46 -0.30 -0.66
C VAL A 59 -0.31 0.84 -1.68
N SER A 60 0.29 1.96 -1.25
CA SER A 60 0.40 3.14 -2.11
C SER A 60 1.85 3.65 -2.21
N ILE A 61 2.15 4.28 -3.34
CA ILE A 61 3.47 4.89 -3.56
C ILE A 61 3.31 6.30 -4.18
N PRO A 62 4.14 7.28 -3.76
CA PRO A 62 4.05 8.66 -4.28
C PRO A 62 4.16 8.75 -5.81
N ALA A 63 3.54 9.78 -6.39
CA ALA A 63 3.51 9.96 -7.86
C ALA A 63 4.91 9.88 -8.52
N SER A 64 5.94 10.28 -7.78
CA SER A 64 7.31 10.29 -8.32
C SER A 64 7.86 8.88 -8.58
N VAL A 65 7.25 7.87 -7.95
CA VAL A 65 7.67 6.48 -8.12
C VAL A 65 7.02 5.84 -9.36
N PRO A 66 7.82 5.15 -10.22
CA PRO A 66 7.32 4.53 -11.46
C PRO A 66 6.13 3.57 -11.24
N LEU A 67 5.38 3.32 -12.32
CA LEU A 67 4.19 2.46 -12.27
C LEU A 67 4.59 0.96 -12.22
N LYS A 68 4.02 0.22 -11.27
CA LYS A 68 4.24 -1.24 -11.21
C LYS A 68 3.23 -1.99 -12.09
N GLU A 69 3.76 -2.78 -13.01
CA GLU A 69 2.95 -3.54 -13.97
C GLU A 69 3.12 -5.06 -13.78
N PHE A 70 2.98 -5.52 -12.54
CA PHE A 70 3.25 -6.94 -12.21
C PHE A 70 2.03 -7.85 -12.46
N ASP A 71 2.23 -9.15 -12.23
CA ASP A 71 1.21 -10.17 -12.47
C ASP A 71 0.47 -10.56 -11.17
N TYR A 72 -0.74 -11.12 -11.30
CA TYR A 72 -1.55 -11.52 -10.15
C TYR A 72 -0.83 -12.55 -9.24
N ASN A 73 -0.06 -13.44 -9.86
CA ASN A 73 0.64 -14.49 -9.12
C ASN A 73 2.08 -14.06 -8.77
N ALA A 74 2.45 -12.83 -9.13
CA ALA A 74 3.79 -12.32 -8.90
C ALA A 74 4.03 -11.99 -7.41
N ARG A 75 5.19 -12.41 -6.89
CA ARG A 75 5.56 -12.10 -5.51
C ARG A 75 6.10 -10.67 -5.41
N VAL A 76 5.54 -9.87 -4.51
CA VAL A 76 5.95 -8.47 -4.37
C VAL A 76 6.27 -8.10 -2.91
N GLU A 77 7.30 -7.27 -2.73
CA GLU A 77 7.68 -6.78 -1.40
C GLU A 77 7.88 -5.26 -1.42
N LEU A 78 8.03 -4.65 -0.24
CA LEU A 78 8.14 -3.19 -0.14
C LEU A 78 9.53 -2.76 0.36
N ILE A 79 10.10 -1.76 -0.31
CA ILE A 79 11.42 -1.23 0.07
C ILE A 79 11.39 -0.55 1.46
N ASN A 80 10.64 0.55 1.58
CA ASN A 80 10.43 1.21 2.88
C ASN A 80 8.93 1.45 3.13
N PRO A 81 8.24 0.48 3.75
CA PRO A 81 6.80 0.58 4.04
C PRO A 81 6.47 1.41 5.31
N ILE A 82 5.39 2.19 5.25
CA ILE A 82 4.88 2.92 6.41
C ILE A 82 3.36 2.75 6.54
N ALA A 83 2.90 2.39 7.73
CA ALA A 83 1.46 2.28 8.02
C ALA A 83 0.81 3.68 8.07
N ASP A 84 -0.07 3.96 7.11
CA ASP A 84 -0.70 5.27 7.02
C ASP A 84 -1.79 5.48 8.08
N THR A 85 -1.64 6.55 8.86
CA THR A 85 -2.63 6.91 9.89
C THR A 85 -3.26 8.29 9.58
N VAL A 86 -3.36 8.62 8.30
CA VAL A 86 -3.94 9.90 7.86
C VAL A 86 -5.27 9.71 7.11
N ALA A 87 -5.28 8.77 6.15
CA ALA A 87 -6.48 8.48 5.35
C ALA A 87 -7.60 7.82 6.20
N THR A 88 -7.27 7.44 7.43
CA THR A 88 -8.23 6.79 8.34
C THR A 88 -9.39 7.72 8.69
N ALA A 89 -10.50 7.56 7.96
CA ALA A 89 -11.75 8.28 8.24
C ALA A 89 -11.63 9.81 8.05
N THR A 90 -10.57 10.27 7.37
CA THR A 90 -10.40 11.70 7.08
C THR A 90 -11.38 12.19 6.02
N TYR A 91 -11.85 11.27 5.18
CA TYR A 91 -12.73 11.61 4.06
C TYR A 91 -14.20 11.77 4.52
N GLN A 92 -15.00 12.45 3.70
CA GLN A 92 -16.41 12.73 4.02
C GLN A 92 -17.35 11.62 3.51
N GLY A 93 -16.79 10.47 3.18
CA GLY A 93 -17.58 9.37 2.63
C GLY A 93 -16.75 8.12 2.36
N ALA A 94 -15.55 8.31 1.81
CA ALA A 94 -14.65 7.18 1.52
C ALA A 94 -14.01 6.61 2.80
N ASP A 95 -14.83 5.96 3.63
CA ASP A 95 -14.33 5.25 4.82
C ASP A 95 -13.85 3.84 4.43
N VAL A 96 -12.54 3.69 4.23
CA VAL A 96 -11.98 2.42 3.77
C VAL A 96 -10.88 1.90 4.72
N ASP A 97 -10.48 0.65 4.51
CA ASP A 97 -9.46 -0.01 5.34
C ASP A 97 -8.08 0.62 5.18
N TRP A 98 -7.10 0.11 5.94
CA TRP A 98 -5.80 0.78 6.09
C TRP A 98 -4.89 0.69 4.84
N TYR A 99 -4.03 1.71 4.74
CA TYR A 99 -3.05 1.83 3.65
C TYR A 99 -1.62 1.65 4.17
N ILE A 100 -0.82 0.89 3.43
CA ILE A 100 0.62 0.79 3.71
C ILE A 100 1.41 1.40 2.55
N LYS A 101 1.97 2.58 2.76
CA LYS A 101 2.64 3.32 1.70
C LYS A 101 4.15 3.08 1.73
N ALA A 102 4.72 2.79 0.57
CA ALA A 102 6.13 2.39 0.51
C ALA A 102 6.98 3.36 -0.34
N ASP A 103 8.29 3.33 -0.08
CA ASP A 103 9.26 4.04 -0.91
C ASP A 103 9.21 3.55 -2.37
N ASP A 104 8.99 2.25 -2.54
CA ASP A 104 8.89 1.62 -3.86
C ASP A 104 8.43 0.16 -3.75
N ILE A 105 7.78 -0.33 -4.81
CA ILE A 105 7.27 -1.71 -4.87
C ILE A 105 8.10 -2.55 -5.86
N VAL A 106 8.73 -3.61 -5.36
CA VAL A 106 9.58 -4.47 -6.19
C VAL A 106 9.19 -5.95 -6.08
N LEU A 107 9.68 -6.76 -7.02
CA LEU A 107 9.41 -8.20 -7.02
C LEU A 107 10.25 -8.97 -5.98
N THR A 108 9.61 -9.90 -5.29
CA THR A 108 10.30 -10.79 -4.34
C THR A 108 10.92 -11.98 -5.07
N LEU A 109 11.78 -12.74 -4.39
CA LEU A 109 12.38 -13.94 -4.97
C LEU A 109 11.31 -14.96 -5.40
N GLU A 110 11.04 -15.03 -6.69
CA GLU A 110 10.12 -16.03 -7.24
C GLU A 110 10.87 -17.31 -7.66
N MET A 1 32.17 16.38 9.49
CA MET A 1 30.87 16.26 8.77
C MET A 1 30.50 14.79 8.52
N MET A 2 29.29 14.41 8.92
CA MET A 2 28.77 13.06 8.69
C MET A 2 27.26 12.99 8.96
N ARG A 3 26.54 12.24 8.13
CA ARG A 3 25.09 12.06 8.31
C ARG A 3 24.79 10.69 8.96
N LEU A 4 24.13 10.72 10.12
CA LEU A 4 23.73 9.48 10.80
C LEU A 4 22.20 9.39 10.92
N ALA A 5 21.72 8.34 11.59
CA ALA A 5 20.29 8.17 11.83
C ALA A 5 20.02 7.88 13.32
N ASN A 6 19.93 8.95 14.11
CA ASN A 6 19.65 8.82 15.54
C ASN A 6 18.14 8.64 15.77
N GLY A 7 17.65 7.43 15.52
CA GLY A 7 16.23 7.14 15.68
C GLY A 7 15.96 5.68 16.01
N ILE A 8 14.88 5.44 16.74
CA ILE A 8 14.50 4.07 17.15
C ILE A 8 13.22 3.60 16.44
N VAL A 9 12.76 2.41 16.79
CA VAL A 9 11.51 1.87 16.25
C VAL A 9 10.29 2.46 16.97
N LEU A 10 9.64 3.43 16.33
CA LEU A 10 8.46 4.08 16.91
C LEU A 10 7.25 3.14 16.94
N ASP A 11 6.62 2.90 15.79
CA ASP A 11 5.55 1.91 15.70
C ASP A 11 6.10 0.50 15.50
N LYS A 12 5.24 -0.49 15.71
CA LYS A 12 5.66 -1.90 15.70
C LYS A 12 6.08 -2.34 14.29
N ASP A 13 7.18 -3.09 14.20
CA ASP A 13 7.65 -3.63 12.94
C ASP A 13 6.61 -4.58 12.33
N THR A 14 5.81 -4.07 11.39
CA THR A 14 4.77 -4.87 10.73
C THR A 14 5.38 -6.04 9.94
N THR A 15 5.20 -7.25 10.46
CA THR A 15 5.77 -8.46 9.85
C THR A 15 4.89 -9.02 8.73
N PHE A 16 5.49 -9.22 7.55
CA PHE A 16 4.78 -9.81 6.41
C PHE A 16 5.63 -10.90 5.73
N GLY A 17 4.96 -11.85 5.08
CA GLY A 17 5.66 -12.88 4.31
C GLY A 17 5.79 -12.49 2.84
N GLU A 18 5.05 -13.18 1.96
CA GLU A 18 5.03 -12.84 0.53
C GLU A 18 3.73 -12.10 0.16
N LEU A 19 3.86 -10.83 -0.22
CA LEU A 19 2.71 -10.05 -0.67
C LEU A 19 2.53 -10.18 -2.19
N LYS A 20 1.37 -10.65 -2.63
CA LYS A 20 1.15 -10.88 -4.06
C LYS A 20 0.29 -9.77 -4.69
N PHE A 21 0.85 -9.14 -5.73
CA PHE A 21 0.20 -8.05 -6.45
C PHE A 21 -1.03 -8.55 -7.22
N SER A 22 -2.09 -7.73 -7.29
CA SER A 22 -3.29 -8.08 -8.04
C SER A 22 -3.63 -7.02 -9.10
N ALA A 23 -3.94 -5.79 -8.66
CA ALA A 23 -4.25 -4.70 -9.58
C ALA A 23 -4.04 -3.31 -8.93
N LEU A 24 -3.97 -2.27 -9.78
CA LEU A 24 -3.94 -0.88 -9.30
C LEU A 24 -5.29 -0.46 -8.73
N ARG A 25 -5.33 -0.17 -7.42
CA ARG A 25 -6.58 0.17 -6.73
C ARG A 25 -7.06 1.59 -7.12
N ARG A 26 -6.23 2.59 -6.84
CA ARG A 26 -6.59 3.98 -7.13
C ARG A 26 -5.36 4.90 -7.16
N GLU A 27 -5.34 5.83 -8.11
CA GLU A 27 -4.35 6.89 -8.14
C GLU A 27 -4.96 8.17 -7.58
N VAL A 28 -4.68 8.48 -6.31
CA VAL A 28 -5.25 9.68 -5.68
C VAL A 28 -4.69 10.96 -6.29
N ARG A 29 -5.33 11.43 -7.36
CA ARG A 29 -4.85 12.60 -8.09
C ARG A 29 -5.28 13.91 -7.42
N ILE A 30 -4.53 14.98 -7.69
CA ILE A 30 -4.73 16.27 -7.02
C ILE A 30 -6.05 16.94 -7.44
N GLN A 31 -7.02 16.94 -6.54
CA GLN A 31 -8.28 17.63 -6.78
C GLN A 31 -8.15 19.13 -6.43
N ASN A 32 -8.21 19.97 -7.44
CA ASN A 32 -8.03 21.43 -7.30
C ASN A 32 -9.07 22.05 -6.35
N GLU A 33 -8.80 23.29 -5.91
CA GLU A 33 -9.75 24.03 -5.07
C GLU A 33 -11.11 24.16 -5.76
N ASP A 34 -11.08 24.24 -7.09
CA ASP A 34 -12.29 24.36 -7.91
C ASP A 34 -13.14 23.07 -7.88
N GLY A 35 -12.59 22.01 -7.30
CA GLY A 35 -13.28 20.73 -7.23
C GLY A 35 -12.98 19.83 -8.44
N SER A 36 -12.19 20.34 -9.38
CA SER A 36 -11.81 19.59 -10.58
C SER A 36 -10.59 18.68 -10.31
N VAL A 37 -10.46 17.61 -11.08
CA VAL A 37 -9.37 16.66 -10.90
C VAL A 37 -8.19 16.96 -11.84
N SER A 38 -7.00 17.13 -11.26
CA SER A 38 -5.78 17.40 -12.03
C SER A 38 -5.12 16.10 -12.51
N ASP A 39 -4.39 16.16 -13.62
CA ASP A 39 -3.65 15.01 -14.12
C ASP A 39 -2.58 14.56 -13.11
N GLU A 40 -2.04 15.52 -12.36
CA GLU A 40 -1.00 15.24 -11.38
C GLU A 40 -1.51 14.35 -10.23
N ILE A 41 -0.65 13.45 -9.75
CA ILE A 41 -1.04 12.47 -8.73
C ILE A 41 -0.32 12.72 -7.39
N LYS A 42 -1.00 12.44 -6.29
CA LYS A 42 -0.36 12.45 -4.97
C LYS A 42 0.44 11.15 -4.75
N GLU A 43 -0.21 10.02 -5.00
CA GLU A 43 0.43 8.71 -4.88
C GLU A 43 -0.47 7.59 -5.46
N ARG A 44 0.11 6.40 -5.63
CA ARG A 44 -0.57 5.27 -6.30
C ARG A 44 -0.84 4.10 -5.34
N THR A 45 -2.11 3.78 -5.12
CA THR A 45 -2.52 2.70 -4.21
C THR A 45 -2.79 1.39 -4.98
N TYR A 46 -2.23 0.28 -4.48
CA TYR A 46 -2.39 -1.04 -5.12
C TYR A 46 -2.99 -2.07 -4.14
N ASP A 47 -3.67 -3.09 -4.68
CA ASP A 47 -4.21 -4.18 -3.88
C ASP A 47 -3.18 -5.32 -3.69
N LEU A 48 -2.72 -5.51 -2.46
CA LEU A 48 -1.81 -6.62 -2.13
C LEU A 48 -2.49 -7.65 -1.22
N LYS A 49 -2.57 -8.91 -1.66
CA LYS A 49 -3.22 -9.96 -0.88
C LYS A 49 -2.21 -10.75 -0.03
N SER A 50 -2.63 -11.10 1.19
CA SER A 50 -1.83 -11.95 2.09
C SER A 50 -2.45 -13.35 2.22
N LYS A 51 -1.82 -14.34 1.62
CA LYS A 51 -2.33 -15.72 1.65
C LYS A 51 -2.46 -16.25 3.08
N GLY A 52 -3.37 -17.20 3.28
CA GLY A 52 -3.58 -17.78 4.60
C GLY A 52 -4.49 -16.92 5.48
N GLN A 53 -4.23 -15.61 5.49
CA GLN A 53 -5.05 -14.67 6.27
C GLN A 53 -6.28 -14.22 5.46
N GLY A 54 -6.16 -14.23 4.13
CA GLY A 54 -7.26 -13.83 3.26
C GLY A 54 -7.62 -12.36 3.40
N ARG A 55 -6.61 -11.50 3.45
CA ARG A 55 -6.83 -10.05 3.65
C ARG A 55 -6.33 -9.23 2.46
N MET A 56 -6.99 -8.10 2.21
CA MET A 56 -6.59 -7.15 1.17
C MET A 56 -6.08 -5.85 1.81
N ILE A 57 -4.76 -5.62 1.75
CA ILE A 57 -4.16 -4.42 2.33
C ILE A 57 -3.93 -3.34 1.27
N GLN A 58 -4.10 -2.07 1.63
CA GLN A 58 -3.93 -0.96 0.69
C GLN A 58 -2.53 -0.35 0.80
N VAL A 59 -1.68 -0.65 -0.17
CA VAL A 59 -0.29 -0.13 -0.18
C VAL A 59 -0.13 0.95 -1.24
N SER A 60 0.41 2.10 -0.86
CA SER A 60 0.50 3.25 -1.76
C SER A 60 1.93 3.81 -1.86
N ILE A 61 2.38 4.09 -3.08
CA ILE A 61 3.71 4.65 -3.33
C ILE A 61 3.62 6.06 -3.92
N PRO A 62 4.55 6.97 -3.55
CA PRO A 62 4.54 8.37 -4.04
C PRO A 62 4.55 8.47 -5.59
N ALA A 63 3.89 9.49 -6.12
CA ALA A 63 3.76 9.68 -7.59
C ALA A 63 5.12 9.79 -8.30
N SER A 64 6.18 10.05 -7.54
CA SER A 64 7.54 10.14 -8.11
C SER A 64 8.12 8.75 -8.44
N VAL A 65 7.37 7.70 -8.09
CA VAL A 65 7.79 6.31 -8.35
C VAL A 65 7.07 5.72 -9.57
N PRO A 66 7.81 5.10 -10.51
CA PRO A 66 7.23 4.49 -11.73
C PRO A 66 6.04 3.55 -11.46
N LEU A 67 5.08 3.54 -12.38
CA LEU A 67 3.86 2.72 -12.25
C LEU A 67 4.17 1.22 -12.40
N LYS A 68 3.57 0.41 -11.54
CA LYS A 68 3.77 -1.05 -11.55
C LYS A 68 2.80 -1.76 -12.50
N GLU A 69 3.35 -2.67 -13.31
CA GLU A 69 2.56 -3.44 -14.28
C GLU A 69 2.63 -4.95 -13.97
N PHE A 70 2.76 -5.29 -12.70
CA PHE A 70 2.93 -6.70 -12.28
C PHE A 70 1.69 -7.57 -12.61
N ASP A 71 1.90 -8.89 -12.63
CA ASP A 71 0.86 -9.84 -13.00
C ASP A 71 -0.07 -10.18 -11.80
N TYR A 72 -1.23 -10.76 -12.11
CA TYR A 72 -2.20 -11.15 -11.09
C TYR A 72 -1.64 -12.24 -10.15
N ASN A 73 -1.56 -11.94 -8.85
CA ASN A 73 -0.92 -12.81 -7.85
C ASN A 73 0.61 -12.90 -8.09
N ALA A 74 1.21 -11.81 -8.54
CA ALA A 74 2.66 -11.74 -8.71
C ALA A 74 3.36 -11.52 -7.36
N ARG A 75 4.20 -12.48 -6.96
CA ARG A 75 4.97 -12.38 -5.71
C ARG A 75 5.89 -11.15 -5.70
N VAL A 76 5.54 -10.15 -4.89
CA VAL A 76 6.31 -8.90 -4.80
C VAL A 76 6.70 -8.58 -3.34
N GLU A 77 7.57 -7.60 -3.17
CA GLU A 77 8.00 -7.13 -1.85
C GLU A 77 8.22 -5.61 -1.85
N LEU A 78 8.16 -5.02 -0.65
CA LEU A 78 8.24 -3.55 -0.52
C LEU A 78 9.63 -3.10 -0.04
N ILE A 79 10.24 -2.18 -0.80
CA ILE A 79 11.56 -1.64 -0.45
C ILE A 79 11.57 -1.03 0.97
N ASN A 80 10.73 -0.02 1.21
CA ASN A 80 10.56 0.56 2.55
C ASN A 80 9.08 0.81 2.87
N PRO A 81 8.39 -0.18 3.49
CA PRO A 81 7.00 -0.03 3.92
C PRO A 81 6.83 0.70 5.27
N ILE A 82 5.81 1.55 5.38
CA ILE A 82 5.46 2.21 6.65
C ILE A 82 3.94 2.30 6.84
N ALA A 83 3.46 1.91 8.03
CA ALA A 83 2.03 2.03 8.36
C ALA A 83 1.67 3.49 8.67
N ASP A 84 0.91 4.13 7.78
CA ASP A 84 0.64 5.57 7.89
C ASP A 84 -0.85 5.85 8.19
N THR A 85 -1.38 6.96 7.67
CA THR A 85 -2.76 7.37 7.95
C THR A 85 -3.79 6.35 7.45
N VAL A 86 -4.12 5.39 8.31
CA VAL A 86 -5.19 4.42 8.02
C VAL A 86 -6.55 5.14 7.89
N ALA A 87 -7.38 4.69 6.97
CA ALA A 87 -8.64 5.36 6.66
C ALA A 87 -9.56 5.47 7.88
N THR A 88 -9.50 4.49 8.79
CA THR A 88 -10.32 4.52 10.02
C THR A 88 -9.87 5.62 10.98
N ALA A 89 -8.64 6.10 10.82
CA ALA A 89 -8.10 7.18 11.67
C ALA A 89 -8.44 8.57 11.12
N THR A 90 -8.36 8.72 9.80
CA THR A 90 -8.62 10.03 9.16
C THR A 90 -10.13 10.28 8.97
N TYR A 91 -10.90 9.24 8.67
CA TYR A 91 -12.35 9.39 8.46
C TYR A 91 -13.14 9.10 9.75
N GLN A 92 -13.90 10.10 10.21
CA GLN A 92 -14.72 9.96 11.42
C GLN A 92 -16.02 9.19 11.12
N GLY A 93 -16.12 7.97 11.65
CA GLY A 93 -17.31 7.15 11.43
C GLY A 93 -17.27 6.39 10.10
N ALA A 94 -16.13 5.76 9.82
CA ALA A 94 -15.96 5.00 8.57
C ALA A 94 -14.99 3.82 8.75
N ASP A 95 -15.52 2.60 8.75
CA ASP A 95 -14.71 1.39 8.89
C ASP A 95 -14.05 1.00 7.54
N VAL A 96 -13.16 1.87 7.06
CA VAL A 96 -12.49 1.65 5.78
C VAL A 96 -11.11 0.98 5.98
N ASP A 97 -10.57 0.40 4.92
CA ASP A 97 -9.30 -0.35 4.97
C ASP A 97 -8.10 0.51 5.43
N TRP A 98 -6.98 -0.15 5.72
CA TRP A 98 -5.78 0.52 6.24
C TRP A 98 -4.70 0.67 5.14
N TYR A 99 -3.95 1.78 5.22
CA TYR A 99 -3.00 2.16 4.17
C TYR A 99 -1.53 2.08 4.63
N ILE A 100 -0.73 1.36 3.85
CA ILE A 100 0.72 1.25 4.07
C ILE A 100 1.48 1.96 2.96
N LYS A 101 2.22 3.02 3.30
CA LYS A 101 3.00 3.76 2.30
C LYS A 101 4.37 3.10 2.06
N ALA A 102 4.76 2.95 0.80
CA ALA A 102 6.00 2.27 0.46
C ALA A 102 6.91 3.14 -0.44
N ASP A 103 8.21 3.02 -0.22
CA ASP A 103 9.21 3.73 -1.03
C ASP A 103 9.20 3.24 -2.49
N ASP A 104 9.04 1.92 -2.68
CA ASP A 104 8.98 1.31 -4.01
C ASP A 104 8.57 -0.17 -3.92
N ILE A 105 8.10 -0.73 -5.04
CA ILE A 105 7.63 -2.13 -5.08
C ILE A 105 8.40 -2.95 -6.12
N VAL A 106 9.04 -4.03 -5.68
CA VAL A 106 9.80 -4.92 -6.58
C VAL A 106 9.33 -6.37 -6.44
N LEU A 107 9.89 -7.28 -7.25
CA LEU A 107 9.55 -8.70 -7.17
C LEU A 107 10.23 -9.37 -5.96
N THR A 108 9.53 -10.34 -5.35
CA THR A 108 10.11 -11.08 -4.22
C THR A 108 11.37 -11.86 -4.65
N LEU A 109 12.50 -11.54 -4.02
CA LEU A 109 13.81 -12.11 -4.40
C LEU A 109 14.17 -11.75 -5.85
N GLU A 110 13.80 -10.53 -6.25
CA GLU A 110 14.09 -10.00 -7.59
C GLU A 110 15.60 -10.04 -7.90
N MET A 1 -21.00 16.00 11.46
CA MET A 1 -20.84 14.80 12.33
C MET A 1 -19.60 13.99 11.93
N MET A 2 -18.97 13.33 12.89
CA MET A 2 -17.78 12.51 12.64
C MET A 2 -17.90 11.12 13.26
N ARG A 3 -17.55 10.08 12.50
CA ARG A 3 -17.54 8.71 13.02
C ARG A 3 -16.26 8.44 13.83
N LEU A 4 -16.34 7.48 14.74
CA LEU A 4 -15.21 7.12 15.60
C LEU A 4 -14.47 5.89 15.08
N ALA A 5 -13.16 5.85 15.32
CA ALA A 5 -12.31 4.75 14.82
C ALA A 5 -11.78 3.87 15.97
N ASN A 6 -12.52 2.82 16.30
CA ASN A 6 -12.09 1.84 17.31
C ASN A 6 -12.33 0.40 16.81
N GLY A 7 -11.82 -0.57 17.55
CA GLY A 7 -11.91 -1.97 17.12
C GLY A 7 -10.84 -2.34 16.10
N ILE A 8 -9.69 -1.67 16.18
CA ILE A 8 -8.57 -1.93 15.28
C ILE A 8 -7.65 -3.04 15.82
N VAL A 9 -6.87 -3.66 14.92
CA VAL A 9 -5.99 -4.77 15.30
C VAL A 9 -4.52 -4.29 15.41
N LEU A 10 -3.89 -4.61 16.55
CA LEU A 10 -2.48 -4.26 16.78
C LEU A 10 -1.54 -5.31 16.15
N ASP A 11 -0.23 -5.09 16.28
CA ASP A 11 0.77 -5.99 15.71
C ASP A 11 0.71 -7.40 16.33
N LYS A 12 1.16 -8.38 15.56
CA LYS A 12 1.16 -9.79 15.97
C LYS A 12 2.25 -10.57 15.20
N ASP A 13 2.42 -10.19 13.93
CA ASP A 13 3.48 -10.74 13.08
C ASP A 13 3.87 -9.72 12.00
N THR A 14 4.67 -8.73 12.40
CA THR A 14 5.09 -7.64 11.50
C THR A 14 5.92 -8.15 10.30
N THR A 15 6.51 -9.34 10.44
CA THR A 15 7.29 -9.93 9.34
C THR A 15 6.37 -10.48 8.24
N PHE A 16 6.09 -9.65 7.24
CA PHE A 16 5.23 -10.06 6.12
C PHE A 16 5.88 -11.19 5.30
N GLY A 17 5.22 -12.34 5.24
CA GLY A 17 5.74 -13.46 4.47
C GLY A 17 5.65 -13.25 2.96
N GLU A 18 4.73 -13.93 2.30
CA GLU A 18 4.57 -13.81 0.85
C GLU A 18 3.49 -12.77 0.47
N LEU A 19 3.87 -11.79 -0.35
CA LEU A 19 2.94 -10.79 -0.87
C LEU A 19 2.89 -10.88 -2.41
N LYS A 20 1.68 -10.83 -2.99
CA LYS A 20 1.54 -10.96 -4.45
C LYS A 20 0.61 -9.88 -5.03
N PHE A 21 0.99 -9.34 -6.20
CA PHE A 21 0.22 -8.29 -6.87
C PHE A 21 -1.10 -8.81 -7.44
N SER A 22 -2.17 -8.03 -7.32
CA SER A 22 -3.48 -8.41 -7.87
C SER A 22 -4.06 -7.32 -8.80
N ALA A 23 -4.32 -6.13 -8.26
CA ALA A 23 -4.94 -5.05 -9.03
C ALA A 23 -4.51 -3.66 -8.54
N LEU A 24 -5.13 -2.61 -9.10
CA LEU A 24 -4.88 -1.23 -8.70
C LEU A 24 -6.04 -0.68 -7.85
N ARG A 25 -5.72 -0.21 -6.65
CA ARG A 25 -6.73 0.32 -5.72
C ARG A 25 -7.28 1.68 -6.16
N ARG A 26 -6.41 2.70 -6.17
CA ARG A 26 -6.84 4.08 -6.46
C ARG A 26 -5.64 5.01 -6.64
N GLU A 27 -5.77 5.96 -7.57
CA GLU A 27 -4.78 7.03 -7.77
C GLU A 27 -5.30 8.36 -7.21
N VAL A 28 -4.73 8.82 -6.10
CA VAL A 28 -5.15 10.10 -5.50
C VAL A 28 -4.41 11.29 -6.13
N ARG A 29 -5.12 12.11 -6.91
CA ARG A 29 -4.50 13.19 -7.67
C ARG A 29 -4.66 14.57 -6.98
N ILE A 30 -4.08 15.59 -7.61
CA ILE A 30 -4.18 16.97 -7.12
C ILE A 30 -5.48 17.62 -7.59
N GLN A 31 -6.27 18.12 -6.65
CA GLN A 31 -7.56 18.74 -6.99
C GLN A 31 -7.45 20.27 -7.04
N ASN A 32 -8.01 20.87 -8.09
CA ASN A 32 -8.04 22.32 -8.24
C ASN A 32 -8.97 22.96 -7.21
N GLU A 33 -8.59 24.13 -6.71
CA GLU A 33 -9.39 24.85 -5.70
C GLU A 33 -10.80 25.19 -6.22
N ASP A 34 -10.96 25.15 -7.55
CA ASP A 34 -12.27 25.33 -8.19
C ASP A 34 -13.20 24.12 -7.93
N GLY A 35 -12.62 22.91 -7.99
CA GLY A 35 -13.41 21.70 -7.82
C GLY A 35 -12.90 20.54 -8.70
N SER A 36 -12.64 20.83 -9.97
CA SER A 36 -12.09 19.83 -10.91
C SER A 36 -10.73 19.30 -10.45
N VAL A 37 -10.33 18.14 -10.98
CA VAL A 37 -9.06 17.52 -10.58
C VAL A 37 -8.00 17.61 -11.70
N SER A 38 -6.75 17.93 -11.32
CA SER A 38 -5.64 18.03 -12.27
C SER A 38 -5.07 16.65 -12.62
N ASP A 39 -4.21 16.61 -13.64
CA ASP A 39 -3.58 15.36 -14.08
C ASP A 39 -2.45 14.92 -13.14
N GLU A 40 -1.83 15.88 -12.45
CA GLU A 40 -0.75 15.57 -11.50
C GLU A 40 -1.27 14.75 -10.31
N ILE A 41 -0.46 13.81 -9.85
CA ILE A 41 -0.89 12.84 -8.82
C ILE A 41 -0.09 13.01 -7.51
N LYS A 42 -0.77 12.79 -6.37
CA LYS A 42 -0.09 12.77 -5.06
C LYS A 42 0.63 11.43 -4.86
N GLU A 43 -0.13 10.34 -4.92
CA GLU A 43 0.44 8.99 -4.80
C GLU A 43 -0.53 7.93 -5.35
N ARG A 44 -0.03 6.71 -5.53
CA ARG A 44 -0.79 5.64 -6.21
C ARG A 44 -0.89 4.38 -5.34
N THR A 45 -2.11 3.93 -5.07
CA THR A 45 -2.37 2.76 -4.21
C THR A 45 -2.70 1.50 -5.02
N TYR A 46 -2.00 0.41 -4.72
CA TYR A 46 -2.24 -0.89 -5.39
C TYR A 46 -2.87 -1.90 -4.43
N ASP A 47 -3.49 -2.95 -4.99
CA ASP A 47 -4.03 -4.07 -4.20
C ASP A 47 -3.04 -5.25 -4.20
N LEU A 48 -2.64 -5.70 -3.01
CA LEU A 48 -1.73 -6.84 -2.89
C LEU A 48 -2.33 -7.97 -2.03
N LYS A 49 -2.29 -9.19 -2.53
CA LYS A 49 -2.77 -10.37 -1.81
C LYS A 49 -1.71 -10.85 -0.80
N SER A 50 -2.11 -11.04 0.45
CA SER A 50 -1.16 -11.41 1.52
C SER A 50 -1.42 -12.82 2.06
N LYS A 51 -0.33 -13.57 2.25
CA LYS A 51 -0.42 -14.89 2.89
C LYS A 51 -0.42 -14.76 4.42
N GLY A 52 -1.61 -14.65 5.02
CA GLY A 52 -1.71 -14.49 6.47
C GLY A 52 -3.09 -14.86 7.02
N GLN A 53 -3.65 -13.95 7.84
CA GLN A 53 -4.91 -14.22 8.55
C GLN A 53 -6.15 -14.12 7.63
N GLY A 54 -5.99 -14.39 6.33
CA GLY A 54 -7.12 -14.29 5.40
C GLY A 54 -7.46 -12.85 5.01
N ARG A 55 -6.50 -11.94 5.20
CA ARG A 55 -6.67 -10.53 4.81
C ARG A 55 -5.69 -10.14 3.71
N MET A 56 -6.02 -9.09 2.95
CA MET A 56 -5.10 -8.54 1.95
C MET A 56 -4.57 -7.16 2.41
N ILE A 57 -3.68 -6.56 1.62
CA ILE A 57 -3.12 -5.25 1.97
C ILE A 57 -3.18 -4.28 0.78
N GLN A 58 -3.53 -3.02 1.05
CA GLN A 58 -3.53 -1.99 0.03
C GLN A 58 -2.33 -1.05 0.19
N VAL A 59 -1.34 -1.20 -0.68
CA VAL A 59 -0.07 -0.48 -0.56
C VAL A 59 0.01 0.76 -1.47
N SER A 60 0.30 1.91 -0.89
CA SER A 60 0.34 3.17 -1.65
C SER A 60 1.75 3.75 -1.71
N ILE A 61 2.25 3.97 -2.94
CA ILE A 61 3.60 4.51 -3.15
C ILE A 61 3.54 5.92 -3.79
N PRO A 62 4.59 6.75 -3.60
CA PRO A 62 4.64 8.12 -4.16
C PRO A 62 4.44 8.16 -5.70
N ALA A 63 3.68 9.14 -6.17
CA ALA A 63 3.35 9.24 -7.60
C ALA A 63 4.57 9.59 -8.46
N SER A 64 5.65 10.03 -7.82
CA SER A 64 6.92 10.31 -8.53
C SER A 64 7.63 9.02 -8.95
N VAL A 65 7.01 7.88 -8.63
CA VAL A 65 7.52 6.57 -9.02
C VAL A 65 6.75 6.02 -10.23
N PRO A 66 7.46 5.56 -11.29
CA PRO A 66 6.82 5.01 -12.51
C PRO A 66 5.88 3.82 -12.22
N LEU A 67 4.93 3.59 -13.13
CA LEU A 67 3.93 2.52 -12.97
C LEU A 67 4.58 1.13 -13.13
N LYS A 68 4.06 0.16 -12.37
CA LYS A 68 4.62 -1.20 -12.35
C LYS A 68 3.93 -2.15 -13.34
N GLU A 69 2.64 -2.45 -13.09
CA GLU A 69 1.87 -3.40 -13.93
C GLU A 69 2.50 -4.81 -13.92
N PHE A 70 2.79 -5.33 -12.73
CA PHE A 70 3.37 -6.67 -12.58
C PHE A 70 2.41 -7.78 -13.06
N ASP A 71 2.90 -9.02 -13.02
CA ASP A 71 2.09 -10.20 -13.38
C ASP A 71 1.03 -10.50 -12.30
N TYR A 72 -0.05 -11.14 -12.72
CA TYR A 72 -1.16 -11.48 -11.82
C TYR A 72 -0.74 -12.53 -10.78
N ASN A 73 -0.83 -12.16 -9.50
CA ASN A 73 -0.42 -13.02 -8.38
C ASN A 73 1.09 -13.37 -8.42
N ALA A 74 1.90 -12.43 -8.89
CA ALA A 74 3.36 -12.58 -8.86
C ALA A 74 3.94 -12.09 -7.52
N ARG A 75 4.96 -12.78 -7.01
CA ARG A 75 5.60 -12.40 -5.73
C ARG A 75 6.26 -11.01 -5.81
N VAL A 76 5.74 -10.08 -5.02
CA VAL A 76 6.28 -8.72 -4.93
C VAL A 76 6.63 -8.35 -3.47
N GLU A 77 7.66 -7.55 -3.28
CA GLU A 77 8.08 -7.11 -1.94
C GLU A 77 8.15 -5.57 -1.86
N LEU A 78 8.17 -5.04 -0.64
CA LEU A 78 8.17 -3.59 -0.41
C LEU A 78 9.52 -3.12 0.15
N ILE A 79 10.00 -1.98 -0.36
CA ILE A 79 11.24 -1.37 0.14
C ILE A 79 11.07 -0.87 1.58
N ASN A 80 10.26 0.18 1.76
CA ASN A 80 9.98 0.74 3.09
C ASN A 80 8.46 0.73 3.39
N PRO A 81 7.93 -0.39 3.91
CA PRO A 81 6.50 -0.50 4.26
C PRO A 81 6.15 0.11 5.64
N ILE A 82 5.13 0.95 5.68
CA ILE A 82 4.62 1.50 6.94
C ILE A 82 3.09 1.52 6.96
N ALA A 83 2.49 1.01 8.04
CA ALA A 83 1.04 1.00 8.20
C ALA A 83 0.50 2.35 8.66
N ASP A 84 -0.48 2.90 7.95
CA ASP A 84 -1.05 4.20 8.27
C ASP A 84 -2.58 4.15 8.42
N THR A 85 -3.09 4.72 9.51
CA THR A 85 -4.54 4.90 9.67
C THR A 85 -5.01 6.07 8.79
N VAL A 86 -5.19 5.79 7.51
CA VAL A 86 -5.48 6.82 6.50
C VAL A 86 -6.77 6.48 5.72
N ALA A 87 -7.22 7.40 4.85
CA ALA A 87 -8.39 7.19 3.98
C ALA A 87 -9.71 7.40 4.75
N THR A 88 -9.91 6.63 5.81
CA THR A 88 -11.11 6.77 6.64
C THR A 88 -11.22 8.16 7.29
N ALA A 89 -10.13 8.93 7.23
CA ALA A 89 -10.11 10.30 7.79
C ALA A 89 -10.23 11.37 6.69
N THR A 90 -10.35 10.94 5.43
CA THR A 90 -10.49 11.86 4.29
C THR A 90 -11.82 11.65 3.56
N TYR A 91 -12.22 10.38 3.44
CA TYR A 91 -13.49 10.02 2.79
C TYR A 91 -14.61 9.89 3.81
N GLN A 92 -15.81 9.51 3.36
CA GLN A 92 -16.95 9.30 4.27
C GLN A 92 -16.71 8.11 5.21
N GLY A 93 -15.73 7.27 4.86
CA GLY A 93 -15.38 6.11 5.67
C GLY A 93 -15.95 4.81 5.12
N ALA A 94 -15.64 4.52 3.85
CA ALA A 94 -16.11 3.29 3.19
C ALA A 94 -14.96 2.30 2.96
N ASP A 95 -13.78 2.67 3.42
CA ASP A 95 -12.59 1.82 3.28
C ASP A 95 -12.54 0.77 4.41
N VAL A 96 -12.79 -0.49 4.04
CA VAL A 96 -12.81 -1.59 5.00
C VAL A 96 -11.41 -2.21 5.17
N ASP A 97 -10.65 -2.24 4.08
CA ASP A 97 -9.30 -2.82 4.08
C ASP A 97 -8.25 -1.78 4.55
N TRP A 98 -7.22 -2.27 5.23
CA TRP A 98 -6.18 -1.40 5.79
C TRP A 98 -5.11 -1.00 4.74
N TYR A 99 -4.67 0.26 4.83
CA TYR A 99 -3.69 0.83 3.90
C TYR A 99 -2.25 0.79 4.47
N ILE A 100 -1.29 0.44 3.62
CA ILE A 100 0.12 0.46 3.97
C ILE A 100 0.90 1.33 2.97
N LYS A 101 1.46 2.44 3.44
CA LYS A 101 2.24 3.31 2.57
C LYS A 101 3.69 2.80 2.45
N ALA A 102 4.25 2.85 1.25
CA ALA A 102 5.58 2.29 1.02
C ALA A 102 6.42 3.16 0.07
N ASP A 103 7.74 2.96 0.13
CA ASP A 103 8.66 3.64 -0.77
C ASP A 103 8.40 3.24 -2.23
N ASP A 104 8.44 1.93 -2.50
CA ASP A 104 8.16 1.40 -3.84
C ASP A 104 7.85 -0.11 -3.79
N ILE A 105 7.29 -0.64 -4.87
CA ILE A 105 6.92 -2.06 -4.98
C ILE A 105 7.76 -2.76 -6.07
N VAL A 106 8.56 -3.75 -5.67
CA VAL A 106 9.39 -4.50 -6.63
C VAL A 106 9.11 -6.01 -6.54
N LEU A 107 9.74 -6.79 -7.43
CA LEU A 107 9.58 -8.26 -7.43
C LEU A 107 10.42 -8.90 -6.30
N THR A 108 9.83 -9.88 -5.62
CA THR A 108 10.51 -10.58 -4.52
C THR A 108 11.78 -11.30 -4.99
N LEU A 109 12.85 -11.21 -4.20
CA LEU A 109 14.12 -11.83 -4.53
C LEU A 109 14.06 -13.37 -4.40
N GLU A 110 13.50 -14.03 -5.41
CA GLU A 110 13.46 -15.50 -5.46
C GLU A 110 14.33 -16.03 -6.61
N MET A 1 0.42 9.64 9.02
CA MET A 1 1.31 9.87 10.19
C MET A 1 0.64 10.79 11.22
N MET A 2 0.76 10.44 12.50
CA MET A 2 0.15 11.23 13.58
C MET A 2 0.99 11.15 14.87
N ARG A 3 0.92 12.19 15.71
CA ARG A 3 1.70 12.25 16.96
C ARG A 3 0.88 11.81 18.18
N LEU A 4 -0.22 11.10 17.95
CA LEU A 4 -1.10 10.63 19.04
C LEU A 4 -1.07 9.10 19.17
N ALA A 5 -1.84 8.57 20.13
CA ALA A 5 -1.92 7.12 20.35
C ALA A 5 -3.36 6.61 20.17
N ASN A 6 -3.52 5.49 19.45
CA ASN A 6 -4.85 4.92 19.19
C ASN A 6 -5.10 3.65 20.03
N GLY A 7 -4.03 2.95 20.39
CA GLY A 7 -4.15 1.71 21.16
C GLY A 7 -4.32 0.48 20.28
N ILE A 8 -3.35 -0.45 20.32
CA ILE A 8 -3.39 -1.65 19.48
C ILE A 8 -4.20 -2.78 20.12
N VAL A 9 -5.01 -3.45 19.31
CA VAL A 9 -5.76 -4.62 19.77
C VAL A 9 -4.83 -5.81 20.02
N LEU A 10 -3.95 -6.07 19.06
CA LEU A 10 -2.98 -7.18 19.15
C LEU A 10 -1.69 -6.86 18.39
N ASP A 11 -0.76 -7.81 18.35
CA ASP A 11 0.50 -7.63 17.61
C ASP A 11 0.21 -7.40 16.11
N LYS A 12 0.33 -6.13 15.69
CA LYS A 12 -0.05 -5.70 14.33
C LYS A 12 0.70 -6.49 13.23
N ASP A 13 -0.04 -6.84 12.17
CA ASP A 13 0.52 -7.55 11.02
C ASP A 13 1.81 -6.89 10.50
N THR A 14 2.95 -7.50 10.84
CA THR A 14 4.25 -6.99 10.39
C THR A 14 5.04 -8.09 9.64
N THR A 15 4.90 -9.33 10.12
CA THR A 15 5.53 -10.48 9.47
C THR A 15 4.62 -11.06 8.39
N PHE A 16 4.67 -10.46 7.19
CA PHE A 16 3.83 -10.90 6.07
C PHE A 16 4.45 -12.10 5.35
N GLY A 17 3.60 -13.02 4.89
CA GLY A 17 4.06 -14.11 4.03
C GLY A 17 4.37 -13.61 2.62
N GLU A 18 4.34 -14.50 1.64
CA GLU A 18 4.60 -14.11 0.25
C GLU A 18 3.49 -13.19 -0.27
N LEU A 19 3.80 -11.91 -0.44
CA LEU A 19 2.85 -10.95 -0.99
C LEU A 19 2.69 -11.13 -2.49
N LYS A 20 1.45 -11.28 -2.97
CA LYS A 20 1.20 -11.47 -4.40
C LYS A 20 0.47 -10.27 -4.99
N PHE A 21 0.99 -9.77 -6.12
CA PHE A 21 0.39 -8.64 -6.86
C PHE A 21 -0.98 -9.03 -7.43
N SER A 22 -1.99 -8.18 -7.23
CA SER A 22 -3.34 -8.45 -7.73
C SER A 22 -3.78 -7.41 -8.77
N ALA A 23 -3.92 -6.16 -8.33
CA ALA A 23 -4.37 -5.07 -9.20
C ALA A 23 -3.98 -3.69 -8.66
N LEU A 24 -4.42 -2.64 -9.34
CA LEU A 24 -4.22 -1.26 -8.90
C LEU A 24 -5.53 -0.68 -8.33
N ARG A 25 -5.60 -0.54 -7.01
CA ARG A 25 -6.83 -0.10 -6.35
C ARG A 25 -7.31 1.28 -6.82
N ARG A 26 -6.43 2.28 -6.80
CA ARG A 26 -6.83 3.66 -7.12
C ARG A 26 -5.65 4.63 -7.15
N GLU A 27 -5.61 5.48 -8.19
CA GLU A 27 -4.64 6.58 -8.26
C GLU A 27 -5.34 7.91 -7.96
N VAL A 28 -5.11 8.47 -6.77
CA VAL A 28 -5.74 9.74 -6.39
C VAL A 28 -5.03 10.94 -7.03
N ARG A 29 -5.73 11.63 -7.93
CA ARG A 29 -5.17 12.80 -8.63
C ARG A 29 -5.21 14.07 -7.76
N ILE A 30 -4.41 15.06 -8.15
CA ILE A 30 -4.32 16.31 -7.40
C ILE A 30 -5.52 17.22 -7.69
N GLN A 31 -6.44 17.31 -6.73
CA GLN A 31 -7.61 18.19 -6.87
C GLN A 31 -7.23 19.67 -6.61
N ASN A 32 -7.46 20.52 -7.61
CA ASN A 32 -7.15 21.94 -7.50
C ASN A 32 -8.03 22.63 -6.44
N GLU A 33 -7.46 23.63 -5.77
CA GLU A 33 -8.16 24.37 -4.71
C GLU A 33 -9.40 25.11 -5.26
N ASP A 34 -9.47 25.22 -6.58
CA ASP A 34 -10.63 25.81 -7.25
C ASP A 34 -11.85 24.86 -7.20
N GLY A 35 -11.59 23.57 -7.05
CA GLY A 35 -12.65 22.57 -7.00
C GLY A 35 -12.45 21.42 -7.98
N SER A 36 -12.03 21.76 -9.20
CA SER A 36 -11.82 20.76 -10.26
C SER A 36 -10.54 19.95 -10.03
N VAL A 37 -10.46 18.78 -10.67
CA VAL A 37 -9.31 17.88 -10.52
C VAL A 37 -8.25 18.14 -11.62
N SER A 38 -6.97 18.15 -11.23
CA SER A 38 -5.87 18.39 -12.17
C SER A 38 -5.52 17.12 -12.97
N ASP A 39 -4.54 17.23 -13.85
CA ASP A 39 -4.10 16.11 -14.68
C ASP A 39 -3.19 15.16 -13.89
N GLU A 40 -2.25 15.72 -13.13
CA GLU A 40 -1.24 14.94 -12.41
C GLU A 40 -1.81 14.19 -11.19
N ILE A 41 -1.10 13.14 -10.78
CA ILE A 41 -1.53 12.28 -9.68
C ILE A 41 -0.72 12.56 -8.39
N LYS A 42 -1.33 12.29 -7.23
CA LYS A 42 -0.66 12.47 -5.94
C LYS A 42 0.03 11.17 -5.49
N GLU A 43 -0.76 10.10 -5.35
CA GLU A 43 -0.21 8.77 -5.00
C GLU A 43 -1.13 7.65 -5.50
N ARG A 44 -0.58 6.44 -5.60
CA ARG A 44 -1.30 5.30 -6.19
C ARG A 44 -1.35 4.08 -5.25
N THR A 45 -2.56 3.58 -5.01
CA THR A 45 -2.79 2.44 -4.11
C THR A 45 -2.90 1.11 -4.89
N TYR A 46 -2.14 0.09 -4.45
CA TYR A 46 -2.16 -1.23 -5.08
C TYR A 46 -2.84 -2.29 -4.20
N ASP A 47 -3.20 -3.42 -4.82
CA ASP A 47 -3.84 -4.55 -4.12
C ASP A 47 -2.86 -5.73 -3.95
N LEU A 48 -2.42 -5.97 -2.72
CA LEU A 48 -1.49 -7.08 -2.43
C LEU A 48 -2.08 -8.03 -1.37
N LYS A 49 -2.16 -9.33 -1.66
CA LYS A 49 -2.70 -10.30 -0.70
C LYS A 49 -1.59 -10.95 0.15
N SER A 50 -1.81 -11.02 1.46
CA SER A 50 -0.83 -11.61 2.39
C SER A 50 -1.20 -13.05 2.78
N LYS A 51 -0.33 -13.99 2.47
CA LYS A 51 -0.59 -15.41 2.75
C LYS A 51 -0.61 -15.69 4.26
N GLY A 52 -1.70 -16.27 4.75
CA GLY A 52 -1.80 -16.62 6.17
C GLY A 52 -2.83 -15.80 6.93
N GLN A 53 -3.03 -14.55 6.53
CA GLN A 53 -3.96 -13.65 7.23
C GLN A 53 -5.35 -13.61 6.56
N GLY A 54 -5.44 -14.16 5.35
CA GLY A 54 -6.72 -14.24 4.64
C GLY A 54 -7.27 -12.89 4.18
N ARG A 55 -6.44 -11.84 4.23
CA ARG A 55 -6.89 -10.50 3.82
C ARG A 55 -5.81 -9.77 3.01
N MET A 56 -6.24 -8.75 2.27
CA MET A 56 -5.34 -7.99 1.40
C MET A 56 -4.96 -6.64 2.04
N ILE A 57 -3.75 -6.18 1.76
CA ILE A 57 -3.27 -4.89 2.25
C ILE A 57 -3.29 -3.83 1.12
N GLN A 58 -3.74 -2.63 1.46
CA GLN A 58 -3.79 -1.52 0.51
C GLN A 58 -2.51 -0.68 0.60
N VAL A 59 -1.62 -0.83 -0.37
CA VAL A 59 -0.31 -0.16 -0.33
C VAL A 59 -0.25 1.02 -1.31
N SER A 60 -0.17 2.24 -0.76
CA SER A 60 -0.11 3.45 -1.59
C SER A 60 1.31 4.03 -1.66
N ILE A 61 1.77 4.32 -2.86
CA ILE A 61 3.10 4.90 -3.07
C ILE A 61 3.02 6.20 -3.89
N PRO A 62 3.98 7.13 -3.71
CA PRO A 62 4.00 8.42 -4.45
C PRO A 62 3.89 8.25 -5.98
N ALA A 63 3.17 9.17 -6.63
CA ALA A 63 2.97 9.13 -8.09
C ALA A 63 4.30 9.22 -8.85
N SER A 64 5.27 9.91 -8.27
CA SER A 64 6.62 10.02 -8.86
C SER A 64 7.29 8.65 -8.98
N VAL A 65 6.83 7.69 -8.17
CA VAL A 65 7.32 6.31 -8.24
C VAL A 65 6.71 5.59 -9.46
N PRO A 66 7.55 4.97 -10.31
CA PRO A 66 7.10 4.32 -11.56
C PRO A 66 6.03 3.24 -11.35
N LEU A 67 5.09 3.15 -12.30
CA LEU A 67 4.04 2.14 -12.29
C LEU A 67 4.66 0.72 -12.35
N LYS A 68 4.02 -0.25 -11.71
CA LYS A 68 4.59 -1.59 -11.55
C LYS A 68 4.26 -2.53 -12.73
N GLU A 69 2.96 -2.72 -13.01
CA GLU A 69 2.53 -3.55 -14.15
C GLU A 69 3.04 -5.01 -14.04
N PHE A 70 3.37 -5.45 -12.83
CA PHE A 70 3.91 -6.80 -12.61
C PHE A 70 2.88 -7.90 -12.91
N ASP A 71 3.35 -9.14 -13.04
CA ASP A 71 2.49 -10.27 -13.39
C ASP A 71 1.45 -10.58 -12.29
N TYR A 72 0.28 -11.04 -12.73
CA TYR A 72 -0.81 -11.40 -11.83
C TYR A 72 -0.40 -12.56 -10.89
N ASN A 73 -0.54 -12.32 -9.58
CA ASN A 73 -0.19 -13.31 -8.54
C ASN A 73 1.34 -13.54 -8.43
N ALA A 74 2.13 -12.62 -8.97
CA ALA A 74 3.60 -12.69 -8.82
C ALA A 74 4.03 -12.16 -7.45
N ARG A 75 5.14 -12.71 -6.93
CA ARG A 75 5.66 -12.27 -5.62
C ARG A 75 6.23 -10.85 -5.69
N VAL A 76 5.72 -9.97 -4.84
CA VAL A 76 6.22 -8.59 -4.75
C VAL A 76 6.58 -8.22 -3.30
N GLU A 77 7.67 -7.50 -3.14
CA GLU A 77 8.11 -7.04 -1.80
C GLU A 77 8.26 -5.52 -1.76
N LEU A 78 8.10 -4.95 -0.57
CA LEU A 78 8.15 -3.50 -0.39
C LEU A 78 9.57 -3.02 -0.01
N ILE A 79 9.93 -1.83 -0.48
CA ILE A 79 11.22 -1.22 -0.13
C ILE A 79 11.18 -0.63 1.30
N ASN A 80 10.38 0.42 1.50
CA ASN A 80 10.17 0.99 2.84
C ASN A 80 8.67 1.03 3.19
N PRO A 81 8.13 -0.06 3.77
CA PRO A 81 6.72 -0.14 4.19
C PRO A 81 6.44 0.50 5.57
N ILE A 82 5.45 1.39 5.63
CA ILE A 82 4.98 1.95 6.91
C ILE A 82 3.45 2.02 6.94
N ALA A 83 2.83 1.39 7.94
CA ALA A 83 1.37 1.45 8.12
C ALA A 83 0.94 2.84 8.62
N ASP A 84 -0.20 3.34 8.13
CA ASP A 84 -0.62 4.70 8.49
C ASP A 84 -1.97 4.70 9.22
N THR A 85 -2.12 5.60 10.19
CA THR A 85 -3.35 5.71 10.97
C THR A 85 -4.40 6.59 10.28
N VAL A 86 -4.11 6.99 9.04
CA VAL A 86 -5.07 7.75 8.23
C VAL A 86 -6.43 7.03 8.12
N ALA A 87 -6.38 5.70 8.13
CA ALA A 87 -7.60 4.89 8.11
C ALA A 87 -8.35 4.98 9.44
N THR A 88 -7.68 4.61 10.54
CA THR A 88 -8.31 4.57 11.88
C THR A 88 -8.85 5.94 12.33
N ALA A 89 -8.39 7.01 11.69
CA ALA A 89 -8.87 8.36 12.00
C ALA A 89 -10.38 8.50 11.79
N THR A 90 -10.88 7.89 10.71
CA THR A 90 -12.33 7.87 10.43
C THR A 90 -12.94 6.48 10.65
N TYR A 91 -12.17 5.44 10.35
CA TYR A 91 -12.61 4.05 10.52
C TYR A 91 -12.59 3.63 12.01
N GLN A 92 -13.78 3.57 12.62
CA GLN A 92 -13.92 3.15 14.02
C GLN A 92 -13.63 1.64 14.19
N GLY A 93 -12.61 1.32 14.99
CA GLY A 93 -12.28 -0.07 15.30
C GLY A 93 -11.50 -0.78 14.20
N ALA A 94 -12.17 -1.69 13.49
CA ALA A 94 -11.53 -2.49 12.43
C ALA A 94 -12.55 -2.95 11.39
N ASP A 95 -12.17 -2.86 10.11
CA ASP A 95 -13.01 -3.32 9.00
C ASP A 95 -12.27 -4.33 8.11
N VAL A 96 -11.38 -5.11 8.75
CA VAL A 96 -10.62 -6.18 8.07
C VAL A 96 -9.47 -5.62 7.20
N ASP A 97 -9.79 -4.81 6.19
CA ASP A 97 -8.76 -4.24 5.32
C ASP A 97 -8.17 -2.94 5.92
N TRP A 98 -6.92 -2.65 5.58
CA TRP A 98 -6.21 -1.49 6.15
C TRP A 98 -5.19 -0.91 5.15
N TYR A 99 -4.72 0.31 5.44
CA TYR A 99 -3.89 1.06 4.49
C TYR A 99 -2.43 1.21 4.95
N ILE A 100 -1.51 0.85 4.06
CA ILE A 100 -0.06 0.99 4.30
C ILE A 100 0.57 1.90 3.24
N LYS A 101 1.32 2.90 3.69
CA LYS A 101 2.05 3.77 2.76
C LYS A 101 3.50 3.31 2.60
N ALA A 102 3.96 3.19 1.36
CA ALA A 102 5.31 2.67 1.10
C ALA A 102 6.13 3.62 0.23
N ASP A 103 7.44 3.39 0.24
CA ASP A 103 8.39 4.13 -0.61
C ASP A 103 8.37 3.60 -2.05
N ASP A 104 8.29 2.27 -2.21
CA ASP A 104 8.29 1.63 -3.54
C ASP A 104 7.93 0.14 -3.44
N ILE A 105 7.42 -0.41 -4.55
CA ILE A 105 7.02 -1.83 -4.63
C ILE A 105 7.81 -2.54 -5.75
N VAL A 106 8.60 -3.55 -5.40
CA VAL A 106 9.40 -4.30 -6.40
C VAL A 106 9.07 -5.80 -6.37
N LEU A 107 9.56 -6.52 -7.37
CA LEU A 107 9.39 -7.99 -7.42
C LEU A 107 10.31 -8.69 -6.42
N THR A 108 9.76 -9.66 -5.68
CA THR A 108 10.54 -10.46 -4.74
C THR A 108 11.60 -11.28 -5.50
N LEU A 109 12.82 -11.33 -4.96
CA LEU A 109 13.95 -11.96 -5.66
C LEU A 109 13.85 -13.49 -5.71
N GLU A 110 12.66 -14.03 -5.37
CA GLU A 110 12.38 -15.48 -5.44
C GLU A 110 13.23 -16.30 -4.44
N MET A 1 -9.41 15.82 -1.38
CA MET A 1 -9.13 14.39 -1.13
C MET A 1 -8.46 14.17 0.23
N MET A 2 -7.21 14.64 0.36
CA MET A 2 -6.45 14.49 1.60
C MET A 2 -5.09 15.19 1.51
N ARG A 3 -4.59 15.67 2.65
CA ARG A 3 -3.25 16.25 2.74
C ARG A 3 -2.32 15.33 3.54
N LEU A 4 -1.34 14.73 2.86
CA LEU A 4 -0.42 13.79 3.49
C LEU A 4 0.71 14.50 4.26
N ALA A 5 0.82 14.20 5.55
CA ALA A 5 1.89 14.75 6.38
C ALA A 5 2.96 13.68 6.66
N ASN A 6 4.10 13.78 6.00
CA ASN A 6 5.17 12.78 6.13
C ASN A 6 6.43 13.36 6.79
N GLY A 7 7.38 12.49 7.10
CA GLY A 7 8.64 12.91 7.69
C GLY A 7 9.76 11.90 7.45
N ILE A 8 10.00 11.03 8.43
CA ILE A 8 11.03 9.99 8.31
C ILE A 8 10.40 8.59 8.21
N VAL A 9 11.23 7.59 7.92
CA VAL A 9 10.80 6.19 7.90
C VAL A 9 11.94 5.25 8.32
N LEU A 10 11.78 4.61 9.48
CA LEU A 10 12.83 3.73 10.04
C LEU A 10 12.38 2.27 10.05
N ASP A 11 13.26 1.40 10.58
CA ASP A 11 13.00 -0.04 10.60
C ASP A 11 11.79 -0.42 11.46
N LYS A 12 10.71 -0.86 10.81
CA LYS A 12 9.52 -1.35 11.52
C LYS A 12 9.06 -2.71 10.98
N ASP A 13 7.91 -3.17 11.45
CA ASP A 13 7.37 -4.48 11.09
C ASP A 13 6.87 -4.53 9.64
N THR A 14 7.48 -5.39 8.84
CA THR A 14 7.00 -5.68 7.47
C THR A 14 6.06 -6.89 7.48
N THR A 15 6.49 -7.99 8.10
CA THR A 15 5.64 -9.17 8.37
C THR A 15 5.18 -9.94 7.11
N PHE A 16 4.37 -9.31 6.27
CA PHE A 16 3.70 -9.97 5.14
C PHE A 16 4.65 -10.76 4.24
N GLY A 17 5.89 -10.28 4.09
CA GLY A 17 6.86 -10.95 3.23
C GLY A 17 6.53 -10.85 1.74
N GLU A 18 6.21 -11.99 1.12
CA GLU A 18 5.85 -12.01 -0.30
C GLU A 18 4.37 -11.68 -0.53
N LEU A 19 4.09 -10.49 -1.07
CA LEU A 19 2.72 -10.08 -1.38
C LEU A 19 2.31 -10.53 -2.79
N LYS A 20 1.00 -10.71 -3.00
CA LYS A 20 0.48 -11.07 -4.34
C LYS A 20 -0.16 -9.85 -5.02
N PHE A 21 0.47 -9.40 -6.11
CA PHE A 21 -0.03 -8.24 -6.89
C PHE A 21 -1.19 -8.65 -7.81
N SER A 22 -2.40 -8.13 -7.55
CA SER A 22 -3.57 -8.44 -8.38
C SER A 22 -3.89 -7.31 -9.36
N ALA A 23 -4.18 -6.11 -8.83
CA ALA A 23 -4.55 -4.97 -9.68
C ALA A 23 -4.32 -3.62 -8.99
N LEU A 24 -4.52 -2.54 -9.75
CA LEU A 24 -4.40 -1.17 -9.25
C LEU A 24 -5.75 -0.63 -8.76
N ARG A 25 -5.86 -0.34 -7.46
CA ARG A 25 -7.14 0.05 -6.85
C ARG A 25 -7.59 1.46 -7.28
N ARG A 26 -6.73 2.45 -7.08
CA ARG A 26 -7.07 3.85 -7.39
C ARG A 26 -5.82 4.74 -7.45
N GLU A 27 -5.86 5.75 -8.32
CA GLU A 27 -4.79 6.75 -8.42
C GLU A 27 -5.31 8.13 -7.99
N VAL A 28 -5.03 8.53 -6.75
CA VAL A 28 -5.48 9.84 -6.26
C VAL A 28 -4.70 10.98 -6.92
N ARG A 29 -5.40 11.86 -7.62
CA ARG A 29 -4.77 12.91 -8.40
C ARG A 29 -4.73 14.26 -7.66
N ILE A 30 -3.92 15.18 -8.17
CA ILE A 30 -3.75 16.50 -7.57
C ILE A 30 -5.03 17.35 -7.71
N GLN A 31 -5.68 17.62 -6.58
CA GLN A 31 -6.92 18.39 -6.56
C GLN A 31 -6.64 19.91 -6.51
N ASN A 32 -7.10 20.64 -7.52
CA ASN A 32 -6.80 22.08 -7.66
C ASN A 32 -7.47 22.94 -6.60
N GLU A 33 -7.12 24.24 -6.60
CA GLU A 33 -7.64 25.21 -5.61
C GLU A 33 -9.18 25.23 -5.57
N ASP A 34 -9.81 25.16 -6.73
CA ASP A 34 -11.27 25.15 -6.83
C ASP A 34 -11.90 23.92 -6.16
N GLY A 35 -11.15 22.83 -6.10
CA GLY A 35 -11.68 21.55 -5.66
C GLY A 35 -11.80 20.55 -6.81
N SER A 36 -11.70 21.06 -8.04
CA SER A 36 -11.68 20.20 -9.23
C SER A 36 -10.35 19.47 -9.36
N VAL A 37 -10.42 18.20 -9.72
CA VAL A 37 -9.23 17.35 -9.78
C VAL A 37 -8.45 17.53 -11.11
N SER A 38 -7.12 17.45 -11.04
CA SER A 38 -6.28 17.58 -12.24
C SER A 38 -5.92 16.21 -12.83
N ASP A 39 -5.21 16.22 -13.97
CA ASP A 39 -4.76 14.98 -14.62
C ASP A 39 -3.50 14.43 -13.94
N GLU A 40 -2.68 15.32 -13.38
CA GLU A 40 -1.47 14.92 -12.65
C GLU A 40 -1.82 14.13 -11.38
N ILE A 41 -1.06 13.07 -11.11
CA ILE A 41 -1.36 12.17 -9.99
C ILE A 41 -0.46 12.45 -8.77
N LYS A 42 -0.99 12.22 -7.57
CA LYS A 42 -0.23 12.39 -6.33
C LYS A 42 0.37 11.04 -5.87
N GLU A 43 -0.48 10.04 -5.67
CA GLU A 43 -0.01 8.69 -5.31
C GLU A 43 -1.00 7.59 -5.77
N ARG A 44 -0.56 6.33 -5.77
CA ARG A 44 -1.32 5.22 -6.35
C ARG A 44 -1.46 4.05 -5.36
N THR A 45 -2.66 3.46 -5.29
CA THR A 45 -2.95 2.36 -4.36
C THR A 45 -3.22 1.04 -5.10
N TYR A 46 -2.59 -0.05 -4.65
CA TYR A 46 -2.79 -1.38 -5.24
C TYR A 46 -3.58 -2.32 -4.30
N ASP A 47 -4.21 -3.34 -4.87
CA ASP A 47 -4.80 -4.44 -4.09
C ASP A 47 -3.78 -5.58 -3.93
N LEU A 48 -3.22 -5.75 -2.74
CA LEU A 48 -2.21 -6.78 -2.51
C LEU A 48 -2.69 -7.84 -1.49
N LYS A 49 -2.48 -9.11 -1.84
CA LYS A 49 -2.84 -10.23 -0.95
C LYS A 49 -1.65 -10.66 -0.07
N SER A 50 -1.89 -10.74 1.23
CA SER A 50 -0.83 -11.05 2.20
C SER A 50 -0.71 -12.56 2.49
N LYS A 51 0.40 -12.94 3.12
CA LYS A 51 0.63 -14.35 3.52
C LYS A 51 0.23 -14.58 4.98
N GLY A 52 0.44 -15.82 5.45
CA GLY A 52 0.11 -16.17 6.83
C GLY A 52 -1.39 -16.05 7.12
N GLN A 53 -1.83 -14.85 7.48
CA GLN A 53 -3.25 -14.59 7.78
C GLN A 53 -4.10 -14.55 6.50
N GLY A 54 -3.50 -14.10 5.40
CA GLY A 54 -4.18 -14.12 4.11
C GLY A 54 -5.29 -13.07 3.96
N ARG A 55 -4.97 -11.81 4.22
CA ARG A 55 -5.96 -10.72 4.07
C ARG A 55 -5.61 -9.78 2.90
N MET A 56 -6.61 -9.03 2.45
CA MET A 56 -6.43 -8.04 1.38
C MET A 56 -6.02 -6.67 1.97
N ILE A 57 -4.90 -6.13 1.49
CA ILE A 57 -4.39 -4.84 1.97
C ILE A 57 -4.18 -3.84 0.82
N GLN A 58 -4.51 -2.57 1.06
CA GLN A 58 -4.30 -1.52 0.07
C GLN A 58 -2.97 -0.77 0.29
N VAL A 59 -1.99 -1.05 -0.56
CA VAL A 59 -0.67 -0.42 -0.44
C VAL A 59 -0.52 0.75 -1.43
N SER A 60 -0.11 1.91 -0.92
CA SER A 60 -0.03 3.14 -1.75
C SER A 60 1.40 3.68 -1.86
N ILE A 61 1.78 4.13 -3.05
CA ILE A 61 3.10 4.71 -3.30
C ILE A 61 2.99 6.02 -4.12
N PRO A 62 3.92 6.98 -3.91
CA PRO A 62 3.90 8.26 -4.65
C PRO A 62 3.97 8.09 -6.18
N ALA A 63 3.28 8.97 -6.91
CA ALA A 63 3.26 8.92 -8.38
C ALA A 63 4.64 9.25 -8.99
N SER A 64 5.58 9.65 -8.13
CA SER A 64 6.97 9.86 -8.53
C SER A 64 7.68 8.52 -8.75
N VAL A 65 7.13 7.47 -8.14
CA VAL A 65 7.65 6.10 -8.28
C VAL A 65 7.01 5.39 -9.48
N PRO A 66 7.83 4.88 -10.43
CA PRO A 66 7.33 4.19 -11.64
C PRO A 66 6.28 3.11 -11.34
N LEU A 67 5.12 3.21 -12.00
CA LEU A 67 4.02 2.26 -11.83
C LEU A 67 4.48 0.81 -12.12
N LYS A 68 4.26 -0.09 -11.16
CA LYS A 68 4.82 -1.45 -11.21
C LYS A 68 4.19 -2.33 -12.31
N GLU A 69 2.88 -2.59 -12.22
CA GLU A 69 2.15 -3.36 -13.25
C GLU A 69 2.77 -4.74 -13.51
N PHE A 70 3.10 -5.47 -12.45
CA PHE A 70 3.66 -6.83 -12.57
C PHE A 70 2.57 -7.86 -12.95
N ASP A 71 2.92 -9.14 -12.87
CA ASP A 71 1.98 -10.23 -13.20
C ASP A 71 0.92 -10.45 -12.10
N TYR A 72 -0.14 -11.18 -12.45
CA TYR A 72 -1.24 -11.43 -11.52
C TYR A 72 -0.82 -12.41 -10.40
N ASN A 73 -1.00 -11.99 -9.15
CA ASN A 73 -0.56 -12.77 -7.99
C ASN A 73 0.95 -13.02 -8.00
N ALA A 74 1.71 -12.08 -8.56
CA ALA A 74 3.18 -12.18 -8.60
C ALA A 74 3.79 -11.75 -7.25
N ARG A 75 4.96 -12.34 -6.93
CA ARG A 75 5.67 -12.03 -5.68
C ARG A 75 6.22 -10.60 -5.66
N VAL A 76 5.59 -9.72 -4.89
CA VAL A 76 6.06 -8.36 -4.69
C VAL A 76 6.28 -8.06 -3.19
N GLU A 77 7.34 -7.31 -2.87
CA GLU A 77 7.60 -6.92 -1.48
C GLU A 77 7.84 -5.41 -1.36
N LEU A 78 7.77 -4.91 -0.13
CA LEU A 78 7.88 -3.47 0.14
C LEU A 78 9.26 -3.09 0.66
N ILE A 79 9.81 -1.99 0.13
CA ILE A 79 11.12 -1.47 0.56
C ILE A 79 11.06 -0.89 1.99
N ASN A 80 10.49 0.32 2.13
CA ASN A 80 10.27 0.92 3.46
C ASN A 80 8.77 1.23 3.67
N PRO A 81 7.99 0.24 4.13
CA PRO A 81 6.53 0.39 4.36
C PRO A 81 6.16 1.04 5.70
N ILE A 82 5.03 1.77 5.70
CA ILE A 82 4.41 2.25 6.94
C ILE A 82 2.92 1.86 6.97
N ALA A 83 2.43 1.44 8.14
CA ALA A 83 1.06 0.96 8.29
C ALA A 83 0.10 2.10 8.68
N ASP A 84 -0.72 2.55 7.73
CA ASP A 84 -1.69 3.63 7.97
C ASP A 84 -2.98 3.12 8.64
N THR A 85 -2.82 2.35 9.71
CA THR A 85 -3.97 1.79 10.44
C THR A 85 -4.89 2.89 10.99
N VAL A 86 -4.28 3.93 11.57
CA VAL A 86 -5.02 5.04 12.17
C VAL A 86 -5.93 5.77 11.15
N ALA A 87 -5.66 5.58 9.86
CA ALA A 87 -6.45 6.23 8.80
C ALA A 87 -7.95 5.86 8.91
N THR A 88 -8.22 4.58 9.14
CA THR A 88 -9.60 4.09 9.26
C THR A 88 -10.32 4.73 10.46
N ALA A 89 -9.76 4.53 11.65
CA ALA A 89 -10.33 5.06 12.90
C ALA A 89 -10.52 6.57 12.86
N THR A 90 -9.59 7.28 12.22
CA THR A 90 -9.65 8.75 12.16
C THR A 90 -10.69 9.25 11.14
N TYR A 91 -10.59 8.78 9.90
CA TYR A 91 -11.41 9.31 8.81
C TYR A 91 -12.78 8.61 8.68
N GLN A 92 -12.84 7.32 9.01
CA GLN A 92 -14.08 6.54 8.83
C GLN A 92 -14.38 5.65 10.05
N GLY A 93 -14.85 6.29 11.13
CA GLY A 93 -15.25 5.57 12.35
C GLY A 93 -14.26 4.49 12.80
N ALA A 94 -14.48 3.27 12.32
CA ALA A 94 -13.58 2.14 12.57
C ALA A 94 -13.81 1.03 11.53
N ASP A 95 -13.21 1.21 10.34
CA ASP A 95 -13.44 0.30 9.22
C ASP A 95 -12.42 -0.85 9.18
N VAL A 96 -12.71 -1.88 8.37
CA VAL A 96 -11.91 -3.12 8.36
C VAL A 96 -10.75 -3.08 7.34
N ASP A 97 -10.98 -2.52 6.16
CA ASP A 97 -9.91 -2.42 5.15
C ASP A 97 -9.06 -1.15 5.39
N TRP A 98 -7.75 -1.29 5.20
CA TRP A 98 -6.79 -0.23 5.58
C TRP A 98 -5.69 -0.05 4.54
N TYR A 99 -4.96 1.06 4.66
CA TYR A 99 -3.90 1.41 3.71
C TYR A 99 -2.49 1.19 4.30
N ILE A 100 -1.53 0.96 3.42
CA ILE A 100 -0.11 0.84 3.79
C ILE A 100 0.75 1.62 2.81
N LYS A 101 1.31 2.75 3.24
CA LYS A 101 2.12 3.59 2.35
C LYS A 101 3.58 3.13 2.33
N ALA A 102 4.07 2.77 1.15
CA ALA A 102 5.43 2.23 1.01
C ALA A 102 6.35 3.17 0.22
N ASP A 103 7.61 3.21 0.62
CA ASP A 103 8.65 3.95 -0.11
C ASP A 103 8.74 3.47 -1.58
N ASP A 104 8.70 2.15 -1.77
CA ASP A 104 8.74 1.55 -3.10
C ASP A 104 8.34 0.06 -3.06
N ILE A 105 7.90 -0.46 -4.20
CA ILE A 105 7.46 -1.85 -4.31
C ILE A 105 8.26 -2.59 -5.41
N VAL A 106 8.92 -3.68 -5.03
CA VAL A 106 9.72 -4.48 -5.97
C VAL A 106 9.28 -5.94 -5.97
N LEU A 107 9.90 -6.77 -6.81
CA LEU A 107 9.64 -8.21 -6.81
C LEU A 107 10.37 -8.89 -5.63
N THR A 108 9.69 -9.83 -4.97
CA THR A 108 10.26 -10.54 -3.82
C THR A 108 11.60 -11.20 -4.20
N LEU A 109 12.60 -11.01 -3.35
CA LEU A 109 13.96 -11.51 -3.61
C LEU A 109 13.99 -13.00 -3.96
N GLU A 110 13.03 -13.76 -3.45
CA GLU A 110 12.93 -15.20 -3.70
C GLU A 110 12.28 -15.51 -5.07
N MET A 1 -5.52 19.45 4.10
CA MET A 1 -5.41 18.54 2.92
C MET A 1 -5.23 17.07 3.35
N MET A 2 -4.17 16.77 4.09
CA MET A 2 -3.91 15.40 4.54
C MET A 2 -3.26 15.37 5.94
N ARG A 3 -3.70 14.43 6.77
CA ARG A 3 -3.17 14.29 8.14
C ARG A 3 -2.10 13.19 8.24
N LEU A 4 -1.91 12.46 7.15
CA LEU A 4 -0.96 11.32 7.11
C LEU A 4 0.48 11.74 7.43
N ALA A 5 1.33 10.76 7.72
CA ALA A 5 2.75 11.02 8.00
C ALA A 5 3.66 10.13 7.14
N ASN A 6 4.91 10.59 6.94
CA ASN A 6 5.89 9.83 6.16
C ASN A 6 6.72 8.89 7.06
N GLY A 7 6.32 8.79 8.34
CA GLY A 7 7.03 7.94 9.29
C GLY A 7 6.07 7.28 10.30
N ILE A 8 6.45 6.12 10.80
CA ILE A 8 5.58 5.34 11.71
C ILE A 8 6.03 5.41 13.17
N VAL A 9 5.25 4.78 14.04
CA VAL A 9 5.61 4.67 15.46
C VAL A 9 6.67 3.59 15.68
N LEU A 10 6.31 2.33 15.41
CA LEU A 10 7.24 1.21 15.55
C LEU A 10 6.81 0.00 14.69
N ASP A 11 7.67 -1.00 14.60
CA ASP A 11 7.39 -2.21 13.84
C ASP A 11 7.53 -3.47 14.72
N LYS A 12 7.04 -4.61 14.23
CA LYS A 12 7.17 -5.87 14.96
C LYS A 12 7.17 -7.06 14.00
N ASP A 13 6.15 -7.14 13.13
CA ASP A 13 6.12 -8.18 12.09
C ASP A 13 5.42 -7.68 10.81
N THR A 14 6.20 -7.59 9.73
CA THR A 14 5.68 -7.22 8.40
C THR A 14 6.18 -8.20 7.33
N THR A 15 5.55 -9.36 7.26
CA THR A 15 5.95 -10.42 6.32
C THR A 15 4.77 -10.93 5.49
N PHE A 16 3.70 -11.32 6.19
CA PHE A 16 2.43 -11.75 5.55
C PHE A 16 2.61 -13.00 4.67
N GLY A 17 3.71 -13.72 4.87
CA GLY A 17 4.00 -14.90 4.05
C GLY A 17 4.36 -14.54 2.61
N GLU A 18 3.50 -14.91 1.66
CA GLU A 18 3.70 -14.58 0.25
C GLU A 18 2.84 -13.38 -0.19
N LEU A 19 3.48 -12.24 -0.43
CA LEU A 19 2.79 -11.07 -0.97
C LEU A 19 2.72 -11.16 -2.50
N LYS A 20 1.52 -11.04 -3.06
CA LYS A 20 1.33 -11.15 -4.52
C LYS A 20 0.55 -9.95 -5.10
N PHE A 21 1.08 -9.42 -6.21
CA PHE A 21 0.45 -8.29 -6.90
C PHE A 21 -0.74 -8.75 -7.76
N SER A 22 -1.94 -8.31 -7.40
CA SER A 22 -3.14 -8.66 -8.17
C SER A 22 -3.53 -7.56 -9.16
N ALA A 23 -3.87 -6.38 -8.65
CA ALA A 23 -4.32 -5.27 -9.51
C ALA A 23 -4.14 -3.90 -8.84
N LEU A 24 -4.35 -2.83 -9.62
CA LEU A 24 -4.29 -1.46 -9.11
C LEU A 24 -5.62 -1.06 -8.46
N ARG A 25 -5.56 -0.44 -7.28
CA ARG A 25 -6.76 -0.04 -6.55
C ARG A 25 -7.26 1.35 -6.99
N ARG A 26 -6.41 2.37 -6.86
CA ARG A 26 -6.78 3.76 -7.22
C ARG A 26 -5.57 4.72 -7.13
N GLU A 27 -5.45 5.59 -8.14
CA GLU A 27 -4.45 6.67 -8.11
C GLU A 27 -5.08 7.96 -7.57
N VAL A 28 -4.70 8.37 -6.35
CA VAL A 28 -5.27 9.57 -5.74
C VAL A 28 -4.65 10.85 -6.33
N ARG A 29 -5.50 11.71 -6.91
CA ARG A 29 -5.02 12.90 -7.61
C ARG A 29 -5.25 14.18 -6.80
N ILE A 30 -4.87 15.32 -7.38
CA ILE A 30 -4.93 16.61 -6.70
C ILE A 30 -6.19 17.42 -7.11
N GLN A 31 -7.05 17.72 -6.15
CA GLN A 31 -8.22 18.57 -6.41
C GLN A 31 -7.84 20.06 -6.30
N ASN A 32 -7.98 20.78 -7.41
CA ASN A 32 -7.52 22.17 -7.53
C ASN A 32 -8.40 23.17 -6.78
N GLU A 33 -7.91 24.39 -6.63
CA GLU A 33 -8.67 25.48 -6.00
C GLU A 33 -9.78 25.98 -6.92
N ASP A 34 -9.74 25.54 -8.17
CA ASP A 34 -10.82 25.80 -9.14
C ASP A 34 -12.09 25.02 -8.75
N GLY A 35 -11.88 23.85 -8.15
CA GLY A 35 -13.00 22.94 -7.85
C GLY A 35 -12.87 21.62 -8.60
N SER A 36 -12.31 21.68 -9.81
CA SER A 36 -12.05 20.49 -10.62
C SER A 36 -10.75 19.79 -10.18
N VAL A 37 -10.62 18.51 -10.51
CA VAL A 37 -9.45 17.71 -10.11
C VAL A 37 -8.37 17.71 -11.20
N SER A 38 -7.15 18.10 -10.84
CA SER A 38 -6.01 18.05 -11.76
C SER A 38 -5.65 16.61 -12.13
N ASP A 39 -5.06 16.44 -13.30
CA ASP A 39 -4.60 15.12 -13.74
C ASP A 39 -3.27 14.74 -13.05
N GLU A 40 -2.75 15.66 -12.24
CA GLU A 40 -1.57 15.41 -11.42
C GLU A 40 -1.89 14.49 -10.24
N ILE A 41 -0.98 13.59 -9.90
CA ILE A 41 -1.23 12.56 -8.89
C ILE A 41 -0.45 12.82 -7.60
N LYS A 42 -1.07 12.50 -6.46
CA LYS A 42 -0.39 12.54 -5.15
C LYS A 42 0.30 11.19 -4.87
N GLU A 43 -0.51 10.12 -4.85
CA GLU A 43 -0.02 8.77 -4.54
C GLU A 43 -0.78 7.71 -5.36
N ARG A 44 -0.30 6.47 -5.29
CA ARG A 44 -0.87 5.37 -6.08
C ARG A 44 -1.09 4.11 -5.22
N THR A 45 -2.35 3.72 -5.04
CA THR A 45 -2.69 2.57 -4.16
C THR A 45 -2.91 1.27 -4.96
N TYR A 46 -2.22 0.21 -4.52
CA TYR A 46 -2.33 -1.12 -5.14
C TYR A 46 -3.04 -2.12 -4.21
N ASP A 47 -3.59 -3.18 -4.79
CA ASP A 47 -4.12 -4.30 -4.01
C ASP A 47 -3.12 -5.46 -3.98
N LEU A 48 -2.48 -5.68 -2.82
CA LEU A 48 -1.51 -6.76 -2.67
C LEU A 48 -2.07 -7.86 -1.76
N LYS A 49 -2.15 -9.08 -2.27
CA LYS A 49 -2.69 -10.22 -1.51
C LYS A 49 -1.67 -10.73 -0.48
N SER A 50 -2.19 -11.17 0.66
CA SER A 50 -1.33 -11.63 1.76
C SER A 50 -1.78 -13.02 2.27
N LYS A 51 -0.84 -13.79 2.81
CA LYS A 51 -1.16 -15.13 3.33
C LYS A 51 -1.39 -15.09 4.84
N GLY A 52 -1.66 -16.26 5.43
CA GLY A 52 -1.91 -16.35 6.86
C GLY A 52 -3.38 -16.21 7.22
N GLN A 53 -3.77 -15.03 7.71
CA GLN A 53 -5.15 -14.77 8.13
C GLN A 53 -6.13 -14.76 6.94
N GLY A 54 -5.64 -14.37 5.76
CA GLY A 54 -6.49 -14.29 4.57
C GLY A 54 -6.85 -12.87 4.18
N ARG A 55 -6.42 -11.90 5.00
CA ARG A 55 -6.66 -10.47 4.71
C ARG A 55 -5.51 -9.90 3.89
N MET A 56 -5.82 -9.04 2.92
CA MET A 56 -4.79 -8.43 2.08
C MET A 56 -4.39 -7.03 2.60
N ILE A 57 -3.48 -6.38 1.89
CA ILE A 57 -3.01 -5.04 2.26
C ILE A 57 -3.13 -4.06 1.08
N GLN A 58 -3.57 -2.82 1.34
CA GLN A 58 -3.64 -1.82 0.27
C GLN A 58 -2.47 -0.83 0.39
N VAL A 59 -1.51 -0.94 -0.54
CA VAL A 59 -0.25 -0.19 -0.46
C VAL A 59 -0.23 1.05 -1.37
N SER A 60 0.03 2.21 -0.79
CA SER A 60 0.11 3.47 -1.55
C SER A 60 1.56 3.97 -1.67
N ILE A 61 1.98 4.25 -2.90
CA ILE A 61 3.33 4.80 -3.15
C ILE A 61 3.24 6.24 -3.71
N PRO A 62 4.27 7.08 -3.46
CA PRO A 62 4.27 8.47 -3.95
C PRO A 62 4.32 8.56 -5.49
N ALA A 63 3.82 9.67 -6.03
CA ALA A 63 3.80 9.88 -7.50
C ALA A 63 5.21 9.78 -8.13
N SER A 64 6.23 9.89 -7.28
CA SER A 64 7.64 9.77 -7.72
C SER A 64 7.93 8.37 -8.31
N VAL A 65 7.08 7.40 -8.00
CA VAL A 65 7.24 6.03 -8.50
C VAL A 65 6.08 5.65 -9.44
N PRO A 66 6.38 5.30 -10.70
CA PRO A 66 5.35 4.93 -11.71
C PRO A 66 4.65 3.59 -11.42
N LEU A 67 3.84 3.15 -12.36
CA LEU A 67 3.12 1.87 -12.24
C LEU A 67 4.09 0.68 -12.40
N LYS A 68 3.79 -0.42 -11.70
CA LYS A 68 4.60 -1.64 -11.82
C LYS A 68 4.00 -2.61 -12.84
N GLU A 69 4.69 -2.80 -13.96
CA GLU A 69 4.24 -3.73 -14.99
C GLU A 69 4.62 -5.19 -14.64
N PHE A 70 4.02 -5.69 -13.56
CA PHE A 70 4.32 -7.05 -13.08
C PHE A 70 3.29 -8.09 -13.54
N ASP A 71 3.64 -9.36 -13.38
CA ASP A 71 2.76 -10.48 -13.74
C ASP A 71 1.61 -10.65 -12.73
N TYR A 72 0.46 -11.13 -13.21
CA TYR A 72 -0.73 -11.28 -12.35
C TYR A 72 -0.48 -12.31 -11.22
N ASN A 73 -0.65 -11.86 -9.98
CA ASN A 73 -0.41 -12.68 -8.79
C ASN A 73 1.08 -13.08 -8.66
N ALA A 74 1.97 -12.22 -9.16
CA ALA A 74 3.41 -12.43 -9.00
C ALA A 74 3.90 -11.99 -7.62
N ARG A 75 4.96 -12.63 -7.12
CA ARG A 75 5.52 -12.32 -5.80
C ARG A 75 6.12 -10.90 -5.76
N VAL A 76 5.68 -10.07 -4.81
CA VAL A 76 6.15 -8.70 -4.68
C VAL A 76 6.47 -8.32 -3.22
N GLU A 77 7.39 -7.38 -3.04
CA GLU A 77 7.74 -6.87 -1.71
C GLU A 77 7.91 -5.35 -1.75
N LEU A 78 8.02 -4.74 -0.57
CA LEU A 78 8.06 -3.27 -0.46
C LEU A 78 9.45 -2.73 -0.09
N ILE A 79 9.69 -1.48 -0.48
CA ILE A 79 10.91 -0.75 -0.11
C ILE A 79 10.54 0.39 0.87
N ASN A 80 11.05 0.32 2.09
CA ASN A 80 10.68 1.26 3.18
C ASN A 80 9.15 1.32 3.38
N PRO A 81 8.55 0.29 4.02
CA PRO A 81 7.10 0.24 4.27
C PRO A 81 6.65 1.05 5.49
N ILE A 82 5.61 1.87 5.32
CA ILE A 82 5.00 2.63 6.42
C ILE A 82 3.46 2.50 6.38
N ALA A 83 2.80 2.79 7.49
CA ALA A 83 1.33 2.76 7.54
C ALA A 83 0.73 4.19 7.49
N ASP A 84 -0.37 4.36 6.75
CA ASP A 84 -1.00 5.67 6.59
C ASP A 84 -1.88 6.02 7.81
N THR A 85 -2.20 7.30 7.97
CA THR A 85 -2.97 7.78 9.13
C THR A 85 -4.33 8.40 8.72
N VAL A 86 -4.64 8.39 7.43
CA VAL A 86 -5.94 8.91 6.95
C VAL A 86 -7.07 7.89 7.18
N ALA A 87 -8.27 8.22 6.69
CA ALA A 87 -9.46 7.37 6.84
C ALA A 87 -9.91 7.29 8.32
N THR A 88 -9.29 8.11 9.17
CA THR A 88 -9.63 8.16 10.60
C THR A 88 -10.74 9.19 10.86
N ALA A 89 -11.35 9.69 9.79
CA ALA A 89 -12.40 10.71 9.87
C ALA A 89 -13.77 10.09 10.15
N THR A 90 -14.14 10.03 11.43
CA THR A 90 -15.49 9.63 11.86
C THR A 90 -15.72 8.10 11.77
N TYR A 91 -14.96 7.41 10.92
CA TYR A 91 -15.13 5.95 10.73
C TYR A 91 -14.73 5.14 11.98
N GLN A 92 -15.26 3.93 12.08
CA GLN A 92 -14.99 3.05 13.23
C GLN A 92 -13.59 2.42 13.15
N GLY A 93 -12.94 2.26 14.31
CA GLY A 93 -11.60 1.68 14.37
C GLY A 93 -11.58 0.17 14.11
N ALA A 94 -11.93 -0.21 12.88
CA ALA A 94 -12.04 -1.62 12.47
C ALA A 94 -12.70 -1.74 11.09
N ASP A 95 -13.53 -0.76 10.75
CA ASP A 95 -14.31 -0.75 9.51
C ASP A 95 -13.46 -0.48 8.25
N VAL A 96 -12.43 0.36 8.41
CA VAL A 96 -11.59 0.77 7.27
C VAL A 96 -10.56 -0.32 6.89
N ASP A 97 -10.55 -0.68 5.60
CA ASP A 97 -9.49 -1.56 5.06
C ASP A 97 -8.14 -0.84 5.14
N TRP A 98 -7.17 -1.46 5.81
CA TRP A 98 -5.93 -0.75 6.16
C TRP A 98 -5.00 -0.45 4.96
N TYR A 99 -4.60 0.81 4.87
CA TYR A 99 -3.70 1.30 3.84
C TYR A 99 -2.25 1.32 4.33
N ILE A 100 -1.43 0.47 3.74
CA ILE A 100 0.01 0.49 3.98
C ILE A 100 0.67 1.30 2.86
N LYS A 101 1.93 1.69 3.02
CA LYS A 101 2.62 2.52 2.04
C LYS A 101 4.06 2.08 1.86
N ALA A 102 4.70 2.52 0.79
CA ALA A 102 6.09 2.17 0.52
C ALA A 102 6.78 3.21 -0.36
N ASP A 103 8.11 3.28 -0.26
CA ASP A 103 8.91 4.14 -1.11
C ASP A 103 9.02 3.56 -2.53
N ASP A 104 8.80 2.24 -2.63
CA ASP A 104 8.82 1.54 -3.92
C ASP A 104 8.32 0.08 -3.78
N ILE A 105 7.94 -0.52 -4.91
CA ILE A 105 7.44 -1.91 -4.94
C ILE A 105 8.21 -2.74 -5.98
N VAL A 106 8.81 -3.84 -5.55
CA VAL A 106 9.57 -4.73 -6.45
C VAL A 106 9.12 -6.19 -6.30
N LEU A 107 9.74 -7.09 -7.04
CA LEU A 107 9.43 -8.53 -6.93
C LEU A 107 10.12 -9.14 -5.70
N THR A 108 9.44 -10.10 -5.05
CA THR A 108 9.98 -10.75 -3.85
C THR A 108 11.27 -11.52 -4.17
N LEU A 109 12.36 -11.13 -3.54
CA LEU A 109 13.67 -11.74 -3.78
C LEU A 109 13.83 -13.05 -3.02
N GLU A 110 13.09 -14.08 -3.44
CA GLU A 110 13.19 -15.42 -2.87
C GLU A 110 13.51 -16.46 -3.97
N MET A 1 -3.28 -14.19 23.16
CA MET A 1 -2.52 -15.17 22.33
C MET A 1 -3.32 -16.47 22.13
N MET A 2 -3.78 -16.71 20.90
CA MET A 2 -4.49 -17.94 20.56
C MET A 2 -3.53 -19.15 20.48
N ARG A 3 -3.82 -20.19 21.26
CA ARG A 3 -3.00 -21.41 21.26
C ARG A 3 -3.58 -22.45 20.29
N LEU A 4 -2.85 -22.74 19.21
CA LEU A 4 -3.31 -23.68 18.18
C LEU A 4 -3.06 -25.15 18.59
N ALA A 5 -3.39 -26.07 17.69
CA ALA A 5 -3.25 -27.51 17.98
C ALA A 5 -1.78 -27.95 18.11
N ASN A 6 -1.59 -29.24 18.42
CA ASN A 6 -0.25 -29.81 18.59
C ASN A 6 0.47 -29.99 17.24
N GLY A 7 1.77 -30.30 17.30
CA GLY A 7 2.55 -30.54 16.11
C GLY A 7 3.02 -29.26 15.41
N ILE A 8 2.07 -28.44 14.99
CA ILE A 8 2.38 -27.18 14.30
C ILE A 8 2.97 -26.12 15.25
N VAL A 9 3.72 -25.18 14.69
CA VAL A 9 4.33 -24.09 15.47
C VAL A 9 3.32 -22.96 15.72
N LEU A 10 3.31 -22.45 16.95
CA LEU A 10 2.40 -21.35 17.32
C LEU A 10 2.90 -20.01 16.74
N ASP A 11 2.00 -19.03 16.66
CA ASP A 11 2.32 -17.73 16.06
C ASP A 11 3.43 -17.00 16.83
N LYS A 12 4.60 -16.90 16.20
CA LYS A 12 5.78 -16.27 16.80
C LYS A 12 6.47 -15.33 15.81
N ASP A 13 6.36 -14.02 16.06
CA ASP A 13 6.97 -12.98 15.20
C ASP A 13 6.47 -13.07 13.74
N THR A 14 5.50 -12.22 13.40
CA THR A 14 4.94 -12.19 12.04
C THR A 14 5.49 -11.01 11.23
N THR A 15 6.34 -11.32 10.25
CA THR A 15 6.90 -10.31 9.34
C THR A 15 6.28 -10.43 7.93
N PHE A 16 6.37 -9.37 7.13
CA PHE A 16 5.81 -9.37 5.78
C PHE A 16 6.75 -10.07 4.79
N GLY A 17 6.38 -11.28 4.37
CA GLY A 17 7.20 -12.06 3.44
C GLY A 17 6.89 -11.80 1.99
N GLU A 18 6.12 -12.69 1.36
CA GLU A 18 5.76 -12.57 -0.06
C GLU A 18 4.32 -12.07 -0.24
N LEU A 19 4.16 -10.94 -0.92
CA LEU A 19 2.84 -10.39 -1.23
C LEU A 19 2.45 -10.73 -2.67
N LYS A 20 1.15 -10.73 -2.98
CA LYS A 20 0.69 -11.09 -4.32
C LYS A 20 -0.16 -9.97 -4.95
N PHE A 21 0.36 -9.37 -6.03
CA PHE A 21 -0.30 -8.23 -6.68
C PHE A 21 -1.67 -8.61 -7.28
N SER A 22 -2.70 -7.79 -7.01
CA SER A 22 -4.04 -8.04 -7.56
C SER A 22 -4.43 -7.02 -8.65
N ALA A 23 -4.56 -5.76 -8.26
CA ALA A 23 -4.96 -4.70 -9.21
C ALA A 23 -4.59 -3.29 -8.70
N LEU A 24 -4.79 -2.29 -9.54
CA LEU A 24 -4.61 -0.88 -9.15
C LEU A 24 -5.92 -0.32 -8.57
N ARG A 25 -5.90 0.06 -7.29
CA ARG A 25 -7.09 0.57 -6.61
C ARG A 25 -7.47 1.97 -7.08
N ARG A 26 -6.58 2.93 -6.86
CA ARG A 26 -6.86 4.33 -7.16
C ARG A 26 -5.60 5.20 -7.03
N GLU A 27 -5.47 6.18 -7.91
CA GLU A 27 -4.44 7.20 -7.78
C GLU A 27 -5.07 8.51 -7.29
N VAL A 28 -4.88 8.82 -6.02
CA VAL A 28 -5.45 10.05 -5.45
C VAL A 28 -4.77 11.30 -6.05
N ARG A 29 -5.47 11.94 -7.00
CA ARG A 29 -4.89 13.04 -7.77
C ARG A 29 -5.27 14.42 -7.25
N ILE A 30 -4.46 15.42 -7.59
CA ILE A 30 -4.63 16.78 -7.10
C ILE A 30 -5.89 17.45 -7.67
N GLN A 31 -6.90 17.65 -6.82
CA GLN A 31 -8.10 18.38 -7.22
C GLN A 31 -7.92 19.89 -7.01
N ASN A 32 -8.11 20.67 -8.07
CA ASN A 32 -7.95 22.12 -8.01
C ASN A 32 -9.04 22.79 -7.17
N GLU A 33 -8.73 23.96 -6.63
CA GLU A 33 -9.75 24.81 -5.98
C GLU A 33 -10.86 25.19 -6.99
N ASP A 34 -10.51 25.14 -8.27
CA ASP A 34 -11.47 25.28 -9.36
C ASP A 34 -12.58 24.20 -9.29
N GLY A 35 -12.23 23.05 -8.71
CA GLY A 35 -13.17 21.93 -8.60
C GLY A 35 -12.75 20.74 -9.46
N SER A 36 -12.18 21.01 -10.62
CA SER A 36 -11.72 19.97 -11.53
C SER A 36 -10.47 19.26 -11.00
N VAL A 37 -10.31 17.99 -11.36
CA VAL A 37 -9.17 17.19 -10.92
C VAL A 37 -8.01 17.25 -11.94
N SER A 38 -6.78 17.22 -11.45
CA SER A 38 -5.60 17.27 -12.33
C SER A 38 -4.98 15.89 -12.54
N ASP A 39 -4.14 15.77 -13.56
CA ASP A 39 -3.43 14.52 -13.86
C ASP A 39 -2.24 14.32 -12.90
N GLU A 40 -1.81 15.41 -12.25
CA GLU A 40 -0.77 15.34 -11.23
C GLU A 40 -1.32 14.64 -9.97
N ILE A 41 -0.57 13.69 -9.45
CA ILE A 41 -1.07 12.79 -8.41
C ILE A 41 -0.41 13.06 -7.04
N LYS A 42 -1.16 12.86 -5.96
CA LYS A 42 -0.57 12.87 -4.61
C LYS A 42 0.22 11.57 -4.40
N GLU A 43 -0.50 10.44 -4.47
CA GLU A 43 0.09 9.09 -4.32
C GLU A 43 -0.80 8.05 -5.04
N ARG A 44 -0.29 6.84 -5.23
CA ARG A 44 -1.04 5.78 -5.93
C ARG A 44 -1.21 4.52 -5.06
N THR A 45 -2.45 4.00 -5.04
CA THR A 45 -2.81 2.86 -4.17
C THR A 45 -3.02 1.55 -4.97
N TYR A 46 -2.30 0.50 -4.59
CA TYR A 46 -2.43 -0.83 -5.21
C TYR A 46 -3.08 -1.83 -4.23
N ASP A 47 -3.73 -2.84 -4.78
CA ASP A 47 -4.33 -3.92 -3.98
C ASP A 47 -3.40 -5.15 -3.92
N LEU A 48 -2.90 -5.46 -2.73
CA LEU A 48 -2.00 -6.61 -2.54
C LEU A 48 -2.64 -7.70 -1.67
N LYS A 49 -2.56 -8.94 -2.14
CA LYS A 49 -3.09 -10.10 -1.42
C LYS A 49 -2.01 -10.76 -0.55
N SER A 50 -2.42 -11.38 0.56
CA SER A 50 -1.47 -12.05 1.46
C SER A 50 -1.71 -13.57 1.51
N LYS A 51 -0.68 -14.34 1.13
CA LYS A 51 -0.76 -15.80 1.15
C LYS A 51 -0.69 -16.34 2.59
N GLY A 52 -1.73 -17.08 3.01
CA GLY A 52 -1.75 -17.67 4.34
C GLY A 52 -3.00 -17.33 5.14
N GLN A 53 -2.88 -16.40 6.09
CA GLN A 53 -3.97 -16.05 7.01
C GLN A 53 -5.19 -15.43 6.28
N GLY A 54 -5.02 -15.07 5.01
CA GLY A 54 -6.15 -14.56 4.23
C GLY A 54 -6.45 -13.08 4.44
N ARG A 55 -5.50 -12.34 5.02
CA ARG A 55 -5.65 -10.88 5.17
C ARG A 55 -5.34 -10.16 3.85
N MET A 56 -5.79 -8.91 3.75
CA MET A 56 -5.52 -8.07 2.58
C MET A 56 -4.95 -6.71 3.01
N ILE A 57 -4.09 -6.14 2.17
CA ILE A 57 -3.49 -4.82 2.46
C ILE A 57 -3.51 -3.92 1.21
N GLN A 58 -3.89 -2.66 1.40
CA GLN A 58 -3.82 -1.67 0.31
C GLN A 58 -2.55 -0.83 0.42
N VAL A 59 -1.58 -1.10 -0.46
CA VAL A 59 -0.27 -0.45 -0.39
C VAL A 59 -0.20 0.78 -1.30
N SER A 60 0.25 1.90 -0.74
CA SER A 60 0.31 3.16 -1.49
C SER A 60 1.76 3.68 -1.60
N ILE A 61 2.11 4.23 -2.75
CA ILE A 61 3.45 4.80 -2.97
C ILE A 61 3.36 6.21 -3.57
N PRO A 62 4.35 7.09 -3.29
CA PRO A 62 4.36 8.46 -3.82
C PRO A 62 4.27 8.51 -5.36
N ALA A 63 3.60 9.55 -5.88
CA ALA A 63 3.37 9.70 -7.32
C ALA A 63 4.68 9.69 -8.13
N SER A 64 5.77 10.14 -7.51
CA SER A 64 7.09 10.17 -8.17
C SER A 64 7.57 8.76 -8.55
N VAL A 65 7.11 7.74 -7.83
CA VAL A 65 7.49 6.35 -8.12
C VAL A 65 6.69 5.80 -9.32
N PRO A 66 7.38 5.29 -10.36
CA PRO A 66 6.73 4.83 -11.62
C PRO A 66 5.78 3.62 -11.44
N LEU A 67 4.91 3.42 -12.42
CA LEU A 67 3.92 2.34 -12.40
C LEU A 67 4.61 0.96 -12.52
N LYS A 68 4.15 -0.01 -11.73
CA LYS A 68 4.80 -1.33 -11.65
C LYS A 68 4.40 -2.28 -12.79
N GLU A 69 3.09 -2.42 -13.05
CA GLU A 69 2.59 -3.27 -14.14
C GLU A 69 2.92 -4.77 -13.95
N PHE A 70 3.18 -5.17 -12.71
CA PHE A 70 3.50 -6.56 -12.39
C PHE A 70 2.31 -7.50 -12.67
N ASP A 71 2.59 -8.79 -12.83
CA ASP A 71 1.56 -9.78 -13.16
C ASP A 71 0.57 -10.01 -12.00
N TYR A 72 -0.64 -10.45 -12.35
CA TYR A 72 -1.64 -10.82 -11.36
C TYR A 72 -1.20 -12.05 -10.54
N ASN A 73 -1.36 -11.97 -9.22
CA ASN A 73 -0.93 -13.04 -8.30
C ASN A 73 0.60 -13.26 -8.32
N ALA A 74 1.36 -12.27 -8.81
CA ALA A 74 2.82 -12.37 -8.85
C ALA A 74 3.47 -12.02 -7.50
N ARG A 75 4.66 -12.57 -7.26
CA ARG A 75 5.41 -12.31 -6.03
C ARG A 75 5.97 -10.88 -5.98
N VAL A 76 5.33 -10.02 -5.19
CA VAL A 76 5.79 -8.65 -4.99
C VAL A 76 6.11 -8.36 -3.52
N GLU A 77 7.01 -7.42 -3.27
CA GLU A 77 7.36 -7.02 -1.90
C GLU A 77 7.68 -5.52 -1.83
N LEU A 78 7.87 -5.02 -0.61
CA LEU A 78 8.07 -3.59 -0.38
C LEU A 78 9.49 -3.28 0.09
N ILE A 79 10.11 -2.28 -0.53
CA ILE A 79 11.46 -1.83 -0.17
C ILE A 79 11.48 -1.23 1.26
N ASN A 80 10.70 -0.18 1.48
CA ASN A 80 10.53 0.41 2.82
C ASN A 80 9.05 0.60 3.17
N PRO A 81 8.40 -0.44 3.73
CA PRO A 81 6.98 -0.39 4.12
C PRO A 81 6.70 0.27 5.49
N ILE A 82 5.63 1.06 5.57
CA ILE A 82 5.15 1.63 6.86
C ILE A 82 3.62 1.51 6.97
N ALA A 83 3.13 1.38 8.21
CA ALA A 83 1.69 1.27 8.44
C ALA A 83 1.06 2.65 8.67
N ASP A 84 0.14 3.06 7.79
CA ASP A 84 -0.42 4.41 7.82
C ASP A 84 -1.88 4.46 8.27
N THR A 85 -2.19 5.49 9.06
CA THR A 85 -3.57 5.83 9.42
C THR A 85 -3.81 7.33 9.17
N VAL A 86 -2.96 7.92 8.32
CA VAL A 86 -2.95 9.37 8.06
C VAL A 86 -4.12 9.83 7.16
N ALA A 87 -5.07 8.95 6.89
CA ALA A 87 -6.25 9.30 6.08
C ALA A 87 -7.29 10.07 6.93
N THR A 88 -6.84 11.15 7.56
CA THR A 88 -7.68 11.93 8.47
C THR A 88 -8.62 12.89 7.73
N ALA A 89 -8.32 13.16 6.46
CA ALA A 89 -9.13 14.07 5.65
C ALA A 89 -10.25 13.33 4.91
N THR A 90 -11.42 13.29 5.54
CA THR A 90 -12.65 12.73 4.95
C THR A 90 -12.71 11.19 5.02
N TYR A 91 -11.56 10.52 5.01
CA TYR A 91 -11.51 9.05 4.97
C TYR A 91 -11.73 8.40 6.35
N GLN A 92 -12.31 9.14 7.30
CA GLN A 92 -12.62 8.59 8.63
C GLN A 92 -13.46 7.30 8.53
N GLY A 93 -13.13 6.30 9.33
CA GLY A 93 -13.86 5.04 9.33
C GLY A 93 -13.11 3.91 8.65
N ALA A 94 -11.96 3.54 9.21
CA ALA A 94 -11.13 2.47 8.64
C ALA A 94 -10.84 1.37 9.67
N ASP A 95 -11.84 0.53 9.93
CA ASP A 95 -11.73 -0.56 10.90
C ASP A 95 -11.13 -1.83 10.25
N VAL A 96 -9.89 -2.16 10.63
CA VAL A 96 -9.16 -3.32 10.07
C VAL A 96 -8.70 -3.08 8.62
N ASP A 97 -9.64 -2.68 7.76
CA ASP A 97 -9.32 -2.31 6.37
C ASP A 97 -8.31 -1.14 6.36
N TRP A 98 -7.05 -1.45 6.05
CA TRP A 98 -5.94 -0.50 6.27
C TRP A 98 -4.99 -0.35 5.07
N TYR A 99 -4.17 0.70 5.12
CA TYR A 99 -3.22 1.02 4.05
C TYR A 99 -1.77 0.95 4.55
N ILE A 100 -0.87 0.58 3.65
CA ILE A 100 0.57 0.52 3.94
C ILE A 100 1.37 1.28 2.87
N LYS A 101 2.03 2.38 3.25
CA LYS A 101 2.80 3.16 2.29
C LYS A 101 4.26 2.67 2.21
N ALA A 102 4.77 2.56 0.99
CA ALA A 102 6.12 2.03 0.77
C ALA A 102 6.99 3.00 -0.04
N ASP A 103 8.29 2.90 0.16
CA ASP A 103 9.26 3.66 -0.65
C ASP A 103 9.22 3.23 -2.12
N ASP A 104 9.09 1.92 -2.33
CA ASP A 104 9.01 1.34 -3.69
C ASP A 104 8.51 -0.11 -3.64
N ILE A 105 7.98 -0.59 -4.77
CA ILE A 105 7.44 -1.95 -4.89
C ILE A 105 8.21 -2.77 -5.95
N VAL A 106 8.77 -3.91 -5.55
CA VAL A 106 9.56 -4.76 -6.47
C VAL A 106 9.07 -6.22 -6.44
N LEU A 107 9.71 -7.08 -7.23
CA LEU A 107 9.37 -8.51 -7.26
C LEU A 107 10.22 -9.32 -6.26
N THR A 108 9.58 -10.24 -5.57
CA THR A 108 10.25 -11.08 -4.55
C THR A 108 11.11 -12.17 -5.21
N LEU A 109 12.15 -12.60 -4.48
CA LEU A 109 13.05 -13.68 -4.94
C LEU A 109 13.85 -13.28 -6.20
N GLU A 110 14.19 -12.00 -6.31
CA GLU A 110 15.07 -11.51 -7.40
C GLU A 110 16.56 -11.75 -7.05
#